data_2FMA
# 
_entry.id   2FMA 
# 
_audit_conform.dict_name       mmcif_pdbx.dic 
_audit_conform.dict_version    5.397 
_audit_conform.dict_location   http://mmcif.pdb.org/dictionaries/ascii/mmcif_pdbx.dic 
# 
loop_
_database_2.database_id 
_database_2.database_code 
_database_2.pdbx_database_accession 
_database_2.pdbx_DOI 
PDB   2FMA         pdb_00002fma 10.2210/pdb2fma/pdb 
RCSB  RCSB036047   ?            ?                   
WWPDB D_1000036047 ?            ?                   
# 
loop_
_pdbx_audit_revision_history.ordinal 
_pdbx_audit_revision_history.data_content_type 
_pdbx_audit_revision_history.major_revision 
_pdbx_audit_revision_history.minor_revision 
_pdbx_audit_revision_history.revision_date 
1 'Structure model' 1 0 2007-01-16 
2 'Structure model' 1 1 2008-05-01 
3 'Structure model' 1 2 2011-07-13 
4 'Structure model' 1 3 2023-10-25 
5 'Structure model' 1 4 2024-10-09 
# 
_pdbx_audit_revision_details.ordinal             1 
_pdbx_audit_revision_details.revision_ordinal    1 
_pdbx_audit_revision_details.data_content_type   'Structure model' 
_pdbx_audit_revision_details.provider            repository 
_pdbx_audit_revision_details.type                'Initial release' 
_pdbx_audit_revision_details.description         ? 
_pdbx_audit_revision_details.details             ? 
# 
loop_
_pdbx_audit_revision_group.ordinal 
_pdbx_audit_revision_group.revision_ordinal 
_pdbx_audit_revision_group.data_content_type 
_pdbx_audit_revision_group.group 
1 2 'Structure model' 'Version format compliance' 
2 3 'Structure model' 'Non-polymer description'   
3 3 'Structure model' 'Version format compliance' 
4 4 'Structure model' 'Data collection'           
5 4 'Structure model' 'Database references'       
6 4 'Structure model' 'Derived calculations'      
7 4 'Structure model' 'Refinement description'    
8 5 'Structure model' 'Structure summary'         
# 
loop_
_pdbx_audit_revision_category.ordinal 
_pdbx_audit_revision_category.revision_ordinal 
_pdbx_audit_revision_category.data_content_type 
_pdbx_audit_revision_category.category 
1 4 'Structure model' chem_comp_atom                
2 4 'Structure model' chem_comp_bond                
3 4 'Structure model' database_2                    
4 4 'Structure model' pdbx_initial_refinement_model 
5 4 'Structure model' struct_ref_seq_dif            
6 4 'Structure model' struct_site                   
7 5 'Structure model' pdbx_entry_details            
8 5 'Structure model' pdbx_modification_feature     
# 
loop_
_pdbx_audit_revision_item.ordinal 
_pdbx_audit_revision_item.revision_ordinal 
_pdbx_audit_revision_item.data_content_type 
_pdbx_audit_revision_item.item 
1 4 'Structure model' '_database_2.pdbx_DOI'                
2 4 'Structure model' '_database_2.pdbx_database_accession' 
3 4 'Structure model' '_struct_ref_seq_dif.details'         
4 4 'Structure model' '_struct_site.pdbx_auth_asym_id'      
5 4 'Structure model' '_struct_site.pdbx_auth_comp_id'      
6 4 'Structure model' '_struct_site.pdbx_auth_seq_id'       
# 
_pdbx_database_status.status_code                     REL 
_pdbx_database_status.entry_id                        2FMA 
_pdbx_database_status.recvd_initial_deposition_date   2006-01-08 
_pdbx_database_status.deposit_site                    RCSB 
_pdbx_database_status.process_site                    PDBJ 
_pdbx_database_status.status_code_sf                  REL 
_pdbx_database_status.status_code_mr                  ? 
_pdbx_database_status.SG_entry                        ? 
_pdbx_database_status.pdb_format_compatible           Y 
_pdbx_database_status.status_code_cs                  ? 
_pdbx_database_status.status_code_nmr_data            ? 
_pdbx_database_status.methods_development_category    ? 
# 
loop_
_pdbx_database_related.db_name 
_pdbx_database_related.db_id 
_pdbx_database_related.details 
_pdbx_database_related.content_type 
PDB 1OWT . unspecified 
PDB 2FJZ . unspecified 
PDB 2FK1 . unspecified 
PDB 2FK2 . unspecified 
PDB 2FK3 . unspecified 
PDB 2FKL . unspecified 
# 
_audit_author.name           'Kong, G.K.-W.' 
_audit_author.pdbx_ordinal   1 
# 
_citation.id                        primary 
_citation.title                     
;Structure of Alzheimer's disease amyloid precursor protein copper-binding domain at atomic resolution.
;
_citation.journal_abbrev            'Acta Crystallogr.,Sect.F' 
_citation.journal_volume            63 
_citation.page_first                819 
_citation.page_last                 824 
_citation.year                      2007 
_citation.journal_id_ASTM           ? 
_citation.country                   DK 
_citation.journal_id_ISSN           1744-3091 
_citation.journal_id_CSD            ? 
_citation.book_publisher            ? 
_citation.pdbx_database_id_PubMed   17909280 
_citation.pdbx_database_id_DOI      10.1107/S1744309107041139 
# 
loop_
_citation_author.citation_id 
_citation_author.name 
_citation_author.ordinal 
_citation_author.identifier_ORCID 
primary 'Kong, G.K.'   1 ? 
primary 'Adams, J.J.'  2 ? 
primary 'Cappai, R.'   3 ? 
primary 'Parker, M.W.' 4 ? 
# 
loop_
_entity.id 
_entity.type 
_entity.src_method 
_entity.pdbx_description 
_entity.formula_weight 
_entity.pdbx_number_of_molecules 
_entity.pdbx_ec 
_entity.pdbx_mutation 
_entity.pdbx_fragment 
_entity.details 
1 polymer     man 'Amyloid beta A4 protein precursor' 6848.926 1   ? ? 'Copper Binding Domain(residues 133-189)' ? 
2 non-polymer syn GLYCEROL                            92.094   1   ? ? ?                                         ? 
3 water       nat water                               18.015   115 ? ? ?                                         ? 
# 
_entity_name_com.entity_id   1 
_entity_name_com.name        'Amyloid Precursor Protein, Amyloid beta A4 protein, Soluble APP-alpha, Soluble APP-beta' 
# 
_entity_poly.entity_id                      1 
_entity_poly.type                           'polypeptide(L)' 
_entity_poly.nstd_linkage                   no 
_entity_poly.nstd_monomer                   no 
_entity_poly.pdbx_seq_one_letter_code       EACKFLHQERMDVCETHLHWHTVAKETCSEKSTNLHDYGMLLPCGIDKFRGVEFVCCPL 
_entity_poly.pdbx_seq_one_letter_code_can   EACKFLHQERMDVCETHLHWHTVAKETCSEKSTNLHDYGMLLPCGIDKFRGVEFVCCPL 
_entity_poly.pdbx_strand_id                 A 
_entity_poly.pdbx_target_identifier         ? 
# 
loop_
_pdbx_entity_nonpoly.entity_id 
_pdbx_entity_nonpoly.name 
_pdbx_entity_nonpoly.comp_id 
2 GLYCEROL GOL 
3 water    HOH 
# 
loop_
_entity_poly_seq.entity_id 
_entity_poly_seq.num 
_entity_poly_seq.mon_id 
_entity_poly_seq.hetero 
1 1  GLU n 
1 2  ALA n 
1 3  CYS n 
1 4  LYS n 
1 5  PHE n 
1 6  LEU n 
1 7  HIS n 
1 8  GLN n 
1 9  GLU n 
1 10 ARG n 
1 11 MET n 
1 12 ASP n 
1 13 VAL n 
1 14 CYS n 
1 15 GLU n 
1 16 THR n 
1 17 HIS n 
1 18 LEU n 
1 19 HIS n 
1 20 TRP n 
1 21 HIS n 
1 22 THR n 
1 23 VAL n 
1 24 ALA n 
1 25 LYS n 
1 26 GLU n 
1 27 THR n 
1 28 CYS n 
1 29 SER n 
1 30 GLU n 
1 31 LYS n 
1 32 SER n 
1 33 THR n 
1 34 ASN n 
1 35 LEU n 
1 36 HIS n 
1 37 ASP n 
1 38 TYR n 
1 39 GLY n 
1 40 MET n 
1 41 LEU n 
1 42 LEU n 
1 43 PRO n 
1 44 CYS n 
1 45 GLY n 
1 46 ILE n 
1 47 ASP n 
1 48 LYS n 
1 49 PHE n 
1 50 ARG n 
1 51 GLY n 
1 52 VAL n 
1 53 GLU n 
1 54 PHE n 
1 55 VAL n 
1 56 CYS n 
1 57 CYS n 
1 58 PRO n 
1 59 LEU n 
# 
_entity_src_gen.entity_id                          1 
_entity_src_gen.pdbx_src_id                        1 
_entity_src_gen.pdbx_alt_source_flag               sample 
_entity_src_gen.pdbx_seq_type                      ? 
_entity_src_gen.pdbx_beg_seq_num                   ? 
_entity_src_gen.pdbx_end_seq_num                   ? 
_entity_src_gen.gene_src_common_name               human 
_entity_src_gen.gene_src_genus                     Homo 
_entity_src_gen.pdbx_gene_src_gene                 ? 
_entity_src_gen.gene_src_species                   ? 
_entity_src_gen.gene_src_strain                    ? 
_entity_src_gen.gene_src_tissue                    ? 
_entity_src_gen.gene_src_tissue_fraction           ? 
_entity_src_gen.gene_src_details                   ? 
_entity_src_gen.pdbx_gene_src_fragment             ? 
_entity_src_gen.pdbx_gene_src_scientific_name      'Homo sapiens' 
_entity_src_gen.pdbx_gene_src_ncbi_taxonomy_id     9606 
_entity_src_gen.pdbx_gene_src_variant              ? 
_entity_src_gen.pdbx_gene_src_cell_line            ? 
_entity_src_gen.pdbx_gene_src_atcc                 ? 
_entity_src_gen.pdbx_gene_src_organ                ? 
_entity_src_gen.pdbx_gene_src_organelle            ? 
_entity_src_gen.pdbx_gene_src_cell                 ? 
_entity_src_gen.pdbx_gene_src_cellular_location    ? 
_entity_src_gen.host_org_common_name               ? 
_entity_src_gen.pdbx_host_org_scientific_name      'Pichia pastoris' 
_entity_src_gen.pdbx_host_org_ncbi_taxonomy_id     4922 
_entity_src_gen.host_org_genus                     Pichia 
_entity_src_gen.pdbx_host_org_gene                 ? 
_entity_src_gen.pdbx_host_org_organ                ? 
_entity_src_gen.host_org_species                   ? 
_entity_src_gen.pdbx_host_org_tissue               ? 
_entity_src_gen.pdbx_host_org_tissue_fraction      ? 
_entity_src_gen.pdbx_host_org_strain               GS115 
_entity_src_gen.pdbx_host_org_variant              ? 
_entity_src_gen.pdbx_host_org_cell_line            ? 
_entity_src_gen.pdbx_host_org_atcc                 ? 
_entity_src_gen.pdbx_host_org_culture_collection   ? 
_entity_src_gen.pdbx_host_org_cell                 ? 
_entity_src_gen.pdbx_host_org_organelle            ? 
_entity_src_gen.pdbx_host_org_cellular_location    ? 
_entity_src_gen.pdbx_host_org_vector_type          plasmid 
_entity_src_gen.pdbx_host_org_vector               ? 
_entity_src_gen.host_org_details                   ? 
_entity_src_gen.expression_system_id               ? 
_entity_src_gen.plasmid_name                       pPIC-9 
_entity_src_gen.plasmid_details                    ? 
_entity_src_gen.pdbx_description                   ? 
# 
loop_
_chem_comp.id 
_chem_comp.type 
_chem_comp.mon_nstd_flag 
_chem_comp.name 
_chem_comp.pdbx_synonyms 
_chem_comp.formula 
_chem_comp.formula_weight 
ALA 'L-peptide linking' y ALANINE         ?                               'C3 H7 N O2'     89.093  
ARG 'L-peptide linking' y ARGININE        ?                               'C6 H15 N4 O2 1' 175.209 
ASN 'L-peptide linking' y ASPARAGINE      ?                               'C4 H8 N2 O3'    132.118 
ASP 'L-peptide linking' y 'ASPARTIC ACID' ?                               'C4 H7 N O4'     133.103 
CYS 'L-peptide linking' y CYSTEINE        ?                               'C3 H7 N O2 S'   121.158 
GLN 'L-peptide linking' y GLUTAMINE       ?                               'C5 H10 N2 O3'   146.144 
GLU 'L-peptide linking' y 'GLUTAMIC ACID' ?                               'C5 H9 N O4'     147.129 
GLY 'peptide linking'   y GLYCINE         ?                               'C2 H5 N O2'     75.067  
GOL non-polymer         . GLYCEROL        'GLYCERIN; PROPANE-1,2,3-TRIOL' 'C3 H8 O3'       92.094  
HIS 'L-peptide linking' y HISTIDINE       ?                               'C6 H10 N3 O2 1' 156.162 
HOH non-polymer         . WATER           ?                               'H2 O'           18.015  
ILE 'L-peptide linking' y ISOLEUCINE      ?                               'C6 H13 N O2'    131.173 
LEU 'L-peptide linking' y LEUCINE         ?                               'C6 H13 N O2'    131.173 
LYS 'L-peptide linking' y LYSINE          ?                               'C6 H15 N2 O2 1' 147.195 
MET 'L-peptide linking' y METHIONINE      ?                               'C5 H11 N O2 S'  149.211 
PHE 'L-peptide linking' y PHENYLALANINE   ?                               'C9 H11 N O2'    165.189 
PRO 'L-peptide linking' y PROLINE         ?                               'C5 H9 N O2'     115.130 
SER 'L-peptide linking' y SERINE          ?                               'C3 H7 N O3'     105.093 
THR 'L-peptide linking' y THREONINE       ?                               'C4 H9 N O3'     119.119 
TRP 'L-peptide linking' y TRYPTOPHAN      ?                               'C11 H12 N2 O2'  204.225 
TYR 'L-peptide linking' y TYROSINE        ?                               'C9 H11 N O3'    181.189 
VAL 'L-peptide linking' y VALINE          ?                               'C5 H11 N O2'    117.146 
# 
loop_
_pdbx_poly_seq_scheme.asym_id 
_pdbx_poly_seq_scheme.entity_id 
_pdbx_poly_seq_scheme.seq_id 
_pdbx_poly_seq_scheme.mon_id 
_pdbx_poly_seq_scheme.ndb_seq_num 
_pdbx_poly_seq_scheme.pdb_seq_num 
_pdbx_poly_seq_scheme.auth_seq_num 
_pdbx_poly_seq_scheme.pdb_mon_id 
_pdbx_poly_seq_scheme.auth_mon_id 
_pdbx_poly_seq_scheme.pdb_strand_id 
_pdbx_poly_seq_scheme.pdb_ins_code 
_pdbx_poly_seq_scheme.hetero 
A 1 1  GLU 1  131 131 GLU GLU A . n 
A 1 2  ALA 2  132 132 ALA ALA A . n 
A 1 3  CYS 3  133 133 CYS CYS A . n 
A 1 4  LYS 4  134 134 LYS LYS A . n 
A 1 5  PHE 5  135 135 PHE PHE A . n 
A 1 6  LEU 6  136 136 LEU LEU A . n 
A 1 7  HIS 7  137 137 HIS HIS A . n 
A 1 8  GLN 8  138 138 GLN GLN A . n 
A 1 9  GLU 9  139 139 GLU GLU A . n 
A 1 10 ARG 10 140 140 ARG ARG A . n 
A 1 11 MET 11 141 141 MET MET A . n 
A 1 12 ASP 12 142 142 ASP ASP A . n 
A 1 13 VAL 13 143 143 VAL VAL A . n 
A 1 14 CYS 14 144 144 CYS CYS A . n 
A 1 15 GLU 15 145 145 GLU GLU A . n 
A 1 16 THR 16 146 146 THR THR A . n 
A 1 17 HIS 17 147 147 HIS HIS A . n 
A 1 18 LEU 18 148 148 LEU LEU A . n 
A 1 19 HIS 19 149 149 HIS HIS A . n 
A 1 20 TRP 20 150 150 TRP TRP A . n 
A 1 21 HIS 21 151 151 HIS HIS A . n 
A 1 22 THR 22 152 152 THR THR A . n 
A 1 23 VAL 23 153 153 VAL VAL A . n 
A 1 24 ALA 24 154 154 ALA ALA A . n 
A 1 25 LYS 25 155 155 LYS LYS A . n 
A 1 26 GLU 26 156 156 GLU GLU A . n 
A 1 27 THR 27 157 157 THR THR A . n 
A 1 28 CYS 28 158 158 CYS CYS A . n 
A 1 29 SER 29 159 159 SER SER A . n 
A 1 30 GLU 30 160 160 GLU GLU A . n 
A 1 31 LYS 31 161 161 LYS LYS A . n 
A 1 32 SER 32 162 162 SER SER A . n 
A 1 33 THR 33 163 163 THR THR A . n 
A 1 34 ASN 34 164 164 ASN ASN A . n 
A 1 35 LEU 35 165 165 LEU LEU A . n 
A 1 36 HIS 36 166 166 HIS HIS A . n 
A 1 37 ASP 37 167 167 ASP ASP A . n 
A 1 38 TYR 38 168 168 TYR TYR A . n 
A 1 39 GLY 39 169 169 GLY GLY A . n 
A 1 40 MET 40 170 170 MET MET A . n 
A 1 41 LEU 41 171 171 LEU LEU A . n 
A 1 42 LEU 42 172 172 LEU LEU A . n 
A 1 43 PRO 43 173 173 PRO PRO A . n 
A 1 44 CYS 44 174 174 CYS CYS A . n 
A 1 45 GLY 45 175 175 GLY GLY A . n 
A 1 46 ILE 46 176 176 ILE ILE A . n 
A 1 47 ASP 47 177 177 ASP ASP A . n 
A 1 48 LYS 48 178 178 LYS LYS A . n 
A 1 49 PHE 49 179 179 PHE PHE A . n 
A 1 50 ARG 50 180 180 ARG ARG A . n 
A 1 51 GLY 51 181 181 GLY GLY A . n 
A 1 52 VAL 52 182 182 VAL VAL A . n 
A 1 53 GLU 53 183 183 GLU GLU A . n 
A 1 54 PHE 54 184 184 PHE PHE A . n 
A 1 55 VAL 55 185 185 VAL VAL A . n 
A 1 56 CYS 56 186 186 CYS CYS A . n 
A 1 57 CYS 57 187 187 CYS CYS A . n 
A 1 58 PRO 58 188 188 PRO PRO A . n 
A 1 59 LEU 59 189 189 LEU LEU A . n 
# 
loop_
_pdbx_nonpoly_scheme.asym_id 
_pdbx_nonpoly_scheme.entity_id 
_pdbx_nonpoly_scheme.mon_id 
_pdbx_nonpoly_scheme.ndb_seq_num 
_pdbx_nonpoly_scheme.pdb_seq_num 
_pdbx_nonpoly_scheme.auth_seq_num 
_pdbx_nonpoly_scheme.pdb_mon_id 
_pdbx_nonpoly_scheme.auth_mon_id 
_pdbx_nonpoly_scheme.pdb_strand_id 
_pdbx_nonpoly_scheme.pdb_ins_code 
B 2 GOL 1   1001 1001 GOL GOL A . 
C 3 HOH 1   2001 2001 HOH HOH A . 
C 3 HOH 2   2002 2002 HOH HOH A . 
C 3 HOH 3   2003 2003 HOH HOH A . 
C 3 HOH 4   2004 2004 HOH HOH A . 
C 3 HOH 5   2005 2005 HOH HOH A . 
C 3 HOH 6   2006 2006 HOH HOH A . 
C 3 HOH 7   2007 2007 HOH HOH A . 
C 3 HOH 8   2008 2008 HOH HOH A . 
C 3 HOH 9   2009 2009 HOH HOH A . 
C 3 HOH 10  2010 2010 HOH HOH A . 
C 3 HOH 11  2011 2011 HOH HOH A . 
C 3 HOH 12  2012 2012 HOH HOH A . 
C 3 HOH 13  2013 2013 HOH HOH A . 
C 3 HOH 14  2014 2014 HOH HOH A . 
C 3 HOH 15  2015 2015 HOH HOH A . 
C 3 HOH 16  2016 2016 HOH HOH A . 
C 3 HOH 17  2017 2017 HOH HOH A . 
C 3 HOH 18  2018 2018 HOH HOH A . 
C 3 HOH 19  2019 2019 HOH HOH A . 
C 3 HOH 20  2020 2020 HOH HOH A . 
C 3 HOH 21  2021 2021 HOH HOH A . 
C 3 HOH 22  2022 2022 HOH HOH A . 
C 3 HOH 23  2023 2023 HOH HOH A . 
C 3 HOH 24  2024 2024 HOH HOH A . 
C 3 HOH 25  2025 2025 HOH HOH A . 
C 3 HOH 26  2026 2026 HOH HOH A . 
C 3 HOH 27  2027 2027 HOH HOH A . 
C 3 HOH 28  2028 2028 HOH HOH A . 
C 3 HOH 29  2029 2029 HOH HOH A . 
C 3 HOH 30  2030 2030 HOH HOH A . 
C 3 HOH 31  2031 2031 HOH HOH A . 
C 3 HOH 32  2032 2032 HOH HOH A . 
C 3 HOH 33  2033 2033 HOH HOH A . 
C 3 HOH 34  2034 2034 HOH HOH A . 
C 3 HOH 35  2035 2035 HOH HOH A . 
C 3 HOH 36  2036 2036 HOH HOH A . 
C 3 HOH 37  2037 2037 HOH HOH A . 
C 3 HOH 38  2038 2038 HOH HOH A . 
C 3 HOH 39  2039 2039 HOH HOH A . 
C 3 HOH 40  2040 2040 HOH HOH A . 
C 3 HOH 41  2041 2041 HOH HOH A . 
C 3 HOH 42  2042 2042 HOH HOH A . 
C 3 HOH 43  2043 2043 HOH HOH A . 
C 3 HOH 44  2044 2044 HOH HOH A . 
C 3 HOH 45  2045 2045 HOH HOH A . 
C 3 HOH 46  2046 2046 HOH HOH A . 
C 3 HOH 47  2047 2047 HOH HOH A . 
C 3 HOH 48  2048 2048 HOH HOH A . 
C 3 HOH 49  2049 2049 HOH HOH A . 
C 3 HOH 50  2050 2050 HOH HOH A . 
C 3 HOH 51  2051 2051 HOH HOH A . 
C 3 HOH 52  2052 2052 HOH HOH A . 
C 3 HOH 53  2053 2053 HOH HOH A . 
C 3 HOH 54  2054 2054 HOH HOH A . 
C 3 HOH 55  2055 2055 HOH HOH A . 
C 3 HOH 56  2056 2056 HOH HOH A . 
C 3 HOH 57  2057 2057 HOH HOH A . 
C 3 HOH 58  2058 2058 HOH HOH A . 
C 3 HOH 59  2059 2059 HOH HOH A . 
C 3 HOH 60  2060 2060 HOH HOH A . 
C 3 HOH 61  2061 2061 HOH HOH A . 
C 3 HOH 62  2062 2062 HOH HOH A . 
C 3 HOH 63  2063 2063 HOH HOH A . 
C 3 HOH 64  2064 2064 HOH HOH A . 
C 3 HOH 65  2065 2065 HOH HOH A . 
C 3 HOH 66  2066 2066 HOH HOH A . 
C 3 HOH 67  2067 2067 HOH HOH A . 
C 3 HOH 68  2068 2068 HOH HOH A . 
C 3 HOH 69  2069 2069 HOH HOH A . 
C 3 HOH 70  2070 2070 HOH HOH A . 
C 3 HOH 71  2071 2071 HOH HOH A . 
C 3 HOH 72  2072 2072 HOH HOH A . 
C 3 HOH 73  2073 2073 HOH HOH A . 
C 3 HOH 74  2074 2074 HOH HOH A . 
C 3 HOH 75  2075 2075 HOH HOH A . 
C 3 HOH 76  2076 2076 HOH HOH A . 
C 3 HOH 77  2077 2077 HOH HOH A . 
C 3 HOH 78  2078 2078 HOH HOH A . 
C 3 HOH 79  2079 2079 HOH HOH A . 
C 3 HOH 80  2080 2080 HOH HOH A . 
C 3 HOH 81  2081 2081 HOH HOH A . 
C 3 HOH 82  2082 2082 HOH HOH A . 
C 3 HOH 83  2083 2083 HOH HOH A . 
C 3 HOH 84  2084 2084 HOH HOH A . 
C 3 HOH 85  2085 2085 HOH HOH A . 
C 3 HOH 86  2086 2086 HOH HOH A . 
C 3 HOH 87  2087 2087 HOH HOH A . 
C 3 HOH 88  2088 2088 HOH HOH A . 
C 3 HOH 89  2089 2089 HOH HOH A . 
C 3 HOH 90  2090 2090 HOH HOH A . 
C 3 HOH 91  2091 2091 HOH HOH A . 
C 3 HOH 92  2092 2092 HOH HOH A . 
C 3 HOH 93  2093 2093 HOH HOH A . 
C 3 HOH 94  2094 2094 HOH HOH A . 
C 3 HOH 95  2095 2095 HOH HOH A . 
C 3 HOH 96  2096 2096 HOH HOH A . 
C 3 HOH 97  2097 2097 HOH HOH A . 
C 3 HOH 98  2098 2098 HOH HOH A . 
C 3 HOH 99  2099 2099 HOH HOH A . 
C 3 HOH 100 2100 2100 HOH HOH A . 
C 3 HOH 101 2101 2101 HOH HOH A . 
C 3 HOH 102 2102 2102 HOH HOH A . 
C 3 HOH 103 2103 2103 HOH HOH A . 
C 3 HOH 104 2104 2104 HOH HOH A . 
C 3 HOH 105 2105 2105 HOH HOH A . 
C 3 HOH 106 2106 2106 HOH HOH A . 
C 3 HOH 107 2107 2107 HOH HOH A . 
C 3 HOH 108 2108 2108 HOH HOH A . 
C 3 HOH 109 2109 2109 HOH HOH A . 
C 3 HOH 110 2110 2110 HOH HOH A . 
C 3 HOH 111 2111 2111 HOH HOH A . 
C 3 HOH 112 2112 2112 HOH HOH A . 
C 3 HOH 113 2113 2113 HOH HOH A . 
C 3 HOH 114 2114 2114 HOH HOH A . 
C 3 HOH 115 2115 2115 HOH HOH A . 
# 
loop_
_software.name 
_software.classification 
_software.version 
_software.citation_id 
_software.pdbx_ordinal 
SHELX     'model building' . ? 1 
SHELXL-97 refinement       . ? 2 
DENZO     'data reduction' . ? 3 
SCALEPACK 'data scaling'   . ? 4 
SHELX     phasing          . ? 5 
# 
_cell.entry_id           2FMA 
_cell.length_a           31.289 
_cell.length_b           32.488 
_cell.length_c           50.088 
_cell.angle_alpha        90.00 
_cell.angle_beta         90.00 
_cell.angle_gamma        90.00 
_cell.Z_PDB              4 
_cell.pdbx_unique_axis   ? 
_cell.length_a_esd       ? 
_cell.length_b_esd       ? 
_cell.length_c_esd       ? 
_cell.angle_alpha_esd    ? 
_cell.angle_beta_esd     ? 
_cell.angle_gamma_esd    ? 
# 
_symmetry.entry_id                         2FMA 
_symmetry.space_group_name_H-M             'P 21 21 21' 
_symmetry.pdbx_full_space_group_name_H-M   ? 
_symmetry.cell_setting                     ? 
_symmetry.Int_Tables_number                19 
_symmetry.space_group_name_Hall            ? 
# 
_exptl.entry_id          2FMA 
_exptl.method            'X-RAY DIFFRACTION' 
_exptl.crystals_number   1 
# 
_exptl_crystal.id                    1 
_exptl_crystal.density_meas          ? 
_exptl_crystal.density_Matthews      1.86 
_exptl_crystal.density_percent_sol   33.80 
_exptl_crystal.description           ? 
_exptl_crystal.F_000                 ? 
_exptl_crystal.preparation           ? 
# 
_exptl_crystal_grow.crystal_id      1 
_exptl_crystal_grow.method          'VAPOR DIFFUSION, HANGING DROP' 
_exptl_crystal_grow.temp            295 
_exptl_crystal_grow.temp_details    ? 
_exptl_crystal_grow.pH              8.0 
_exptl_crystal_grow.pdbx_details    '0.1M HEPES pH 8.0, 28-32% (w/v) PEG 10000, VAPOR DIFFUSION, HANGING DROP, temperature 295K' 
_exptl_crystal_grow.pdbx_pH_range   . 
# 
_diffrn.id                     1 
_diffrn.ambient_temp           100 
_diffrn.ambient_temp_details   ? 
_diffrn.crystal_id             1 
# 
_diffrn_detector.diffrn_id              1 
_diffrn_detector.detector               CCD 
_diffrn_detector.type                   'ADSC QUANTUM 4' 
_diffrn_detector.pdbx_collection_date   2004-07-20 
_diffrn_detector.details                'Bent conical Si-mirror (Rh coated)' 
# 
_diffrn_radiation.diffrn_id                        1 
_diffrn_radiation.wavelength_id                    1 
_diffrn_radiation.pdbx_monochromatic_or_laue_m_l   M 
_diffrn_radiation.monochromator                    'Bent Ge(111) monochromator' 
_diffrn_radiation.pdbx_diffrn_protocol             'SINGLE WAVELENGTH' 
_diffrn_radiation.pdbx_scattering_type             x-ray 
# 
_diffrn_radiation_wavelength.id           1 
_diffrn_radiation_wavelength.wavelength   0.9 
_diffrn_radiation_wavelength.wt           1.0 
# 
_diffrn_source.diffrn_id                   1 
_diffrn_source.source                      SYNCHROTRON 
_diffrn_source.type                        'APS BEAMLINE 14-BM-C' 
_diffrn_source.pdbx_synchrotron_site       APS 
_diffrn_source.pdbx_synchrotron_beamline   14-BM-C 
_diffrn_source.pdbx_wavelength             ? 
_diffrn_source.pdbx_wavelength_list        0.9 
# 
_reflns.entry_id                     2FMA 
_reflns.observed_criterion_sigma_I   1.0 
_reflns.observed_criterion_sigma_F   ? 
_reflns.d_resolution_low             20 
_reflns.d_resolution_high            0.85 
_reflns.number_obs                   41418 
_reflns.number_all                   45770 
_reflns.percent_possible_obs         90.5 
_reflns.pdbx_Rmerge_I_obs            ? 
_reflns.pdbx_Rsym_value              ? 
_reflns.pdbx_netI_over_sigmaI        ? 
_reflns.B_iso_Wilson_estimate        ? 
_reflns.pdbx_redundancy              ? 
_reflns.R_free_details               ? 
_reflns.limit_h_max                  ? 
_reflns.limit_h_min                  ? 
_reflns.limit_k_max                  ? 
_reflns.limit_k_min                  ? 
_reflns.limit_l_max                  ? 
_reflns.limit_l_min                  ? 
_reflns.observed_criterion_F_max     ? 
_reflns.observed_criterion_F_min     ? 
_reflns.pdbx_chi_squared             ? 
_reflns.pdbx_scaling_rejects         ? 
_reflns.pdbx_ordinal                 1 
_reflns.pdbx_diffrn_id               1 
# 
_reflns_shell.d_res_high             0.85 
_reflns_shell.d_res_low              0.87 
_reflns_shell.percent_possible_all   43.8 
_reflns_shell.Rmerge_I_obs           ? 
_reflns_shell.pdbx_Rsym_value        0.37 
_reflns_shell.meanI_over_sigI_obs    1.7 
_reflns_shell.pdbx_redundancy        1.5 
_reflns_shell.percent_possible_obs   ? 
_reflns_shell.number_unique_all      ? 
_reflns_shell.number_measured_all    ? 
_reflns_shell.number_measured_obs    ? 
_reflns_shell.number_unique_obs      ? 
_reflns_shell.pdbx_chi_squared       ? 
_reflns_shell.pdbx_ordinal           1 
_reflns_shell.pdbx_diffrn_id         1 
# 
_refine.entry_id                                 2FMA 
_refine.ls_number_reflns_obs                     39246 
_refine.ls_number_reflns_all                     41418 
_refine.pdbx_ls_sigma_I                          ? 
_refine.pdbx_ls_sigma_F                          0.0 
_refine.pdbx_data_cutoff_high_absF               ? 
_refine.pdbx_data_cutoff_low_absF                ? 
_refine.pdbx_data_cutoff_high_rms_absF           ? 
_refine.ls_d_res_low                             13.85 
_refine.ls_d_res_high                            0.85 
_refine.ls_percent_reflns_obs                    86.0 
_refine.ls_R_factor_obs                          0.1305 
_refine.ls_R_factor_all                          0.1305 
_refine.ls_R_factor_R_work                       0.1305 
_refine.ls_R_factor_R_free                       0.1497 
_refine.ls_R_factor_R_free_error                 ? 
_refine.ls_R_factor_R_free_error_details         ? 
_refine.ls_percent_reflns_R_free                 ? 
_refine.ls_number_reflns_R_free                  2107 
_refine.ls_number_parameters                     5469 
_refine.ls_number_restraints                     5492 
_refine.occupancy_min                            ? 
_refine.occupancy_max                            ? 
_refine.correlation_coeff_Fo_to_Fc               ? 
_refine.correlation_coeff_Fo_to_Fc_free          ? 
_refine.B_iso_mean                               ? 
_refine.aniso_B[1][1]                            ? 
_refine.aniso_B[2][2]                            ? 
_refine.aniso_B[3][3]                            ? 
_refine.aniso_B[1][2]                            ? 
_refine.aniso_B[1][3]                            ? 
_refine.aniso_B[2][3]                            ? 
_refine.solvent_model_details                    ? 
_refine.solvent_model_param_ksol                 ? 
_refine.solvent_model_param_bsol                 ? 
_refine.pdbx_solvent_vdw_probe_radii             ? 
_refine.pdbx_solvent_ion_probe_radii             ? 
_refine.pdbx_solvent_shrinkage_radii             ? 
_refine.pdbx_ls_cross_valid_method               'FREE R' 
_refine.details                                  ? 
_refine.pdbx_starting_model                      'PDB Entry 2FJZ' 
_refine.pdbx_method_to_determine_struct          'Rigid body refinement' 
_refine.pdbx_isotropic_thermal_model             ? 
_refine.pdbx_stereochemistry_target_values       'ENGH & HUBER' 
_refine.pdbx_stereochem_target_val_spec_case     ? 
_refine.pdbx_R_Free_selection_details            RANDOM 
_refine.pdbx_overall_ESU_R                       ? 
_refine.pdbx_overall_ESU_R_Free                  ? 
_refine.overall_SU_ML                            ? 
_refine.overall_SU_B                             ? 
_refine.ls_redundancy_reflns_obs                 ? 
_refine.B_iso_min                                ? 
_refine.B_iso_max                                ? 
_refine.overall_SU_R_Cruickshank_DPI             ? 
_refine.overall_SU_R_free                        ? 
_refine.ls_wR_factor_R_free                      ? 
_refine.ls_wR_factor_R_work                      ? 
_refine.overall_FOM_free_R_set                   ? 
_refine.overall_FOM_work_R_set                   ? 
_refine.pdbx_refine_id                           'X-RAY DIFFRACTION' 
_refine.pdbx_diffrn_id                           1 
_refine.pdbx_TLS_residual_ADP_flag               ? 
_refine.pdbx_overall_phase_error                 ? 
_refine.pdbx_overall_SU_R_free_Cruickshank_DPI   ? 
_refine.pdbx_overall_SU_R_Blow_DPI               ? 
_refine.pdbx_overall_SU_R_free_Blow_DPI          ? 
# 
_refine_analyze.entry_id                        2FMA 
_refine_analyze.Luzzati_coordinate_error_obs    ? 
_refine_analyze.Luzzati_sigma_a_obs             ? 
_refine_analyze.Luzzati_d_res_low_obs           ? 
_refine_analyze.Luzzati_coordinate_error_free   ? 
_refine_analyze.Luzzati_sigma_a_free            ? 
_refine_analyze.Luzzati_d_res_low_free          ? 
_refine_analyze.number_disordered_residues      2 
_refine_analyze.occupancy_sum_hydrogen          449.00 
_refine_analyze.occupancy_sum_non_hydrogen      596.00 
_refine_analyze.pdbx_Luzzati_d_res_high_obs     ? 
_refine_analyze.pdbx_refine_id                  'X-RAY DIFFRACTION' 
# 
_refine_hist.pdbx_refine_id                   'X-RAY DIFFRACTION' 
_refine_hist.cycle_id                         LAST 
_refine_hist.pdbx_number_atoms_protein        475 
_refine_hist.pdbx_number_atoms_nucleic_acid   0 
_refine_hist.pdbx_number_atoms_ligand         6 
_refine_hist.number_atoms_solvent             115 
_refine_hist.number_atoms_total               596 
_refine_hist.d_res_high                       0.85 
_refine_hist.d_res_low                        13.85 
# 
loop_
_refine_ls_restr.type 
_refine_ls_restr.dev_ideal 
_refine_ls_restr.dev_ideal_target 
_refine_ls_restr.weight 
_refine_ls_restr.number 
_refine_ls_restr.pdbx_refine_id 
_refine_ls_restr.pdbx_restraint_function 
s_bond_d               0.026  ? ? ? 'X-RAY DIFFRACTION' ? 
s_angle_d              0.036  ? ? ? 'X-RAY DIFFRACTION' ? 
s_similar_dist         0.000  ? ? ? 'X-RAY DIFFRACTION' ? 
s_from_restr_planes    0.0312 ? ? ? 'X-RAY DIFFRACTION' ? 
s_zero_chiral_vol      0.105  ? ? ? 'X-RAY DIFFRACTION' ? 
s_non_zero_chiral_vol  0.105  ? ? ? 'X-RAY DIFFRACTION' ? 
s_anti_bump_dis_restr  0.113  ? ? ? 'X-RAY DIFFRACTION' ? 
s_rigid_bond_adp_cmpnt 0.006  ? ? ? 'X-RAY DIFFRACTION' ? 
s_similar_adp_cmpnt    0.027  ? ? ? 'X-RAY DIFFRACTION' ? 
s_approx_iso_adps      0.094  ? ? ? 'X-RAY DIFFRACTION' ? 
# 
_refine_ls_shell.pdbx_total_number_of_bins_used   ? 
_refine_ls_shell.d_res_high                       0.85 
_refine_ls_shell.d_res_low                        0.90 
_refine_ls_shell.number_reflns_R_work             ? 
_refine_ls_shell.R_factor_R_work                  ? 
_refine_ls_shell.percent_reflns_obs               ? 
_refine_ls_shell.R_factor_R_free                  ? 
_refine_ls_shell.R_factor_R_free_error            ? 
_refine_ls_shell.percent_reflns_R_free            ? 
_refine_ls_shell.number_reflns_R_free             ? 
_refine_ls_shell.number_reflns_all                ? 
_refine_ls_shell.R_factor_all                     ? 
_refine_ls_shell.number_reflns_obs                3948 
_refine_ls_shell.redundancy_reflns_obs            ? 
_refine_ls_shell.pdbx_refine_id                   'X-RAY DIFFRACTION' 
# 
_pdbx_refine.entry_id                                    2FMA 
_pdbx_refine.R_factor_all_no_cutoff                      0.1305 
_pdbx_refine.R_factor_obs_no_cutoff                      ? 
_pdbx_refine.free_R_factor_no_cutoff                     ? 
_pdbx_refine.free_R_val_test_set_size_perc_no_cutoff     ? 
_pdbx_refine.free_R_val_test_set_ct_no_cutoff            ? 
_pdbx_refine.R_factor_all_4sig_cutoff                    0.1241 
_pdbx_refine.R_factor_obs_4sig_cutoff                    ? 
_pdbx_refine.free_R_factor_4sig_cutoff                   ? 
_pdbx_refine.free_R_val_test_set_size_perc_4sig_cutoff   ? 
_pdbx_refine.free_R_val_test_set_ct_4sig_cutoff          ? 
_pdbx_refine.number_reflns_obs_4sig_cutoff               31537 
_pdbx_refine.pdbx_refine_id                              'X-RAY DIFFRACTION' 
_pdbx_refine.free_R_error_no_cutoff                      ? 
# 
_struct.entry_id                  2FMA 
_struct.title                     
;Structure of the Alzheimer's Amyloid Precursor Protein (APP) Copper Binding Domain in 'small unit cell' form, atomic resolution
;
_struct.pdbx_model_details        ? 
_struct.pdbx_CASP_flag            ? 
_struct.pdbx_model_type_details   ? 
# 
_struct_keywords.entry_id        2FMA 
_struct_keywords.pdbx_keywords   'METAL BINDING PROTEIN' 
_struct_keywords.text            'Alpha-Beta Two-layered Sandwich, METAL BINDING PROTEIN' 
# 
loop_
_struct_asym.id 
_struct_asym.pdbx_blank_PDB_chainid_flag 
_struct_asym.pdbx_modified 
_struct_asym.entity_id 
_struct_asym.details 
A N N 1 ? 
B N N 2 ? 
C N N 3 ? 
# 
_struct_ref.id                         1 
_struct_ref.db_name                    UNP 
_struct_ref.db_code                    A4_HUMAN 
_struct_ref.pdbx_db_accession          P05067 
_struct_ref.entity_id                  1 
_struct_ref.pdbx_seq_one_letter_code   CKFLHQERMDVCETHLHWHTVAKETCSEKSTNLHDYGMLLPCGIDKFRGVEFVCCPL 
_struct_ref.pdbx_align_begin           133 
_struct_ref.pdbx_db_isoform            ? 
# 
_struct_ref_seq.align_id                      1 
_struct_ref_seq.ref_id                        1 
_struct_ref_seq.pdbx_PDB_id_code              2FMA 
_struct_ref_seq.pdbx_strand_id                A 
_struct_ref_seq.seq_align_beg                 3 
_struct_ref_seq.pdbx_seq_align_beg_ins_code   ? 
_struct_ref_seq.seq_align_end                 59 
_struct_ref_seq.pdbx_seq_align_end_ins_code   ? 
_struct_ref_seq.pdbx_db_accession             P05067 
_struct_ref_seq.db_align_beg                  133 
_struct_ref_seq.pdbx_db_align_beg_ins_code    ? 
_struct_ref_seq.db_align_end                  189 
_struct_ref_seq.pdbx_db_align_end_ins_code    ? 
_struct_ref_seq.pdbx_auth_seq_align_beg       133 
_struct_ref_seq.pdbx_auth_seq_align_end       189 
# 
loop_
_struct_ref_seq_dif.align_id 
_struct_ref_seq_dif.pdbx_pdb_id_code 
_struct_ref_seq_dif.mon_id 
_struct_ref_seq_dif.pdbx_pdb_strand_id 
_struct_ref_seq_dif.seq_num 
_struct_ref_seq_dif.pdbx_pdb_ins_code 
_struct_ref_seq_dif.pdbx_seq_db_name 
_struct_ref_seq_dif.pdbx_seq_db_accession_code 
_struct_ref_seq_dif.db_mon_id 
_struct_ref_seq_dif.pdbx_seq_db_seq_num 
_struct_ref_seq_dif.details 
_struct_ref_seq_dif.pdbx_auth_seq_num 
_struct_ref_seq_dif.pdbx_ordinal 
1 2FMA GLU A 1 ? UNP P05067 ? ? 'cloning artifact' 131 1 
1 2FMA ALA A 2 ? UNP P05067 ? ? 'cloning artifact' 132 2 
# 
_pdbx_struct_assembly.id                   1 
_pdbx_struct_assembly.details              author_defined_assembly 
_pdbx_struct_assembly.method_details       ? 
_pdbx_struct_assembly.oligomeric_details   monomeric 
_pdbx_struct_assembly.oligomeric_count     1 
# 
_pdbx_struct_assembly_gen.assembly_id       1 
_pdbx_struct_assembly_gen.oper_expression   1 
_pdbx_struct_assembly_gen.asym_id_list      A,B,C 
# 
_pdbx_struct_oper_list.id                   1 
_pdbx_struct_oper_list.type                 'identity operation' 
_pdbx_struct_oper_list.name                 1_555 
_pdbx_struct_oper_list.symmetry_operation   x,y,z 
_pdbx_struct_oper_list.matrix[1][1]         1.0000000000 
_pdbx_struct_oper_list.matrix[1][2]         0.0000000000 
_pdbx_struct_oper_list.matrix[1][3]         0.0000000000 
_pdbx_struct_oper_list.vector[1]            0.0000000000 
_pdbx_struct_oper_list.matrix[2][1]         0.0000000000 
_pdbx_struct_oper_list.matrix[2][2]         1.0000000000 
_pdbx_struct_oper_list.matrix[2][3]         0.0000000000 
_pdbx_struct_oper_list.vector[2]            0.0000000000 
_pdbx_struct_oper_list.matrix[3][1]         0.0000000000 
_pdbx_struct_oper_list.matrix[3][2]         0.0000000000 
_pdbx_struct_oper_list.matrix[3][3]         1.0000000000 
_pdbx_struct_oper_list.vector[3]            0.0000000000 
# 
_struct_biol.id   1 
# 
_struct_conf.conf_type_id            HELX_P 
_struct_conf.id                      HELX_P1 
_struct_conf.pdbx_PDB_helix_id       1 
_struct_conf.beg_label_comp_id       THR 
_struct_conf.beg_label_asym_id       A 
_struct_conf.beg_label_seq_id        16 
_struct_conf.pdbx_beg_PDB_ins_code   ? 
_struct_conf.end_label_comp_id       LYS 
_struct_conf.end_label_asym_id       A 
_struct_conf.end_label_seq_id        31 
_struct_conf.pdbx_end_PDB_ins_code   ? 
_struct_conf.beg_auth_comp_id        THR 
_struct_conf.beg_auth_asym_id        A 
_struct_conf.beg_auth_seq_id         146 
_struct_conf.end_auth_comp_id        LYS 
_struct_conf.end_auth_asym_id        A 
_struct_conf.end_auth_seq_id         161 
_struct_conf.pdbx_PDB_helix_class    1 
_struct_conf.details                 ? 
_struct_conf.pdbx_PDB_helix_length   16 
# 
_struct_conf_type.id          HELX_P 
_struct_conf_type.criteria    ? 
_struct_conf_type.reference   ? 
# 
loop_
_struct_conn.id 
_struct_conn.conn_type_id 
_struct_conn.pdbx_leaving_atom_flag 
_struct_conn.pdbx_PDB_id 
_struct_conn.ptnr1_label_asym_id 
_struct_conn.ptnr1_label_comp_id 
_struct_conn.ptnr1_label_seq_id 
_struct_conn.ptnr1_label_atom_id 
_struct_conn.pdbx_ptnr1_label_alt_id 
_struct_conn.pdbx_ptnr1_PDB_ins_code 
_struct_conn.pdbx_ptnr1_standard_comp_id 
_struct_conn.ptnr1_symmetry 
_struct_conn.ptnr2_label_asym_id 
_struct_conn.ptnr2_label_comp_id 
_struct_conn.ptnr2_label_seq_id 
_struct_conn.ptnr2_label_atom_id 
_struct_conn.pdbx_ptnr2_label_alt_id 
_struct_conn.pdbx_ptnr2_PDB_ins_code 
_struct_conn.ptnr1_auth_asym_id 
_struct_conn.ptnr1_auth_comp_id 
_struct_conn.ptnr1_auth_seq_id 
_struct_conn.ptnr2_auth_asym_id 
_struct_conn.ptnr2_auth_comp_id 
_struct_conn.ptnr2_auth_seq_id 
_struct_conn.ptnr2_symmetry 
_struct_conn.pdbx_ptnr3_label_atom_id 
_struct_conn.pdbx_ptnr3_label_seq_id 
_struct_conn.pdbx_ptnr3_label_comp_id 
_struct_conn.pdbx_ptnr3_label_asym_id 
_struct_conn.pdbx_ptnr3_label_alt_id 
_struct_conn.pdbx_ptnr3_PDB_ins_code 
_struct_conn.details 
_struct_conn.pdbx_dist_value 
_struct_conn.pdbx_value_order 
_struct_conn.pdbx_role 
disulf1 disulf ? ? A CYS 3  SG ? ? ? 1_555 A CYS 57 SG ? ? A CYS 133 A CYS 187 1_555 ? ? ? ? ? ? ? 2.068 ? ? 
disulf2 disulf ? ? A CYS 14 SG ? ? ? 1_555 A CYS 44 SG ? ? A CYS 144 A CYS 174 1_555 ? ? ? ? ? ? ? 2.025 ? ? 
disulf3 disulf ? ? A CYS 28 SG ? ? ? 1_555 A CYS 56 SG ? ? A CYS 158 A CYS 186 1_555 ? ? ? ? ? ? ? 2.032 ? ? 
# 
_struct_conn_type.id          disulf 
_struct_conn_type.criteria    ? 
_struct_conn_type.reference   ? 
# 
loop_
_pdbx_modification_feature.ordinal 
_pdbx_modification_feature.label_comp_id 
_pdbx_modification_feature.label_asym_id 
_pdbx_modification_feature.label_seq_id 
_pdbx_modification_feature.label_alt_id 
_pdbx_modification_feature.modified_residue_label_comp_id 
_pdbx_modification_feature.modified_residue_label_asym_id 
_pdbx_modification_feature.modified_residue_label_seq_id 
_pdbx_modification_feature.modified_residue_label_alt_id 
_pdbx_modification_feature.auth_comp_id 
_pdbx_modification_feature.auth_asym_id 
_pdbx_modification_feature.auth_seq_id 
_pdbx_modification_feature.PDB_ins_code 
_pdbx_modification_feature.symmetry 
_pdbx_modification_feature.modified_residue_auth_comp_id 
_pdbx_modification_feature.modified_residue_auth_asym_id 
_pdbx_modification_feature.modified_residue_auth_seq_id 
_pdbx_modification_feature.modified_residue_PDB_ins_code 
_pdbx_modification_feature.modified_residue_symmetry 
_pdbx_modification_feature.comp_id_linking_atom 
_pdbx_modification_feature.modified_residue_id_linking_atom 
_pdbx_modification_feature.modified_residue_id 
_pdbx_modification_feature.ref_pcm_id 
_pdbx_modification_feature.ref_comp_id 
_pdbx_modification_feature.type 
_pdbx_modification_feature.category 
1 CYS A 3  ? CYS A 57 ? CYS A 133 ? 1_555 CYS A 187 ? 1_555 SG SG . . . None 'Disulfide bridge' 
2 CYS A 14 ? CYS A 44 ? CYS A 144 ? 1_555 CYS A 174 ? 1_555 SG SG . . . None 'Disulfide bridge' 
3 CYS A 28 ? CYS A 56 ? CYS A 158 ? 1_555 CYS A 186 ? 1_555 SG SG . . . None 'Disulfide bridge' 
# 
_struct_sheet.id               A 
_struct_sheet.type             ? 
_struct_sheet.number_strands   3 
_struct_sheet.details          ? 
# 
loop_
_struct_sheet_order.sheet_id 
_struct_sheet_order.range_id_1 
_struct_sheet_order.range_id_2 
_struct_sheet_order.offset 
_struct_sheet_order.sense 
A 1 2 ? anti-parallel 
A 2 3 ? anti-parallel 
# 
loop_
_struct_sheet_range.sheet_id 
_struct_sheet_range.id 
_struct_sheet_range.beg_label_comp_id 
_struct_sheet_range.beg_label_asym_id 
_struct_sheet_range.beg_label_seq_id 
_struct_sheet_range.pdbx_beg_PDB_ins_code 
_struct_sheet_range.end_label_comp_id 
_struct_sheet_range.end_label_asym_id 
_struct_sheet_range.end_label_seq_id 
_struct_sheet_range.pdbx_end_PDB_ins_code 
_struct_sheet_range.beg_auth_comp_id 
_struct_sheet_range.beg_auth_asym_id 
_struct_sheet_range.beg_auth_seq_id 
_struct_sheet_range.end_auth_comp_id 
_struct_sheet_range.end_auth_asym_id 
_struct_sheet_range.end_auth_seq_id 
A 1 LYS A 4  ? GLU A 9  ? LYS A 134 GLU A 139 
A 2 LYS A 48 ? PRO A 58 ? LYS A 178 PRO A 188 
A 3 THR A 33 ? CYS A 44 ? THR A 163 CYS A 174 
# 
loop_
_pdbx_struct_sheet_hbond.sheet_id 
_pdbx_struct_sheet_hbond.range_id_1 
_pdbx_struct_sheet_hbond.range_id_2 
_pdbx_struct_sheet_hbond.range_1_label_atom_id 
_pdbx_struct_sheet_hbond.range_1_label_comp_id 
_pdbx_struct_sheet_hbond.range_1_label_asym_id 
_pdbx_struct_sheet_hbond.range_1_label_seq_id 
_pdbx_struct_sheet_hbond.range_1_PDB_ins_code 
_pdbx_struct_sheet_hbond.range_1_auth_atom_id 
_pdbx_struct_sheet_hbond.range_1_auth_comp_id 
_pdbx_struct_sheet_hbond.range_1_auth_asym_id 
_pdbx_struct_sheet_hbond.range_1_auth_seq_id 
_pdbx_struct_sheet_hbond.range_2_label_atom_id 
_pdbx_struct_sheet_hbond.range_2_label_comp_id 
_pdbx_struct_sheet_hbond.range_2_label_asym_id 
_pdbx_struct_sheet_hbond.range_2_label_seq_id 
_pdbx_struct_sheet_hbond.range_2_PDB_ins_code 
_pdbx_struct_sheet_hbond.range_2_auth_atom_id 
_pdbx_struct_sheet_hbond.range_2_auth_comp_id 
_pdbx_struct_sheet_hbond.range_2_auth_asym_id 
_pdbx_struct_sheet_hbond.range_2_auth_seq_id 
A 1 2 N GLN A 8  ? N GLN A 138 O VAL A 52 ? O VAL A 182 
A 2 3 O VAL A 55 ? O VAL A 185 N HIS A 36 ? N HIS A 166 
# 
_struct_site.id                   AC1 
_struct_site.pdbx_evidence_code   Software 
_struct_site.pdbx_auth_asym_id    A 
_struct_site.pdbx_auth_comp_id    GOL 
_struct_site.pdbx_auth_seq_id     1001 
_struct_site.pdbx_auth_ins_code   ? 
_struct_site.pdbx_num_residues    9 
_struct_site.details              'BINDING SITE FOR RESIDUE GOL A 1001' 
# 
loop_
_struct_site_gen.id 
_struct_site_gen.site_id 
_struct_site_gen.pdbx_num_res 
_struct_site_gen.label_comp_id 
_struct_site_gen.label_asym_id 
_struct_site_gen.label_seq_id 
_struct_site_gen.pdbx_auth_ins_code 
_struct_site_gen.auth_comp_id 
_struct_site_gen.auth_asym_id 
_struct_site_gen.auth_seq_id 
_struct_site_gen.label_atom_id 
_struct_site_gen.label_alt_id 
_struct_site_gen.symmetry 
_struct_site_gen.details 
1 AC1 9 ALA A 2  ? ALA A 132  . ? 1_565 ? 
2 AC1 9 HIS A 17 ? HIS A 147  . ? 1_555 ? 
3 AC1 9 GLY A 39 ? GLY A 169  . ? 3_655 ? 
4 AC1 9 GLU A 53 ? GLU A 183  . ? 3_655 ? 
5 AC1 9 VAL A 55 ? VAL A 185  . ? 3_655 ? 
6 AC1 9 HOH C .  ? HOH A 2005 . ? 1_555 ? 
7 AC1 9 HOH C .  ? HOH A 2010 . ? 1_565 ? 
8 AC1 9 HOH C .  ? HOH A 2085 . ? 1_555 ? 
9 AC1 9 HOH C .  ? HOH A 2088 . ? 3_655 ? 
# 
_pdbx_entry_details.entry_id                   2FMA 
_pdbx_entry_details.compound_details           ? 
_pdbx_entry_details.source_details             ? 
_pdbx_entry_details.nonpolymer_details         ? 
_pdbx_entry_details.sequence_details           ? 
_pdbx_entry_details.has_ligand_of_interest     ? 
_pdbx_entry_details.has_protein_modification   Y 
# 
loop_
_pdbx_validate_rmsd_bond.id 
_pdbx_validate_rmsd_bond.PDB_model_num 
_pdbx_validate_rmsd_bond.auth_atom_id_1 
_pdbx_validate_rmsd_bond.auth_asym_id_1 
_pdbx_validate_rmsd_bond.auth_comp_id_1 
_pdbx_validate_rmsd_bond.auth_seq_id_1 
_pdbx_validate_rmsd_bond.PDB_ins_code_1 
_pdbx_validate_rmsd_bond.label_alt_id_1 
_pdbx_validate_rmsd_bond.auth_atom_id_2 
_pdbx_validate_rmsd_bond.auth_asym_id_2 
_pdbx_validate_rmsd_bond.auth_comp_id_2 
_pdbx_validate_rmsd_bond.auth_seq_id_2 
_pdbx_validate_rmsd_bond.PDB_ins_code_2 
_pdbx_validate_rmsd_bond.label_alt_id_2 
_pdbx_validate_rmsd_bond.bond_value 
_pdbx_validate_rmsd_bond.bond_target_value 
_pdbx_validate_rmsd_bond.bond_deviation 
_pdbx_validate_rmsd_bond.bond_standard_deviation 
_pdbx_validate_rmsd_bond.linker_flag 
1 1 CD A LYS 155 ? ? CE  A LYS 155 ? ? 1.331 1.508 -0.177 0.025 N 
2 1 CD A GLU 160 ? ? OE2 A GLU 160 ? ? 1.179 1.252 -0.073 0.011 N 
3 1 N  A GLY 175 ? ? CA  A GLY 175 ? ? 1.363 1.456 -0.093 0.015 N 
4 1 CD A GLU 183 ? B OE1 A GLU 183 ? B 1.345 1.252 0.093  0.011 N 
5 1 CD A GLU 183 ? B OE2 A GLU 183 ? B 1.110 1.252 -0.142 0.011 N 
6 1 C  A LEU 189 ? ? OXT A LEU 189 ? ? 1.459 1.229 0.230  0.019 N 
# 
_pdbx_validate_torsion.id              1 
_pdbx_validate_torsion.PDB_model_num   1 
_pdbx_validate_torsion.auth_comp_id    ASP 
_pdbx_validate_torsion.auth_asym_id    A 
_pdbx_validate_torsion.auth_seq_id     177 
_pdbx_validate_torsion.PDB_ins_code    ? 
_pdbx_validate_torsion.label_alt_id    ? 
_pdbx_validate_torsion.phi             -152.99 
_pdbx_validate_torsion.psi             18.52 
# 
loop_
_chem_comp_atom.comp_id 
_chem_comp_atom.atom_id 
_chem_comp_atom.type_symbol 
_chem_comp_atom.pdbx_aromatic_flag 
_chem_comp_atom.pdbx_stereo_config 
_chem_comp_atom.pdbx_ordinal 
ALA N    N N N 1   
ALA CA   C N S 2   
ALA C    C N N 3   
ALA O    O N N 4   
ALA CB   C N N 5   
ALA OXT  O N N 6   
ALA H    H N N 7   
ALA H2   H N N 8   
ALA HA   H N N 9   
ALA HB1  H N N 10  
ALA HB2  H N N 11  
ALA HB3  H N N 12  
ALA HXT  H N N 13  
ARG N    N N N 14  
ARG CA   C N S 15  
ARG C    C N N 16  
ARG O    O N N 17  
ARG CB   C N N 18  
ARG CG   C N N 19  
ARG CD   C N N 20  
ARG NE   N N N 21  
ARG CZ   C N N 22  
ARG NH1  N N N 23  
ARG NH2  N N N 24  
ARG OXT  O N N 25  
ARG H    H N N 26  
ARG H2   H N N 27  
ARG HA   H N N 28  
ARG HB2  H N N 29  
ARG HB3  H N N 30  
ARG HG2  H N N 31  
ARG HG3  H N N 32  
ARG HD2  H N N 33  
ARG HD3  H N N 34  
ARG HE   H N N 35  
ARG HH11 H N N 36  
ARG HH12 H N N 37  
ARG HH21 H N N 38  
ARG HH22 H N N 39  
ARG HXT  H N N 40  
ASN N    N N N 41  
ASN CA   C N S 42  
ASN C    C N N 43  
ASN O    O N N 44  
ASN CB   C N N 45  
ASN CG   C N N 46  
ASN OD1  O N N 47  
ASN ND2  N N N 48  
ASN OXT  O N N 49  
ASN H    H N N 50  
ASN H2   H N N 51  
ASN HA   H N N 52  
ASN HB2  H N N 53  
ASN HB3  H N N 54  
ASN HD21 H N N 55  
ASN HD22 H N N 56  
ASN HXT  H N N 57  
ASP N    N N N 58  
ASP CA   C N S 59  
ASP C    C N N 60  
ASP O    O N N 61  
ASP CB   C N N 62  
ASP CG   C N N 63  
ASP OD1  O N N 64  
ASP OD2  O N N 65  
ASP OXT  O N N 66  
ASP H    H N N 67  
ASP H2   H N N 68  
ASP HA   H N N 69  
ASP HB2  H N N 70  
ASP HB3  H N N 71  
ASP HD2  H N N 72  
ASP HXT  H N N 73  
CYS N    N N N 74  
CYS CA   C N R 75  
CYS C    C N N 76  
CYS O    O N N 77  
CYS CB   C N N 78  
CYS SG   S N N 79  
CYS OXT  O N N 80  
CYS H    H N N 81  
CYS H2   H N N 82  
CYS HA   H N N 83  
CYS HB2  H N N 84  
CYS HB3  H N N 85  
CYS HG   H N N 86  
CYS HXT  H N N 87  
GLN N    N N N 88  
GLN CA   C N S 89  
GLN C    C N N 90  
GLN O    O N N 91  
GLN CB   C N N 92  
GLN CG   C N N 93  
GLN CD   C N N 94  
GLN OE1  O N N 95  
GLN NE2  N N N 96  
GLN OXT  O N N 97  
GLN H    H N N 98  
GLN H2   H N N 99  
GLN HA   H N N 100 
GLN HB2  H N N 101 
GLN HB3  H N N 102 
GLN HG2  H N N 103 
GLN HG3  H N N 104 
GLN HE21 H N N 105 
GLN HE22 H N N 106 
GLN HXT  H N N 107 
GLU N    N N N 108 
GLU CA   C N S 109 
GLU C    C N N 110 
GLU O    O N N 111 
GLU CB   C N N 112 
GLU CG   C N N 113 
GLU CD   C N N 114 
GLU OE1  O N N 115 
GLU OE2  O N N 116 
GLU OXT  O N N 117 
GLU H    H N N 118 
GLU H2   H N N 119 
GLU HA   H N N 120 
GLU HB2  H N N 121 
GLU HB3  H N N 122 
GLU HG2  H N N 123 
GLU HG3  H N N 124 
GLU HE2  H N N 125 
GLU HXT  H N N 126 
GLY N    N N N 127 
GLY CA   C N N 128 
GLY C    C N N 129 
GLY O    O N N 130 
GLY OXT  O N N 131 
GLY H    H N N 132 
GLY H2   H N N 133 
GLY HA2  H N N 134 
GLY HA3  H N N 135 
GLY HXT  H N N 136 
GOL C1   C N N 137 
GOL O1   O N N 138 
GOL C2   C N N 139 
GOL O2   O N N 140 
GOL C3   C N N 141 
GOL O3   O N N 142 
GOL H11  H N N 143 
GOL H12  H N N 144 
GOL HO1  H N N 145 
GOL H2   H N N 146 
GOL HO2  H N N 147 
GOL H31  H N N 148 
GOL H32  H N N 149 
GOL HO3  H N N 150 
HIS N    N N N 151 
HIS CA   C N S 152 
HIS C    C N N 153 
HIS O    O N N 154 
HIS CB   C N N 155 
HIS CG   C Y N 156 
HIS ND1  N Y N 157 
HIS CD2  C Y N 158 
HIS CE1  C Y N 159 
HIS NE2  N Y N 160 
HIS OXT  O N N 161 
HIS H    H N N 162 
HIS H2   H N N 163 
HIS HA   H N N 164 
HIS HB2  H N N 165 
HIS HB3  H N N 166 
HIS HD1  H N N 167 
HIS HD2  H N N 168 
HIS HE1  H N N 169 
HIS HE2  H N N 170 
HIS HXT  H N N 171 
HOH O    O N N 172 
HOH H1   H N N 173 
HOH H2   H N N 174 
ILE N    N N N 175 
ILE CA   C N S 176 
ILE C    C N N 177 
ILE O    O N N 178 
ILE CB   C N S 179 
ILE CG1  C N N 180 
ILE CG2  C N N 181 
ILE CD1  C N N 182 
ILE OXT  O N N 183 
ILE H    H N N 184 
ILE H2   H N N 185 
ILE HA   H N N 186 
ILE HB   H N N 187 
ILE HG12 H N N 188 
ILE HG13 H N N 189 
ILE HG21 H N N 190 
ILE HG22 H N N 191 
ILE HG23 H N N 192 
ILE HD11 H N N 193 
ILE HD12 H N N 194 
ILE HD13 H N N 195 
ILE HXT  H N N 196 
LEU N    N N N 197 
LEU CA   C N S 198 
LEU C    C N N 199 
LEU O    O N N 200 
LEU CB   C N N 201 
LEU CG   C N N 202 
LEU CD1  C N N 203 
LEU CD2  C N N 204 
LEU OXT  O N N 205 
LEU H    H N N 206 
LEU H2   H N N 207 
LEU HA   H N N 208 
LEU HB2  H N N 209 
LEU HB3  H N N 210 
LEU HG   H N N 211 
LEU HD11 H N N 212 
LEU HD12 H N N 213 
LEU HD13 H N N 214 
LEU HD21 H N N 215 
LEU HD22 H N N 216 
LEU HD23 H N N 217 
LEU HXT  H N N 218 
LYS N    N N N 219 
LYS CA   C N S 220 
LYS C    C N N 221 
LYS O    O N N 222 
LYS CB   C N N 223 
LYS CG   C N N 224 
LYS CD   C N N 225 
LYS CE   C N N 226 
LYS NZ   N N N 227 
LYS OXT  O N N 228 
LYS H    H N N 229 
LYS H2   H N N 230 
LYS HA   H N N 231 
LYS HB2  H N N 232 
LYS HB3  H N N 233 
LYS HG2  H N N 234 
LYS HG3  H N N 235 
LYS HD2  H N N 236 
LYS HD3  H N N 237 
LYS HE2  H N N 238 
LYS HE3  H N N 239 
LYS HZ1  H N N 240 
LYS HZ2  H N N 241 
LYS HZ3  H N N 242 
LYS HXT  H N N 243 
MET N    N N N 244 
MET CA   C N S 245 
MET C    C N N 246 
MET O    O N N 247 
MET CB   C N N 248 
MET CG   C N N 249 
MET SD   S N N 250 
MET CE   C N N 251 
MET OXT  O N N 252 
MET H    H N N 253 
MET H2   H N N 254 
MET HA   H N N 255 
MET HB2  H N N 256 
MET HB3  H N N 257 
MET HG2  H N N 258 
MET HG3  H N N 259 
MET HE1  H N N 260 
MET HE2  H N N 261 
MET HE3  H N N 262 
MET HXT  H N N 263 
PHE N    N N N 264 
PHE CA   C N S 265 
PHE C    C N N 266 
PHE O    O N N 267 
PHE CB   C N N 268 
PHE CG   C Y N 269 
PHE CD1  C Y N 270 
PHE CD2  C Y N 271 
PHE CE1  C Y N 272 
PHE CE2  C Y N 273 
PHE CZ   C Y N 274 
PHE OXT  O N N 275 
PHE H    H N N 276 
PHE H2   H N N 277 
PHE HA   H N N 278 
PHE HB2  H N N 279 
PHE HB3  H N N 280 
PHE HD1  H N N 281 
PHE HD2  H N N 282 
PHE HE1  H N N 283 
PHE HE2  H N N 284 
PHE HZ   H N N 285 
PHE HXT  H N N 286 
PRO N    N N N 287 
PRO CA   C N S 288 
PRO C    C N N 289 
PRO O    O N N 290 
PRO CB   C N N 291 
PRO CG   C N N 292 
PRO CD   C N N 293 
PRO OXT  O N N 294 
PRO H    H N N 295 
PRO HA   H N N 296 
PRO HB2  H N N 297 
PRO HB3  H N N 298 
PRO HG2  H N N 299 
PRO HG3  H N N 300 
PRO HD2  H N N 301 
PRO HD3  H N N 302 
PRO HXT  H N N 303 
SER N    N N N 304 
SER CA   C N S 305 
SER C    C N N 306 
SER O    O N N 307 
SER CB   C N N 308 
SER OG   O N N 309 
SER OXT  O N N 310 
SER H    H N N 311 
SER H2   H N N 312 
SER HA   H N N 313 
SER HB2  H N N 314 
SER HB3  H N N 315 
SER HG   H N N 316 
SER HXT  H N N 317 
THR N    N N N 318 
THR CA   C N S 319 
THR C    C N N 320 
THR O    O N N 321 
THR CB   C N R 322 
THR OG1  O N N 323 
THR CG2  C N N 324 
THR OXT  O N N 325 
THR H    H N N 326 
THR H2   H N N 327 
THR HA   H N N 328 
THR HB   H N N 329 
THR HG1  H N N 330 
THR HG21 H N N 331 
THR HG22 H N N 332 
THR HG23 H N N 333 
THR HXT  H N N 334 
TRP N    N N N 335 
TRP CA   C N S 336 
TRP C    C N N 337 
TRP O    O N N 338 
TRP CB   C N N 339 
TRP CG   C Y N 340 
TRP CD1  C Y N 341 
TRP CD2  C Y N 342 
TRP NE1  N Y N 343 
TRP CE2  C Y N 344 
TRP CE3  C Y N 345 
TRP CZ2  C Y N 346 
TRP CZ3  C Y N 347 
TRP CH2  C Y N 348 
TRP OXT  O N N 349 
TRP H    H N N 350 
TRP H2   H N N 351 
TRP HA   H N N 352 
TRP HB2  H N N 353 
TRP HB3  H N N 354 
TRP HD1  H N N 355 
TRP HE1  H N N 356 
TRP HE3  H N N 357 
TRP HZ2  H N N 358 
TRP HZ3  H N N 359 
TRP HH2  H N N 360 
TRP HXT  H N N 361 
TYR N    N N N 362 
TYR CA   C N S 363 
TYR C    C N N 364 
TYR O    O N N 365 
TYR CB   C N N 366 
TYR CG   C Y N 367 
TYR CD1  C Y N 368 
TYR CD2  C Y N 369 
TYR CE1  C Y N 370 
TYR CE2  C Y N 371 
TYR CZ   C Y N 372 
TYR OH   O N N 373 
TYR OXT  O N N 374 
TYR H    H N N 375 
TYR H2   H N N 376 
TYR HA   H N N 377 
TYR HB2  H N N 378 
TYR HB3  H N N 379 
TYR HD1  H N N 380 
TYR HD2  H N N 381 
TYR HE1  H N N 382 
TYR HE2  H N N 383 
TYR HH   H N N 384 
TYR HXT  H N N 385 
VAL N    N N N 386 
VAL CA   C N S 387 
VAL C    C N N 388 
VAL O    O N N 389 
VAL CB   C N N 390 
VAL CG1  C N N 391 
VAL CG2  C N N 392 
VAL OXT  O N N 393 
VAL H    H N N 394 
VAL H2   H N N 395 
VAL HA   H N N 396 
VAL HB   H N N 397 
VAL HG11 H N N 398 
VAL HG12 H N N 399 
VAL HG13 H N N 400 
VAL HG21 H N N 401 
VAL HG22 H N N 402 
VAL HG23 H N N 403 
VAL HXT  H N N 404 
# 
loop_
_chem_comp_bond.comp_id 
_chem_comp_bond.atom_id_1 
_chem_comp_bond.atom_id_2 
_chem_comp_bond.value_order 
_chem_comp_bond.pdbx_aromatic_flag 
_chem_comp_bond.pdbx_stereo_config 
_chem_comp_bond.pdbx_ordinal 
ALA N   CA   sing N N 1   
ALA N   H    sing N N 2   
ALA N   H2   sing N N 3   
ALA CA  C    sing N N 4   
ALA CA  CB   sing N N 5   
ALA CA  HA   sing N N 6   
ALA C   O    doub N N 7   
ALA C   OXT  sing N N 8   
ALA CB  HB1  sing N N 9   
ALA CB  HB2  sing N N 10  
ALA CB  HB3  sing N N 11  
ALA OXT HXT  sing N N 12  
ARG N   CA   sing N N 13  
ARG N   H    sing N N 14  
ARG N   H2   sing N N 15  
ARG CA  C    sing N N 16  
ARG CA  CB   sing N N 17  
ARG CA  HA   sing N N 18  
ARG C   O    doub N N 19  
ARG C   OXT  sing N N 20  
ARG CB  CG   sing N N 21  
ARG CB  HB2  sing N N 22  
ARG CB  HB3  sing N N 23  
ARG CG  CD   sing N N 24  
ARG CG  HG2  sing N N 25  
ARG CG  HG3  sing N N 26  
ARG CD  NE   sing N N 27  
ARG CD  HD2  sing N N 28  
ARG CD  HD3  sing N N 29  
ARG NE  CZ   sing N N 30  
ARG NE  HE   sing N N 31  
ARG CZ  NH1  sing N N 32  
ARG CZ  NH2  doub N N 33  
ARG NH1 HH11 sing N N 34  
ARG NH1 HH12 sing N N 35  
ARG NH2 HH21 sing N N 36  
ARG NH2 HH22 sing N N 37  
ARG OXT HXT  sing N N 38  
ASN N   CA   sing N N 39  
ASN N   H    sing N N 40  
ASN N   H2   sing N N 41  
ASN CA  C    sing N N 42  
ASN CA  CB   sing N N 43  
ASN CA  HA   sing N N 44  
ASN C   O    doub N N 45  
ASN C   OXT  sing N N 46  
ASN CB  CG   sing N N 47  
ASN CB  HB2  sing N N 48  
ASN CB  HB3  sing N N 49  
ASN CG  OD1  doub N N 50  
ASN CG  ND2  sing N N 51  
ASN ND2 HD21 sing N N 52  
ASN ND2 HD22 sing N N 53  
ASN OXT HXT  sing N N 54  
ASP N   CA   sing N N 55  
ASP N   H    sing N N 56  
ASP N   H2   sing N N 57  
ASP CA  C    sing N N 58  
ASP CA  CB   sing N N 59  
ASP CA  HA   sing N N 60  
ASP C   O    doub N N 61  
ASP C   OXT  sing N N 62  
ASP CB  CG   sing N N 63  
ASP CB  HB2  sing N N 64  
ASP CB  HB3  sing N N 65  
ASP CG  OD1  doub N N 66  
ASP CG  OD2  sing N N 67  
ASP OD2 HD2  sing N N 68  
ASP OXT HXT  sing N N 69  
CYS N   CA   sing N N 70  
CYS N   H    sing N N 71  
CYS N   H2   sing N N 72  
CYS CA  C    sing N N 73  
CYS CA  CB   sing N N 74  
CYS CA  HA   sing N N 75  
CYS C   O    doub N N 76  
CYS C   OXT  sing N N 77  
CYS CB  SG   sing N N 78  
CYS CB  HB2  sing N N 79  
CYS CB  HB3  sing N N 80  
CYS SG  HG   sing N N 81  
CYS OXT HXT  sing N N 82  
GLN N   CA   sing N N 83  
GLN N   H    sing N N 84  
GLN N   H2   sing N N 85  
GLN CA  C    sing N N 86  
GLN CA  CB   sing N N 87  
GLN CA  HA   sing N N 88  
GLN C   O    doub N N 89  
GLN C   OXT  sing N N 90  
GLN CB  CG   sing N N 91  
GLN CB  HB2  sing N N 92  
GLN CB  HB3  sing N N 93  
GLN CG  CD   sing N N 94  
GLN CG  HG2  sing N N 95  
GLN CG  HG3  sing N N 96  
GLN CD  OE1  doub N N 97  
GLN CD  NE2  sing N N 98  
GLN NE2 HE21 sing N N 99  
GLN NE2 HE22 sing N N 100 
GLN OXT HXT  sing N N 101 
GLU N   CA   sing N N 102 
GLU N   H    sing N N 103 
GLU N   H2   sing N N 104 
GLU CA  C    sing N N 105 
GLU CA  CB   sing N N 106 
GLU CA  HA   sing N N 107 
GLU C   O    doub N N 108 
GLU C   OXT  sing N N 109 
GLU CB  CG   sing N N 110 
GLU CB  HB2  sing N N 111 
GLU CB  HB3  sing N N 112 
GLU CG  CD   sing N N 113 
GLU CG  HG2  sing N N 114 
GLU CG  HG3  sing N N 115 
GLU CD  OE1  doub N N 116 
GLU CD  OE2  sing N N 117 
GLU OE2 HE2  sing N N 118 
GLU OXT HXT  sing N N 119 
GLY N   CA   sing N N 120 
GLY N   H    sing N N 121 
GLY N   H2   sing N N 122 
GLY CA  C    sing N N 123 
GLY CA  HA2  sing N N 124 
GLY CA  HA3  sing N N 125 
GLY C   O    doub N N 126 
GLY C   OXT  sing N N 127 
GLY OXT HXT  sing N N 128 
GOL C1  O1   sing N N 129 
GOL C1  C2   sing N N 130 
GOL C1  H11  sing N N 131 
GOL C1  H12  sing N N 132 
GOL O1  HO1  sing N N 133 
GOL C2  O2   sing N N 134 
GOL C2  C3   sing N N 135 
GOL C2  H2   sing N N 136 
GOL O2  HO2  sing N N 137 
GOL C3  O3   sing N N 138 
GOL C3  H31  sing N N 139 
GOL C3  H32  sing N N 140 
GOL O3  HO3  sing N N 141 
HIS N   CA   sing N N 142 
HIS N   H    sing N N 143 
HIS N   H2   sing N N 144 
HIS CA  C    sing N N 145 
HIS CA  CB   sing N N 146 
HIS CA  HA   sing N N 147 
HIS C   O    doub N N 148 
HIS C   OXT  sing N N 149 
HIS CB  CG   sing N N 150 
HIS CB  HB2  sing N N 151 
HIS CB  HB3  sing N N 152 
HIS CG  ND1  sing Y N 153 
HIS CG  CD2  doub Y N 154 
HIS ND1 CE1  doub Y N 155 
HIS ND1 HD1  sing N N 156 
HIS CD2 NE2  sing Y N 157 
HIS CD2 HD2  sing N N 158 
HIS CE1 NE2  sing Y N 159 
HIS CE1 HE1  sing N N 160 
HIS NE2 HE2  sing N N 161 
HIS OXT HXT  sing N N 162 
HOH O   H1   sing N N 163 
HOH O   H2   sing N N 164 
ILE N   CA   sing N N 165 
ILE N   H    sing N N 166 
ILE N   H2   sing N N 167 
ILE CA  C    sing N N 168 
ILE CA  CB   sing N N 169 
ILE CA  HA   sing N N 170 
ILE C   O    doub N N 171 
ILE C   OXT  sing N N 172 
ILE CB  CG1  sing N N 173 
ILE CB  CG2  sing N N 174 
ILE CB  HB   sing N N 175 
ILE CG1 CD1  sing N N 176 
ILE CG1 HG12 sing N N 177 
ILE CG1 HG13 sing N N 178 
ILE CG2 HG21 sing N N 179 
ILE CG2 HG22 sing N N 180 
ILE CG2 HG23 sing N N 181 
ILE CD1 HD11 sing N N 182 
ILE CD1 HD12 sing N N 183 
ILE CD1 HD13 sing N N 184 
ILE OXT HXT  sing N N 185 
LEU N   CA   sing N N 186 
LEU N   H    sing N N 187 
LEU N   H2   sing N N 188 
LEU CA  C    sing N N 189 
LEU CA  CB   sing N N 190 
LEU CA  HA   sing N N 191 
LEU C   O    doub N N 192 
LEU C   OXT  sing N N 193 
LEU CB  CG   sing N N 194 
LEU CB  HB2  sing N N 195 
LEU CB  HB3  sing N N 196 
LEU CG  CD1  sing N N 197 
LEU CG  CD2  sing N N 198 
LEU CG  HG   sing N N 199 
LEU CD1 HD11 sing N N 200 
LEU CD1 HD12 sing N N 201 
LEU CD1 HD13 sing N N 202 
LEU CD2 HD21 sing N N 203 
LEU CD2 HD22 sing N N 204 
LEU CD2 HD23 sing N N 205 
LEU OXT HXT  sing N N 206 
LYS N   CA   sing N N 207 
LYS N   H    sing N N 208 
LYS N   H2   sing N N 209 
LYS CA  C    sing N N 210 
LYS CA  CB   sing N N 211 
LYS CA  HA   sing N N 212 
LYS C   O    doub N N 213 
LYS C   OXT  sing N N 214 
LYS CB  CG   sing N N 215 
LYS CB  HB2  sing N N 216 
LYS CB  HB3  sing N N 217 
LYS CG  CD   sing N N 218 
LYS CG  HG2  sing N N 219 
LYS CG  HG3  sing N N 220 
LYS CD  CE   sing N N 221 
LYS CD  HD2  sing N N 222 
LYS CD  HD3  sing N N 223 
LYS CE  NZ   sing N N 224 
LYS CE  HE2  sing N N 225 
LYS CE  HE3  sing N N 226 
LYS NZ  HZ1  sing N N 227 
LYS NZ  HZ2  sing N N 228 
LYS NZ  HZ3  sing N N 229 
LYS OXT HXT  sing N N 230 
MET N   CA   sing N N 231 
MET N   H    sing N N 232 
MET N   H2   sing N N 233 
MET CA  C    sing N N 234 
MET CA  CB   sing N N 235 
MET CA  HA   sing N N 236 
MET C   O    doub N N 237 
MET C   OXT  sing N N 238 
MET CB  CG   sing N N 239 
MET CB  HB2  sing N N 240 
MET CB  HB3  sing N N 241 
MET CG  SD   sing N N 242 
MET CG  HG2  sing N N 243 
MET CG  HG3  sing N N 244 
MET SD  CE   sing N N 245 
MET CE  HE1  sing N N 246 
MET CE  HE2  sing N N 247 
MET CE  HE3  sing N N 248 
MET OXT HXT  sing N N 249 
PHE N   CA   sing N N 250 
PHE N   H    sing N N 251 
PHE N   H2   sing N N 252 
PHE CA  C    sing N N 253 
PHE CA  CB   sing N N 254 
PHE CA  HA   sing N N 255 
PHE C   O    doub N N 256 
PHE C   OXT  sing N N 257 
PHE CB  CG   sing N N 258 
PHE CB  HB2  sing N N 259 
PHE CB  HB3  sing N N 260 
PHE CG  CD1  doub Y N 261 
PHE CG  CD2  sing Y N 262 
PHE CD1 CE1  sing Y N 263 
PHE CD1 HD1  sing N N 264 
PHE CD2 CE2  doub Y N 265 
PHE CD2 HD2  sing N N 266 
PHE CE1 CZ   doub Y N 267 
PHE CE1 HE1  sing N N 268 
PHE CE2 CZ   sing Y N 269 
PHE CE2 HE2  sing N N 270 
PHE CZ  HZ   sing N N 271 
PHE OXT HXT  sing N N 272 
PRO N   CA   sing N N 273 
PRO N   CD   sing N N 274 
PRO N   H    sing N N 275 
PRO CA  C    sing N N 276 
PRO CA  CB   sing N N 277 
PRO CA  HA   sing N N 278 
PRO C   O    doub N N 279 
PRO C   OXT  sing N N 280 
PRO CB  CG   sing N N 281 
PRO CB  HB2  sing N N 282 
PRO CB  HB3  sing N N 283 
PRO CG  CD   sing N N 284 
PRO CG  HG2  sing N N 285 
PRO CG  HG3  sing N N 286 
PRO CD  HD2  sing N N 287 
PRO CD  HD3  sing N N 288 
PRO OXT HXT  sing N N 289 
SER N   CA   sing N N 290 
SER N   H    sing N N 291 
SER N   H2   sing N N 292 
SER CA  C    sing N N 293 
SER CA  CB   sing N N 294 
SER CA  HA   sing N N 295 
SER C   O    doub N N 296 
SER C   OXT  sing N N 297 
SER CB  OG   sing N N 298 
SER CB  HB2  sing N N 299 
SER CB  HB3  sing N N 300 
SER OG  HG   sing N N 301 
SER OXT HXT  sing N N 302 
THR N   CA   sing N N 303 
THR N   H    sing N N 304 
THR N   H2   sing N N 305 
THR CA  C    sing N N 306 
THR CA  CB   sing N N 307 
THR CA  HA   sing N N 308 
THR C   O    doub N N 309 
THR C   OXT  sing N N 310 
THR CB  OG1  sing N N 311 
THR CB  CG2  sing N N 312 
THR CB  HB   sing N N 313 
THR OG1 HG1  sing N N 314 
THR CG2 HG21 sing N N 315 
THR CG2 HG22 sing N N 316 
THR CG2 HG23 sing N N 317 
THR OXT HXT  sing N N 318 
TRP N   CA   sing N N 319 
TRP N   H    sing N N 320 
TRP N   H2   sing N N 321 
TRP CA  C    sing N N 322 
TRP CA  CB   sing N N 323 
TRP CA  HA   sing N N 324 
TRP C   O    doub N N 325 
TRP C   OXT  sing N N 326 
TRP CB  CG   sing N N 327 
TRP CB  HB2  sing N N 328 
TRP CB  HB3  sing N N 329 
TRP CG  CD1  doub Y N 330 
TRP CG  CD2  sing Y N 331 
TRP CD1 NE1  sing Y N 332 
TRP CD1 HD1  sing N N 333 
TRP CD2 CE2  doub Y N 334 
TRP CD2 CE3  sing Y N 335 
TRP NE1 CE2  sing Y N 336 
TRP NE1 HE1  sing N N 337 
TRP CE2 CZ2  sing Y N 338 
TRP CE3 CZ3  doub Y N 339 
TRP CE3 HE3  sing N N 340 
TRP CZ2 CH2  doub Y N 341 
TRP CZ2 HZ2  sing N N 342 
TRP CZ3 CH2  sing Y N 343 
TRP CZ3 HZ3  sing N N 344 
TRP CH2 HH2  sing N N 345 
TRP OXT HXT  sing N N 346 
TYR N   CA   sing N N 347 
TYR N   H    sing N N 348 
TYR N   H2   sing N N 349 
TYR CA  C    sing N N 350 
TYR CA  CB   sing N N 351 
TYR CA  HA   sing N N 352 
TYR C   O    doub N N 353 
TYR C   OXT  sing N N 354 
TYR CB  CG   sing N N 355 
TYR CB  HB2  sing N N 356 
TYR CB  HB3  sing N N 357 
TYR CG  CD1  doub Y N 358 
TYR CG  CD2  sing Y N 359 
TYR CD1 CE1  sing Y N 360 
TYR CD1 HD1  sing N N 361 
TYR CD2 CE2  doub Y N 362 
TYR CD2 HD2  sing N N 363 
TYR CE1 CZ   doub Y N 364 
TYR CE1 HE1  sing N N 365 
TYR CE2 CZ   sing Y N 366 
TYR CE2 HE2  sing N N 367 
TYR CZ  OH   sing N N 368 
TYR OH  HH   sing N N 369 
TYR OXT HXT  sing N N 370 
VAL N   CA   sing N N 371 
VAL N   H    sing N N 372 
VAL N   H2   sing N N 373 
VAL CA  C    sing N N 374 
VAL CA  CB   sing N N 375 
VAL CA  HA   sing N N 376 
VAL C   O    doub N N 377 
VAL C   OXT  sing N N 378 
VAL CB  CG1  sing N N 379 
VAL CB  CG2  sing N N 380 
VAL CB  HB   sing N N 381 
VAL CG1 HG11 sing N N 382 
VAL CG1 HG12 sing N N 383 
VAL CG1 HG13 sing N N 384 
VAL CG2 HG21 sing N N 385 
VAL CG2 HG22 sing N N 386 
VAL CG2 HG23 sing N N 387 
VAL OXT HXT  sing N N 388 
# 
_pdbx_initial_refinement_model.id               1 
_pdbx_initial_refinement_model.entity_id_list   ? 
_pdbx_initial_refinement_model.type             'experimental model' 
_pdbx_initial_refinement_model.source_name      PDB 
_pdbx_initial_refinement_model.accession_code   2FJZ 
_pdbx_initial_refinement_model.details          'PDB Entry 2FJZ' 
# 
_atom_sites.entry_id                    2FMA 
_atom_sites.fract_transf_matrix[1][1]   -0.00991031 
_atom_sites.fract_transf_matrix[1][2]   -0.02702539 
_atom_sites.fract_transf_matrix[1][3]   0.01388724 
_atom_sites.fract_transf_matrix[2][1]   -0.01186502 
_atom_sites.fract_transf_matrix[2][2]   -0.00941809 
_atom_sites.fract_transf_matrix[2][3]   -0.02679535 
_atom_sites.fract_transf_matrix[3][1]   0.01735076 
_atom_sites.fract_transf_matrix[3][2]   -0.00873321 
_atom_sites.fract_transf_matrix[3][3]   -0.00461337 
_atom_sites.fract_transf_vector[1]      0.421851 
_atom_sites.fract_transf_vector[2]      0.453140 
_atom_sites.fract_transf_vector[3]      0.114128 
# 
loop_
_atom_type.symbol 
C 
N 
O 
S 
# 
loop_
_atom_site.group_PDB 
_atom_site.id 
_atom_site.type_symbol 
_atom_site.label_atom_id 
_atom_site.label_alt_id 
_atom_site.label_comp_id 
_atom_site.label_asym_id 
_atom_site.label_entity_id 
_atom_site.label_seq_id 
_atom_site.pdbx_PDB_ins_code 
_atom_site.Cartn_x 
_atom_site.Cartn_y 
_atom_site.Cartn_z 
_atom_site.occupancy 
_atom_site.B_iso_or_equiv 
_atom_site.pdbx_formal_charge 
_atom_site.auth_seq_id 
_atom_site.auth_comp_id 
_atom_site.auth_asym_id 
_atom_site.auth_atom_id 
_atom_site.pdbx_PDB_model_num 
ATOM   1   N N   . GLU A 1 1  ? 16.074  8.619   11.497  1.00 23.90 ? 131  GLU A N   1 
ATOM   2   C CA  . GLU A 1 1  ? 14.862  8.103   11.038  1.00 25.26 ? 131  GLU A CA  1 
ATOM   3   C C   . GLU A 1 1  ? 15.154  6.804   10.229  1.00 20.27 ? 131  GLU A C   1 
ATOM   4   O O   . GLU A 1 1  ? 16.171  6.684   9.434   1.00 27.58 ? 131  GLU A O   1 
ATOM   5   C CB  . GLU A 1 1  ? 14.162  9.061   10.052  1.00 22.39 ? 131  GLU A CB  1 
ATOM   6   C CG  . GLU A 1 1  ? 12.680  8.793   9.796   1.00 16.75 ? 131  GLU A CG  1 
ATOM   7   C CD  . GLU A 1 1  ? 12.040  9.658   8.718   1.00 15.71 ? 131  GLU A CD  1 
ATOM   8   O OE1 . GLU A 1 1  ? 12.746  10.495  8.030   1.00 18.48 ? 131  GLU A OE1 1 
ATOM   9   O OE2 . GLU A 1 1  ? 10.828  9.471   8.514   1.00 13.82 ? 131  GLU A OE2 1 
ATOM   10  N N   . ALA A 1 2  ? 14.365  5.804   10.438  1.00 17.75 ? 132  ALA A N   1 
ATOM   11  C CA  . ALA A 1 2  ? 14.353  4.593   9.703   1.00 12.12 ? 132  ALA A CA  1 
ATOM   12  C C   . ALA A 1 2  ? 13.154  4.580   8.795   1.00 11.03 ? 132  ALA A C   1 
ATOM   13  O O   . ALA A 1 2  ? 12.361  5.502   8.766   1.00 15.97 ? 132  ALA A O   1 
ATOM   14  C CB  . ALA A 1 2  ? 14.292  3.486   10.666  1.00 14.04 ? 132  ALA A CB  1 
ATOM   15  N N   . CYS A 1 3  ? 12.996  3.485   8.069   1.00 8.26  ? 133  CYS A N   1 
ATOM   16  C CA  . CYS A 1 3  ? 11.766  3.258   7.299   1.00 8.15  ? 133  CYS A CA  1 
ATOM   17  C C   . CYS A 1 3  ? 10.652  2.839   8.197   1.00 7.83  ? 133  CYS A C   1 
ATOM   18  O O   . CYS A 1 3  ? 10.858  2.247   9.288   1.00 9.43  ? 133  CYS A O   1 
ATOM   19  C CB  . CYS A 1 3  ? 12.036  2.153   6.274   1.00 8.45  ? 133  CYS A CB  1 
ATOM   20  S SG  . CYS A 1 3  ? 13.461  2.387   5.175   1.00 8.74  ? 133  CYS A SG  1 
ATOM   21  N N   . LYS A 1 4  ? 9.415   3.068   7.764   1.00 7.89  ? 134  LYS A N   1 
ATOM   22  C CA  . LYS A 1 4  ? 8.212   2.723   8.500   1.00 7.89  ? 134  LYS A CA  1 
ATOM   23  C C   . LYS A 1 4  ? 7.396   1.721   7.668   1.00 7.33  ? 134  LYS A C   1 
ATOM   24  O O   . LYS A 1 4  ? 7.091   1.951   6.515   1.00 7.99  ? 134  LYS A O   1 
ATOM   25  C CB  . LYS A 1 4  ? 7.399   3.932   8.797   1.00 8.83  ? 134  LYS A CB  1 
ATOM   26  C CG  . LYS A 1 4  ? 6.148   3.654   9.633   1.00 9.33  ? 134  LYS A CG  1 
ATOM   27  C CD  . LYS A 1 4  ? 6.378   3.239   10.984  1.00 12.25 ? 134  LYS A CD  1 
ATOM   28  C CE  . LYS A 1 4  ? 5.206   2.800   11.782  1.00 13.47 ? 134  LYS A CE  1 
ATOM   29  N NZ  . LYS A 1 4  ? 5.557   2.001   13.067  1.00 22.68 ? 134  LYS A NZ  1 
ATOM   30  N N   . PHE A 1 5  ? 7.012   0.611   8.331   1.00 7.66  ? 135  PHE A N   1 
ATOM   31  C CA  . PHE A 1 5  ? 6.127   -0.393  7.772   1.00 7.44  ? 135  PHE A CA  1 
ATOM   32  C C   . PHE A 1 5  ? 4.693   -0.091  8.144   1.00 7.79  ? 135  PHE A C   1 
ATOM   33  O O   . PHE A 1 5  ? 4.394   0.159   9.331   1.00 9.50  ? 135  PHE A O   1 
ATOM   34  C CB  . PHE A 1 5  ? 6.530   -1.754  8.325   1.00 8.56  ? 135  PHE A CB  1 
ATOM   35  C CG  . PHE A 1 5  ? 5.787   -2.972  7.831   1.00 8.68  ? 135  PHE A CG  1 
ATOM   36  C CD1 . PHE A 1 5  ? 5.330   -3.852  8.746   1.00 14.15 ? 135  PHE A CD1 1 
ATOM   37  C CD2 . PHE A 1 5  ? 5.564   -3.222  6.540   1.00 10.17 ? 135  PHE A CD2 1 
ATOM   38  C CE1 . PHE A 1 5  ? 4.641   -4.995  8.345   1.00 18.33 ? 135  PHE A CE1 1 
ATOM   39  C CE2 . PHE A 1 5  ? 4.878   -4.357  6.138   1.00 10.62 ? 135  PHE A CE2 1 
ATOM   40  C CZ  . PHE A 1 5  ? 4.418   -5.236  6.999   1.00 13.71 ? 135  PHE A CZ  1 
ATOM   41  N N   . LEU A 1 6  ? 3.790   -0.102  7.163   1.00 7.42  ? 136  LEU A N   1 
ATOM   42  C CA  . LEU A 1 6  ? 2.402   0.256   7.309   1.00 8.36  ? 136  LEU A CA  1 
ATOM   43  C C   . LEU A 1 6  ? 1.516   -0.778  6.633   1.00 8.06  ? 136  LEU A C   1 
ATOM   44  O O   . LEU A 1 6  ? 1.916   -1.435  5.665   1.00 8.20  ? 136  LEU A O   1 
ATOM   45  C CB  . LEU A 1 6  ? 2.143   1.626   6.697   1.00 9.14  ? 136  LEU A CB  1 
ATOM   46  C CG  . LEU A 1 6  ? 2.830   2.750   7.400   1.00 9.81  ? 136  LEU A CG  1 
ATOM   47  C CD1 . LEU A 1 6  ? 2.780   4.015   6.543   1.00 12.88 ? 136  LEU A CD1 1 
ATOM   48  C CD2 . LEU A 1 6  ? 2.277   3.021   8.780   1.00 12.14 ? 136  LEU A CD2 1 
ATOM   49  N N   . HIS A 1 7  ? 0.285   -0.921  7.140   1.00 10.07 ? 137  HIS A N   1 
ATOM   50  C CA  . HIS A 1 7  ? -0.730  -1.838  6.661   1.00 10.15 ? 137  HIS A CA  1 
ATOM   51  C C   . HIS A 1 7  ? -2.000  -1.001  6.436   1.00 9.75  ? 137  HIS A C   1 
ATOM   52  O O   . HIS A 1 7  ? -2.481  -0.394  7.388   1.00 12.52 ? 137  HIS A O   1 
ATOM   53  C CB  . HIS A 1 7  ? -0.957  -2.931  7.706   1.00 11.42 ? 137  HIS A CB  1 
ATOM   54  C CG  . HIS A 1 7  ? -2.076  -3.928  7.462   1.00 11.15 ? 137  HIS A CG  1 
ATOM   55  N ND1 . HIS A 1 7  ? -1.848  -5.264  7.315   1.00 11.87 ? 137  HIS A ND1 1 
ATOM   56  C CD2 . HIS A 1 7  ? -3.439  -3.775  7.342   1.00 11.56 ? 137  HIS A CD2 1 
ATOM   57  C CE1 . HIS A 1 7  ? -3.003  -5.846  7.121   1.00 12.27 ? 137  HIS A CE1 1 
ATOM   58  N NE2 . HIS A 1 7  ? -3.997  -4.948  7.134   1.00 11.33 ? 137  HIS A NE2 1 
ATOM   59  N N   . GLN A 1 8  ? -2.568  -1.040  5.219   1.00 8.95  ? 138  GLN A N   1 
ATOM   60  C CA  . GLN A 1 8  ? -3.818  -0.404  4.950   1.00 8.86  ? 138  GLN A CA  1 
ATOM   61  C C   . GLN A 1 8  ? -4.714  -1.334  4.181   1.00 8.52  ? 138  GLN A C   1 
ATOM   62  O O   . GLN A 1 8  ? -4.314  -1.820  3.100   1.00 11.42 ? 138  GLN A O   1 
ATOM   63  C CB  . GLN A 1 8  ? -3.567  0.873   4.183   1.00 11.75 ? 138  GLN A CB  1 
ATOM   64  C CG  . GLN A 1 8  ? -4.725  1.724   4.147   1.00 13.91 ? 138  GLN A CG  1 
ATOM   65  C CD  . GLN A 1 8  ? -4.494  3.038   3.297   1.00 15.10 ? 138  GLN A CD  1 
ATOM   66  O OE1 . GLN A 1 8  ? -5.323  3.422   2.513   1.00 17.54 ? 138  GLN A OE1 1 
ATOM   67  N NE2 . GLN A 1 8  ? -3.314  3.714   3.626   1.00 16.75 ? 138  GLN A NE2 1 
ATOM   68  N N   . GLU A 1 9  ? -5.911  -1.586  4.640   1.00 8.61  ? 139  GLU A N   1 
ATOM   69  C CA  . GLU A 1 9  ? -6.889  -2.380  3.939   1.00 8.11  ? 139  GLU A CA  1 
ATOM   70  C C   . GLU A 1 9  ? -8.231  -1.702  3.995   1.00 8.01  ? 139  GLU A C   1 
ATOM   71  O O   . GLU A 1 9  ? -8.417  -0.760  4.766   1.00 9.02  ? 139  GLU A O   1 
ATOM   72  C CB  . GLU A 1 9  ? -6.916  -3.855  4.440   1.00 9.44  ? 139  GLU A CB  1 
ATOM   73  C CG  . GLU A 1 9  ? -7.422  -3.986  5.792   1.00 10.44 ? 139  GLU A CG  1 
ATOM   74  C CD  . GLU A 1 9  ? -7.487  -5.415  6.298   1.00 9.81  ? 139  GLU A CD  1 
ATOM   75  O OE1 . GLU A 1 9  ? -8.546  -6.051  6.124   1.00 11.43 ? 139  GLU A OE1 1 
ATOM   76  O OE2 . GLU A 1 9  ? -6.514  -5.864  6.876   1.00 11.74 ? 139  GLU A OE2 1 
ATOM   77  N N   . ARG A 1 10 ? -9.177  -2.191  3.203   1.00 8.25  ? 140  ARG A N   1 
ATOM   78  C CA  . ARG A 1 10 ? -10.515 -1.727  3.282   1.00 9.23  ? 140  ARG A CA  1 
ATOM   79  C C   . ARG A 1 10 ? -11.481 -2.893  3.147   1.00 7.97  ? 140  ARG A C   1 
ATOM   80  O O   . ARG A 1 10 ? -11.132 -3.960  2.670   1.00 8.62  ? 140  ARG A O   1 
ATOM   81  C CB  . ARG A 1 10 ? -10.747 -0.596  2.297   1.00 10.30 ? 140  ARG A CB  1 
ATOM   82  C CG  . ARG A 1 10 ? -10.689 -1.048  0.983   1.00 9.85  ? 140  ARG A CG  1 
ATOM   83  C CD  . ARG A 1 10 ? -10.440 0.254   0.065   1.00 12.57 ? 140  ARG A CD  1 
ATOM   84  N NE  . ARG A 1 10 ? -11.650 1.058   -0.014  1.00 13.15 ? 140  ARG A NE  1 
ATOM   85  C CZ  . ARG A 1 10 ? -11.748 2.152   -0.737  1.00 12.05 ? 140  ARG A CZ  1 
ATOM   86  N NH1 . ARG A 1 10 ? -10.704 2.616   -1.373  1.00 13.62 ? 140  ARG A NH1 1 
ATOM   87  N NH2 . ARG A 1 10 ? -12.953 2.747   -0.867  1.00 12.36 ? 140  ARG A NH2 1 
ATOM   88  N N   . MET A 1 11 ? -12.700 -2.602  3.604   1.00 7.95  ? 141  MET A N   1 
ATOM   89  C CA  . MET A 1 11 ? -13.729 -3.663  3.687   1.00 7.99  ? 141  MET A CA  1 
ATOM   90  C C   . MET A 1 11 ? -14.918 -3.386  2.806   1.00 8.39  ? 141  MET A C   1 
ATOM   91  O O   . MET A 1 11 ? -15.863 -4.158  2.778   1.00 9.10  ? 141  MET A O   1 
ATOM   92  C CB  . MET A 1 11 ? -14.118 -3.902  5.133   1.00 9.20  ? 141  MET A CB  1 
ATOM   93  C CG  . MET A 1 11 ? -12.985 -4.436  5.985   1.00 10.31 ? 141  MET A CG  1 
ATOM   94  S SD  . MET A 1 11 ? -13.330 -4.780  7.680   1.00 11.95 ? 141  MET A SD  1 
ATOM   95  C CE  . MET A 1 11 ? -13.519 -3.141  8.276   1.00 12.25 ? 141  MET A CE  1 
ATOM   96  N N   . ASP A 1 12 ? -14.919 -2.245  2.046   1.00 8.53  ? 142  ASP A N   1 
ATOM   97  C CA  . ASP A 1 12 ? -16.043 -1.810  1.251   1.00 8.84  ? 142  ASP A CA  1 
ATOM   98  C C   . ASP A 1 12 ? -15.914 -2.120  -0.223  1.00 8.66  ? 142  ASP A C   1 
ATOM   99  O O   . ASP A 1 12 ? -16.906 -2.127  -0.914  1.00 11.56 ? 142  ASP A O   1 
ATOM   100 C CB  . ASP A 1 12 ? -16.261 -0.305  1.430   1.00 9.99  ? 142  ASP A CB  1 
ATOM   101 C CG  . ASP A 1 12 ? -15.050 0.520   1.038   1.00 10.62 ? 142  ASP A CG  1 
ATOM   102 O OD1 . ASP A 1 12 ? -13.962 0.195   1.393   1.00 10.30 ? 142  ASP A OD1 1 
ATOM   103 O OD2 . ASP A 1 12 ? -15.311 1.549   0.294   1.00 14.26 ? 142  ASP A OD2 1 
ATOM   104 N N   . VAL A 1 13 ? -14.685 -2.306  -0.752  1.00 8.48  ? 143  VAL A N   1 
ATOM   105 C CA  . VAL A 1 13 ? -14.455 -2.494  -2.146  1.00 8.90  ? 143  VAL A CA  1 
ATOM   106 C C   . VAL A 1 13 ? -13.155 -3.289  -2.326  1.00 8.54  ? 143  VAL A C   1 
ATOM   107 O O   . VAL A 1 13 ? -12.297 -3.187  -1.527  1.00 10.83 ? 143  VAL A O   1 
ATOM   108 C CB  . VAL A 1 13 ? -14.460 -1.147  -2.960  1.00 13.82 ? 143  VAL A CB  1 
ATOM   109 C CG1 . VAL A 1 13 ? -13.226 -0.362  -2.580  1.00 21.23 ? 143  VAL A CG1 1 
ATOM   110 C CG2 . VAL A 1 13 ? -14.673 -1.379  -4.441  1.00 17.96 ? 143  VAL A CG2 1 
ATOM   111 N N   . CYS A 1 14 ? -13.099 -4.051  -3.433  1.00 7.81  ? 144  CYS A N   1 
ATOM   112 C CA  . CYS A 1 14 ? -11.894 -4.635  -3.916  1.00 7.92  ? 144  CYS A CA  1 
ATOM   113 C C   . CYS A 1 14 ? -11.287 -3.773  -5.026  1.00 8.45  ? 144  CYS A C   1 
ATOM   114 O O   . CYS A 1 14 ? -12.049 -3.194  -5.812  1.00 11.45 ? 144  CYS A O   1 
ATOM   115 C CB  . CYS A 1 14 ? -12.160 -6.028  -4.470  1.00 8.69  ? 144  CYS A CB  1 
ATOM   116 S SG  . CYS A 1 14 ? -12.830 -7.116  -3.193  1.00 8.45  ? 144  CYS A SG  1 
ATOM   117 N N   . GLU A 1 15 ? -9.971  -3.711  -5.109  1.00 7.38  ? 145  GLU A N   1 
ATOM   118 C CA  . GLU A 1 15 ? -9.299  -2.817  -6.036  1.00 7.96  ? 145  GLU A CA  1 
ATOM   119 C C   . GLU A 1 15 ? -8.078  -3.478  -6.610  1.00 7.45  ? 145  GLU A C   1 
ATOM   120 O O   . GLU A 1 15 ? -7.533  -4.459  -6.130  1.00 7.58  ? 145  GLU A O   1 
ATOM   121 C CB  . GLU A 1 15 ? -8.892  -1.469  -5.341  1.00 9.74  ? 145  GLU A CB  1 
ATOM   122 C CG  . GLU A 1 15 ? -9.845  -0.381  -5.588  1.00 10.93 ? 145  GLU A CG  1 
ATOM   123 C CD  . GLU A 1 15 ? -9.885  0.042   -7.025  1.00 12.77 ? 145  GLU A CD  1 
ATOM   124 O OE1 . GLU A 1 15 ? -10.768 0.919   -7.317  1.00 19.57 ? 145  GLU A OE1 1 
ATOM   125 O OE2 . GLU A 1 15 ? -9.160  -0.491  -7.896  1.00 11.24 ? 145  GLU A OE2 1 
ATOM   126 N N   . THR A 1 16 ? -7.610  -2.910  -7.750  1.00 7.89  ? 146  THR A N   1 
ATOM   127 C CA  . THR A 1 16 ? -6.518  -3.455  -8.473  1.00 7.39  ? 146  THR A CA  1 
ATOM   128 C C   . THR A 1 16 ? -5.161  -3.104  -7.860  1.00 7.01  ? 146  THR A C   1 
ATOM   129 O O   . THR A 1 16 ? -5.013  -2.210  -7.018  1.00 7.33  ? 146  THR A O   1 
ATOM   130 C CB  . THR A 1 16 ? -6.510  -2.931  -9.928  1.00 7.77  ? 146  THR A CB  1 
ATOM   131 O OG1 . THR A 1 16 ? -6.349  -1.522  -9.834  1.00 7.97  ? 146  THR A OG1 1 
ATOM   132 C CG2 . THR A 1 16 ? -7.784  -3.347  -10.666 1.00 9.05  ? 146  THR A CG2 1 
ATOM   133 N N   . HIS A 1 17 ? -4.135  -3.818  -8.344  1.00 7.24  ? 147  HIS A N   1 
ATOM   134 C CA  . HIS A 1 17 ? -2.760  -3.512  -7.992  1.00 7.26  ? 147  HIS A CA  1 
ATOM   135 C C   . HIS A 1 17 ? -2.454  -2.051  -8.216  1.00 6.99  ? 147  HIS A C   1 
ATOM   136 O O   . HIS A 1 17 ? -1.861  -1.405  -7.324  1.00 7.42  ? 147  HIS A O   1 
ATOM   137 C CB  . HIS A 1 17 ? -1.863  -4.448  -8.854  1.00 7.55  ? 147  HIS A CB  1 
ATOM   138 C CG  . HIS A 1 17 ? -0.403  -4.293  -8.671  1.00 8.45  ? 147  HIS A CG  1 
ATOM   139 N ND1 . HIS A 1 17 ? 0.462   -5.106  -9.357  1.00 9.49  ? 147  HIS A ND1 1 
ATOM   140 C CD2 . HIS A 1 17 ? 0.375   -3.485  -7.940  1.00 9.95  ? 147  HIS A CD2 1 
ATOM   141 C CE1 . HIS A 1 17 ? 1.703   -4.724  -8.983  1.00 10.38 ? 147  HIS A CE1 1 
ATOM   142 N NE2 . HIS A 1 17 ? 1.714   -3.760  -8.139  1.00 10.43 ? 147  HIS A NE2 1 
ATOM   143 N N   . LEU A 1 18 ? -2.843  -1.475  -9.343  1.00 7.06  ? 148  LEU A N   1 
ATOM   144 C CA  . LEU A 1 18 ? -2.546  -0.056  -9.593  1.00 7.07  ? 148  LEU A CA  1 
ATOM   145 C C   . LEU A 1 18 ? -3.114  0.827   -8.483  1.00 7.07  ? 148  LEU A C   1 
ATOM   146 O O   . LEU A 1 18 ? -2.430  1.752   -8.015  1.00 7.56  ? 148  LEU A O   1 
ATOM   147 C CB  . LEU A 1 18 ? -3.106  0.344   -10.944 1.00 7.28  ? 148  LEU A CB  1 
ATOM   148 C CG  . LEU A 1 18 ? -3.078  1.838   -11.243 1.00 8.04  ? 148  LEU A CG  1 
ATOM   149 C CD1 . LEU A 1 18 ? -1.707  2.423   -11.230 1.00 9.57  ? 148  LEU A CD1 1 
ATOM   150 C CD2 . LEU A 1 18 ? -3.774  2.107   -12.593 1.00 8.72  ? 148  LEU A CD2 1 
ATOM   151 N N   . HIS A 1 19 ? -4.368  0.601   -8.087  1.00 6.99  ? 149  HIS A N   1 
ATOM   152 C CA  . HIS A 1 19 ? -4.921  1.402   -6.999  1.00 7.16  ? 149  HIS A CA  1 
ATOM   153 C C   . HIS A 1 19 ? -4.070  1.274   -5.741  1.00 7.20  ? 149  HIS A C   1 
ATOM   154 O O   . HIS A 1 19 ? -3.755  2.281   -5.087  1.00 7.64  ? 149  HIS A O   1 
ATOM   155 C CB  . HIS A 1 19 ? -6.372  0.974   -6.723  1.00 7.91  ? 149  HIS A CB  1 
ATOM   156 C CG  . HIS A 1 19 ? -6.879  1.478   -5.403  1.00 7.78  ? 149  HIS A CG  1 
ATOM   157 N ND1 . HIS A 1 19 ? -7.480  2.640   -5.204  1.00 8.19  ? 149  HIS A ND1 1 
ATOM   158 C CD2 . HIS A 1 19 ? -6.816  0.844   -4.190  1.00 8.49  ? 149  HIS A CD2 1 
ATOM   159 C CE1 . HIS A 1 19 ? -7.780  2.739   -3.937  1.00 8.61  ? 149  HIS A CE1 1 
ATOM   160 N NE2 . HIS A 1 19 ? -7.383  1.643   -3.280  1.00 8.33  ? 149  HIS A NE2 1 
ATOM   161 N N   . TRP A 1 20 ? -3.752  0.044   -5.339  1.00 7.00  ? 150  TRP A N   1 
ATOM   162 C CA  . TRP A 1 20 ? -3.025  -0.121  -4.097  1.00 7.16  ? 150  TRP A CA  1 
ATOM   163 C C   . TRP A 1 20 ? -1.606  0.434   -4.144  1.00 7.17  ? 150  TRP A C   1 
ATOM   164 O O   . TRP A 1 20 ? -1.100  0.943   -3.141  1.00 7.75  ? 150  TRP A O   1 
ATOM   165 C CB  . TRP A 1 20 ? -3.021  -1.640  -3.664  1.00 8.21  ? 150  TRP A CB  1 
ATOM   166 C CG  . TRP A 1 20 ? -4.433  -2.003  -3.227  1.00 8.80  ? 150  TRP A CG  1 
ATOM   167 C CD1 . TRP A 1 20 ? -5.248  -2.872  -3.841  1.00 9.60  ? 150  TRP A CD1 1 
ATOM   168 C CD2 . TRP A 1 20 ? -5.125  -1.487  -2.106  1.00 8.61  ? 150  TRP A CD2 1 
ATOM   169 N NE1 . TRP A 1 20 ? -6.428  -2.932  -3.157  1.00 10.38 ? 150  TRP A NE1 1 
ATOM   170 C CE2 . TRP A 1 20 ? -6.377  -2.071  -2.063  1.00 9.56  ? 150  TRP A CE2 1 
ATOM   171 C CE3 . TRP A 1 20 ? -4.799  -0.556  -1.095  1.00 8.59  ? 150  TRP A CE3 1 
ATOM   172 C CZ2 . TRP A 1 20 ? -7.330  -1.762  -1.044  1.00 10.40 ? 150  TRP A CZ2 1 
ATOM   173 C CZ3 . TRP A 1 20 ? -5.728  -0.281  -0.136  1.00 9.45  ? 150  TRP A CZ3 1 
ATOM   174 C CH2 . TRP A 1 20 ? -6.998  -0.876  -0.096  1.00 10.47 ? 150  TRP A CH2 1 
ATOM   175 N N   . HIS A 1 21 ? -0.945  0.325   -5.303  1.00 7.51  ? 151  HIS A N   1 
ATOM   176 C CA  . HIS A 1 21 ? 0.350   0.956   -5.461  1.00 7.77  ? 151  HIS A CA  1 
ATOM   177 C C   . HIS A 1 21 ? 0.246   2.450   -5.287  1.00 7.82  ? 151  HIS A C   1 
ATOM   178 O O   . HIS A 1 21 ? 1.062   3.098   -4.642  1.00 8.21  ? 151  HIS A O   1 
ATOM   179 C CB  . HIS A 1 21 ? 0.879   0.601   -6.873  1.00 8.73  ? 151  HIS A CB  1 
ATOM   180 C CG  . HIS A 1 21 ? 2.328   1.028   -7.062  1.00 10.20 ? 151  HIS A CG  1 
ATOM   181 N ND1 . HIS A 1 21 ? 2.864   1.004   -8.352  1.00 13.29 ? 151  HIS A ND1 1 
ATOM   182 C CD2 . HIS A 1 21 ? 3.253   1.432   -6.303  1.00 14.20 ? 151  HIS A CD2 1 
ATOM   183 C CE1 . HIS A 1 21 ? 4.160   1.427   -8.242  1.00 14.49 ? 151  HIS A CE1 1 
ATOM   184 N NE2 . HIS A 1 21 ? 4.388   1.683   -7.004  1.00 16.25 ? 151  HIS A NE2 1 
ATOM   185 N N   . THR A 1 22 ? -0.814  3.029   -5.897  1.00 8.03  ? 152  THR A N   1 
ATOM   186 C CA  . THR A 1 22 ? -1.046  4.460   -5.766  1.00 7.91  ? 152  THR A CA  1 
ATOM   187 C C   . THR A 1 22 ? -1.246  4.878   -4.322  1.00 7.72  ? 152  THR A C   1 
ATOM   188 O O   . THR A 1 22 ? -0.670  5.836   -3.836  1.00 8.11  ? 152  THR A O   1 
ATOM   189 C CB  . THR A 1 22 ? -2.285  4.864   -6.635  1.00 8.84  ? 152  THR A CB  1 
ATOM   190 O OG1 . THR A 1 22 ? -2.037  4.552   -7.960  1.00 10.19 ? 152  THR A OG1 1 
ATOM   191 C CG2 . THR A 1 22 ? -2.570  6.348   -6.544  1.00 9.94  ? 152  THR A CG2 1 
ATOM   192 N N   . VAL A 1 23 ? -2.076  4.108   -3.598  1.00 7.84  ? 153  VAL A N   1 
ATOM   193 C CA  . VAL A 1 23 ? -2.326  4.369   -2.180  1.00 7.76  ? 153  VAL A CA  1 
ATOM   194 C C   . VAL A 1 23 ? -1.020  4.333   -1.396  1.00 7.66  ? 153  VAL A C   1 
ATOM   195 O O   . VAL A 1 23 ? -0.752  5.228   -0.566  1.00 8.27  ? 153  VAL A O   1 
ATOM   196 C CB  . VAL A 1 23 ? -3.322  3.352   -1.605  1.00 8.76  ? 153  VAL A CB  1 
ATOM   197 C CG1 . VAL A 1 23 ? -3.346  3.362   -0.075  1.00 10.15 ? 153  VAL A CG1 1 
ATOM   198 C CG2 . VAL A 1 23 ? -4.722  3.609   -2.186  1.00 10.09 ? 153  VAL A CG2 1 
ATOM   199 N N   . ALA A 1 24 ? -0.217  3.317   -1.613  1.00 7.49  ? 154  ALA A N   1 
ATOM   200 C CA  . ALA A 1 24 ? 1.039   3.191   -0.853  1.00 7.73  ? 154  ALA A CA  1 
ATOM   201 C C   . ALA A 1 24 ? 1.969   4.373   -1.155  1.00 7.52  ? 154  ALA A C   1 
ATOM   202 O O   . ALA A 1 24 ? 2.556   4.961   -0.253  1.00 8.11  ? 154  ALA A O   1 
ATOM   203 C CB  . ALA A 1 24 ? 1.668   1.846   -1.167  1.00 8.22  ? 154  ALA A CB  1 
ATOM   204 N N   . LYS A 1 25 ? 2.131   4.702   -2.443  1.00 7.56  ? 155  LYS A N   1 
ATOM   205 C CA  . LYS A 1 25 ? 3.009   5.790   -2.805  1.00 8.02  ? 155  LYS A CA  1 
ATOM   206 C C   . LYS A 1 25 ? 2.551   7.082   -2.193  1.00 7.84  ? 155  LYS A C   1 
ATOM   207 O O   . LYS A 1 25 ? 3.359   7.852   -1.627  1.00 8.45  ? 155  LYS A O   1 
ATOM   208 C CB  . LYS A 1 25 ? 3.063   5.956   -4.352  1.00 10.36 ? 155  LYS A CB  1 
ATOM   209 C CG  . LYS A 1 25 ? 3.950   4.975   -5.103  1.00 15.28 ? 155  LYS A CG  1 
ATOM   210 C CD  . LYS A 1 25 ? 4.026   5.203   -6.505  1.00 16.81 ? 155  LYS A CD  1 
ATOM   211 C CE  . LYS A 1 25 ? 2.962   5.081   -7.296  1.00 19.60 ? 155  LYS A CE  1 
ATOM   212 N NZ  . LYS A 1 25 ? 3.190   5.420   -8.776  1.00 29.35 ? 155  LYS A NZ  1 
ATOM   213 N N   . GLU A 1 26 ? 1.255   7.357   -2.289  1.00 8.22  ? 156  GLU A N   1 
ATOM   214 C CA  . GLU A 1 26 ? 0.721   8.643   -1.816  1.00 8.50  ? 156  GLU A CA  1 
ATOM   215 C C   . GLU A 1 26 ? 0.731   8.695   -0.272  1.00 8.52  ? 156  GLU A C   1 
ATOM   216 O O   . GLU A 1 26 ? 0.954   9.795   0.264   1.00 9.17  ? 156  GLU A O   1 
ATOM   217 C CB  . GLU A 1 26 ? -0.653  8.864   -2.381  1.00 9.45  ? 156  GLU A CB  1 
ATOM   218 C CG  . GLU A 1 26 ? -0.570  9.095   -3.844  1.00 10.07 ? 156  GLU A CG  1 
ATOM   219 C CD  . GLU A 1 26 ? -1.836  9.544   -4.560  1.00 12.25 ? 156  GLU A CD  1 
ATOM   220 O OE1 . GLU A 1 26 ? -2.876  9.638   -3.893  1.00 15.28 ? 156  GLU A OE1 1 
ATOM   221 O OE2 . GLU A 1 26 ? -1.789  9.765   -5.765  1.00 16.14 ? 156  GLU A OE2 1 
ATOM   222 N N   . THR A 1 27 ? 0.514   7.597   0.389   1.00 8.27  ? 157  THR A N   1 
ATOM   223 C CA  . THR A 1 27 ? 0.595   7.603   1.831   1.00 8.50  ? 157  THR A CA  1 
ATOM   224 C C   . THR A 1 27 ? 2.006   7.879   2.298   1.00 8.05  ? 157  THR A C   1 
ATOM   225 O O   . THR A 1 27 ? 2.244   8.675   3.205   1.00 8.86  ? 157  THR A O   1 
ATOM   226 C CB  . THR A 1 27 ? 0.033   6.272   2.410   1.00 9.12  ? 157  THR A CB  1 
ATOM   227 O OG1 . THR A 1 27 ? -1.354  6.164   2.071   1.00 11.34 ? 157  THR A OG1 1 
ATOM   228 C CG2 . THR A 1 27 ? 0.205   6.212   3.928   1.00 10.24 ? 157  THR A CG2 1 
ATOM   229 N N   . CYS A 1 28 ? 3.001   7.219   1.675   1.00 7.78  ? 158  CYS A N   1 
ATOM   230 C CA  . CYS A 1 28 ? 4.361   7.552   2.056   1.00 7.82  ? 158  CYS A CA  1 
ATOM   231 C C   . CYS A 1 28 ? 4.646   9.025   1.849   1.00 7.98  ? 158  CYS A C   1 
ATOM   232 O O   . CYS A 1 28 ? 5.218   9.689   2.714   1.00 8.74  ? 158  CYS A O   1 
ATOM   233 C CB  . CYS A 1 28 ? 5.362   6.693   1.263   1.00 7.74  ? 158  CYS A CB  1 
ATOM   234 S SG  . CYS A 1 28 ? 5.347   4.933   1.616   1.00 7.83  ? 158  CYS A SG  1 
ATOM   235 N N   . SER A 1 29 ? 4.220   9.567   0.689   1.00 8.23  ? 159  SER A N   1 
ATOM   236 C CA  . SER A 1 29 ? 4.513   10.959  0.412   1.00 9.36  ? 159  SER A CA  1 
ATOM   237 C C   . SER A 1 29 ? 3.832   11.891  1.451   1.00 9.42  ? 159  SER A C   1 
ATOM   238 O O   . SER A 1 29 ? 4.462   12.903  1.835   1.00 10.90 ? 159  SER A O   1 
ATOM   239 C CB  . SER A 1 29 ? 4.099   11.312  -0.981  1.00 10.18 ? 159  SER A CB  1 
ATOM   240 O OG  . SER A 1 29 ? 4.821   10.614  -1.928  1.00 12.27 ? 159  SER A OG  1 
ATOM   241 N N   . GLU A 1 30 ? 2.624   11.583  1.915   1.00 9.27  ? 160  GLU A N   1 
ATOM   242 C CA  . GLU A 1 30 ? 1.944   12.351  2.939   1.00 10.16 ? 160  GLU A CA  1 
ATOM   243 C C   . GLU A 1 30 ? 2.744   12.361  4.248   1.00 10.39 ? 160  GLU A C   1 
ATOM   244 O O   . GLU A 1 30 ? 2.512   13.243  5.071   1.00 12.63 ? 160  GLU A O   1 
ATOM   245 C CB  . GLU A 1 30 ? 0.560   11.803  3.231   1.00 12.68 ? 160  GLU A CB  1 
ATOM   246 C CG  . GLU A 1 30 ? -0.558  12.131  2.327   1.00 13.37 ? 160  GLU A CG  1 
ATOM   247 C CD  . GLU A 1 30 ? -1.901  11.697  2.664   1.00 16.80 ? 160  GLU A CD  1 
ATOM   248 O OE1 . GLU A 1 30 ? -1.913  10.773  3.506   1.00 23.20 ? 160  GLU A OE1 1 
ATOM   249 O OE2 . GLU A 1 30 ? -2.852  12.178  2.159   1.00 19.31 ? 160  GLU A OE2 1 
ATOM   250 N N   . LYS A 1 31 ? 3.567   11.341  4.483   1.00 9.06  ? 161  LYS A N   1 
ATOM   251 C CA  . LYS A 1 31 ? 4.347   11.206  5.671   1.00 8.80  ? 161  LYS A CA  1 
ATOM   252 C C   . LYS A 1 31 ? 5.786   11.600  5.448   1.00 8.58  ? 161  LYS A C   1 
ATOM   253 O O   . LYS A 1 31 ? 6.692   11.247  6.265   1.00 9.43  ? 161  LYS A O   1 
ATOM   254 C CB  . LYS A 1 31 ? 4.229   9.764   6.263   1.00 9.56  ? 161  LYS A CB  1 
ATOM   255 C CG  . LYS A 1 31 ? 2.802   9.309   6.548   1.00 10.33 ? 161  LYS A CG  1 
ATOM   256 C CD  . LYS A 1 31 ? 2.735   8.003   7.286   1.00 13.82 ? 161  LYS A CD  1 
ATOM   257 C CE  . LYS A 1 31 ? 1.414   7.412   7.422   1.00 13.81 ? 161  LYS A CE  1 
ATOM   258 N NZ  . LYS A 1 31 ? 0.357   8.147   7.967   1.00 16.84 ? 161  LYS A NZ  1 
ATOM   259 N N   . SER A 1 32 ? 6.066   12.369  4.419   1.00 9.36  ? 162  SER A N   1 
ATOM   260 C CA  . SER A 1 32 ? 7.341   12.904  4.146   1.00 9.49  ? 162  SER A CA  1 
ATOM   261 C C   . SER A 1 32 ? 8.445   11.792  3.958   1.00 9.52  ? 162  SER A C   1 
ATOM   262 O O   . SER A 1 32 ? 9.518   11.879  4.500   1.00 11.55 ? 162  SER A O   1 
ATOM   263 C CB  . SER A 1 32 ? 7.811   13.912  5.210   1.00 10.31 ? 162  SER A CB  1 
ATOM   264 O OG  . SER A 1 32 ? 6.808   14.969  5.328   1.00 11.42 ? 162  SER A OG  1 
ATOM   265 N N   . THR A 1 33 ? 8.066   10.787  3.181   1.00 9.05  ? 163  THR A N   1 
ATOM   266 C CA  . THR A 1 33 ? 8.901   9.639   2.837   1.00 8.83  ? 163  THR A CA  1 
ATOM   267 C C   . THR A 1 33 ? 8.618   9.231   1.397   1.00 8.66  ? 163  THR A C   1 
ATOM   268 O O   . THR A 1 33 ? 7.719   9.743   0.758   1.00 9.99  ? 163  THR A O   1 
ATOM   269 C CB  . THR A 1 33 ? 8.636   8.464   3.804   1.00 8.48  ? 163  THR A CB  1 
ATOM   270 O OG1 . THR A 1 33 ? 7.267   8.060   3.698   1.00 8.88  ? 163  THR A OG1 1 
ATOM   271 C CG2 . THR A 1 33 ? 8.997   8.758   5.226   1.00 9.46  ? 163  THR A CG2 1 
ATOM   272 N N   . ASN A 1 34 ? 9.411   8.266   0.908   1.00 9.17  ? 164  ASN A N   1 
ATOM   273 C CA  . ASN A 1 34 ? 9.190   7.652   -0.383  1.00 9.04  ? 164  ASN A CA  1 
ATOM   274 C C   . ASN A 1 34 ? 8.926   6.165   -0.222  1.00 8.56  ? 164  ASN A C   1 
ATOM   275 O O   . ASN A 1 34 ? 9.631   5.460   0.506   1.00 9.54  ? 164  ASN A O   1 
ATOM   276 C CB  . ASN A 1 34 ? 10.400  7.788   -1.268  1.00 11.41 ? 164  ASN A CB  1 
ATOM   277 C CG  . ASN A 1 34 ? 10.623  9.311   -1.735  1.00 13.12 ? 164  ASN A CG  1 
ATOM   278 O OD1 . ASN A 1 34 ? 9.760   10.064  -2.033  1.00 15.94 ? 164  ASN A OD1 1 
ATOM   279 N ND2 . ASN A 1 34 ? 11.978  9.591   -1.618  1.00 16.83 ? 164  ASN A ND2 1 
ATOM   280 N N   . LEU A 1 35 ? 7.978   5.634   -0.965  1.00 8.79  ? 165  LEU A N   1 
ATOM   281 C CA  . LEU A 1 35 ? 7.727   4.210   -0.990  1.00 8.42  ? 165  LEU A CA  1 
ATOM   282 C C   . LEU A 1 35 ? 8.881   3.472   -1.515  1.00 8.64  ? 165  LEU A C   1 
ATOM   283 O O   . LEU A 1 35 ? 9.440   3.802   -2.610  1.00 10.50 ? 165  LEU A O   1 
ATOM   284 C CB  . LEU A 1 35 ? 6.507   3.950   -1.902  1.00 8.61  ? 165  LEU A CB  1 
ATOM   285 C CG  . LEU A 1 35 ? 6.140   2.489   -2.071  1.00 8.61  ? 165  LEU A CG  1 
ATOM   286 C CD1 . LEU A 1 35 ? 5.634   1.896   -0.762  1.00 8.49  ? 165  LEU A CD1 1 
ATOM   287 C CD2 . LEU A 1 35 ? 5.068   2.345   -3.143  1.00 10.13 ? 165  LEU A CD2 1 
ATOM   288 N N   . HIS A 1 36 ? 9.314   2.401   -0.819  1.00 8.53  ? 166  HIS A N   1 
ATOM   289 C CA  . HIS A 1 36 ? 10.332  1.539   -1.320  1.00 8.93  ? 166  HIS A CA  1 
ATOM   290 C C   . HIS A 1 36 ? 9.762   0.263   -1.827  1.00 10.68 ? 166  HIS A C   1 
ATOM   291 O O   . HIS A 1 36 ? 10.193  -0.194  -2.908  1.00 12.15 ? 166  HIS A O   1 
ATOM   292 C CB  . HIS A 1 36 ? 11.443  1.327   -0.312  1.00 8.56  ? 166  HIS A CB  1 
ATOM   293 C CG  . HIS A 1 36 ? 12.508  0.474   -0.821  1.00 8.96  ? 166  HIS A CG  1 
ATOM   294 N ND1 . HIS A 1 36 ? 13.220  0.789   -1.964  1.00 10.31 ? 166  HIS A ND1 1 
ATOM   295 C CD2 . HIS A 1 36 ? 13.004  -0.691  -0.355  1.00 10.66 ? 166  HIS A CD2 1 
ATOM   296 C CE1 . HIS A 1 36 ? 14.095  -0.180  -2.136  1.00 11.96 ? 166  HIS A CE1 1 
ATOM   297 N NE2 . HIS A 1 36 ? 13.997  -1.103  -1.178  1.00 11.82 ? 166  HIS A NE2 1 
ATOM   298 N N   . ASP A 1 37 ? 8.927   -0.379  -1.076  1.00 10.96 ? 167  ASP A N   1 
ATOM   299 C CA  . ASP A 1 37 ? 8.417   -1.651  -1.479  1.00 11.05 ? 167  ASP A CA  1 
ATOM   300 C C   . ASP A 1 37 ? 7.060   -1.927  -0.792  1.00 10.57 ? 167  ASP A C   1 
ATOM   301 O O   . ASP A 1 37 ? 6.651   -1.229  0.136   1.00 8.83  ? 167  ASP A O   1 
ATOM   302 C CB  . ASP A 1 37 ? 9.273   -2.717  -1.042  1.00 12.44 ? 167  ASP A CB  1 
ATOM   303 C CG  . ASP A 1 37 ? 8.916   -4.103  -1.636  1.00 11.64 ? 167  ASP A CG  1 
ATOM   304 O OD1 . ASP A 1 37 ? 8.893   -5.030  -0.914  1.00 11.33 ? 167  ASP A OD1 1 
ATOM   305 O OD2 . ASP A 1 37 ? 8.500   -4.171  -2.875  1.00 12.80 ? 167  ASP A OD2 1 
ATOM   306 N N   . TYR A 1 38 ? 6.322   -2.842  -1.383  1.00 11.27 ? 168  TYR A N   1 
ATOM   307 C CA  . TYR A 1 38 ? 4.924   -3.045  -1.026  1.00 9.41  ? 168  TYR A CA  1 
ATOM   308 C C   . TYR A 1 38 ? 4.500   -4.415  -1.457  1.00 10.08 ? 168  TYR A C   1 
ATOM   309 O O   . TYR A 1 38 ? 5.115   -5.048  -2.341  1.00 14.55 ? 168  TYR A O   1 
ATOM   310 C CB  . TYR A 1 38 ? 4.011   -1.942  -1.652  1.00 9.92  ? 168  TYR A CB  1 
ATOM   311 C CG  . TYR A 1 38 ? 3.907   -1.985  -3.142  1.00 11.06 ? 168  TYR A CG  1 
ATOM   312 C CD1 . TYR A 1 38 ? 4.946   -1.548  -3.961  1.00 12.66 ? 168  TYR A CD1 1 
ATOM   313 C CD2 . TYR A 1 38 ? 2.777   -2.460  -3.759  1.00 10.24 ? 168  TYR A CD2 1 
ATOM   314 C CE1 . TYR A 1 38 ? 4.835   -1.592  -5.345  1.00 14.85 ? 168  TYR A CE1 1 
ATOM   315 C CE2 . TYR A 1 38 ? 2.632   -2.520  -5.120  1.00 11.05 ? 168  TYR A CE2 1 
ATOM   316 C CZ  . TYR A 1 38 ? 3.687   -2.075  -5.931  1.00 11.66 ? 168  TYR A CZ  1 
ATOM   317 O OH  . TYR A 1 38 ? 3.608   -2.108  -7.300  1.00 15.02 ? 168  TYR A OH  1 
ATOM   318 N N   . GLY A 1 39 ? 3.419   -4.907  -0.852  1.00 8.67  ? 169  GLY A N   1 
ATOM   319 C CA  . GLY A 1 39 ? 2.804   -6.145  -1.233  1.00 9.48  ? 169  GLY A CA  1 
ATOM   320 C C   . GLY A 1 39 ? 1.283   -6.047  -0.979  1.00 7.60  ? 169  GLY A C   1 
ATOM   321 O O   . GLY A 1 39 ? 0.841   -5.525  0.019   1.00 9.27  ? 169  GLY A O   1 
ATOM   322 N N   A MET A 1 40 ? 0.498   -6.539  -1.948  0.60 7.88  ? 170  MET A N   1 
ATOM   323 N N   B MET A 1 40 ? 0.558   -6.622  -1.938  0.40 6.81  ? 170  MET A N   1 
ATOM   324 C CA  A MET A 1 40 ? -0.953  -6.489  -1.747  0.60 7.41  ? 170  MET A CA  1 
ATOM   325 C CA  B MET A 1 40 ? -0.830  -6.643  -1.882  0.40 6.90  ? 170  MET A CA  1 
ATOM   326 C C   A MET A 1 40 ? -1.395  -7.548  -0.726  0.60 7.28  ? 170  MET A C   1 
ATOM   327 C C   B MET A 1 40 ? -1.340  -7.536  -0.727  0.40 6.83  ? 170  MET A C   1 
ATOM   328 O O   A MET A 1 40 ? -0.702  -8.494  -0.464  0.60 8.27  ? 170  MET A O   1 
ATOM   329 O O   B MET A 1 40 ? -0.685  -8.485  -0.223  0.40 6.95  ? 170  MET A O   1 
ATOM   330 C CB  A MET A 1 40 ? -1.711  -6.706  -3.052  0.60 7.79  ? 170  MET A CB  1 
ATOM   331 C CB  B MET A 1 40 ? -1.483  -7.192  -3.221  0.40 7.96  ? 170  MET A CB  1 
ATOM   332 C CG  A MET A 1 40 ? -1.826  -5.482  -3.932  0.60 8.29  ? 170  MET A CG  1 
ATOM   333 C CG  B MET A 1 40 ? -1.183  -6.500  -4.448  0.40 8.89  ? 170  MET A CG  1 
ATOM   334 S SD  A MET A 1 40 ? -0.385  -4.840  -4.733  0.60 8.21  ? 170  MET A SD  1 
ATOM   335 S SD  B MET A 1 40 ? -1.858  -4.816  -4.495  0.40 9.89  ? 170  MET A SD  1 
ATOM   336 C CE  A MET A 1 40 ? -0.154  -6.163  -5.890  0.60 9.68  ? 170  MET A CE  1 
ATOM   337 C CE  B MET A 1 40 ? -0.396  -3.999  -3.956  0.40 11.67 ? 170  MET A CE  1 
ATOM   338 N N   . LEU A 1 41 ? -2.596  -7.315  -0.251  1.00 7.47  ? 171  LEU A N   1 
ATOM   339 C CA  . LEU A 1 41 ? -3.249  -8.126  0.765   1.00 7.92  ? 171  LEU A CA  1 
ATOM   340 C C   . LEU A 1 41 ? -4.580  -8.597  0.268   1.00 7.37  ? 171  LEU A C   1 
ATOM   341 O O   . LEU A 1 41 ? -5.301  -7.854  -0.457  1.00 7.82  ? 171  LEU A O   1 
ATOM   342 C CB  . LEU A 1 41 ? -3.487  -7.299  2.054   1.00 8.95  ? 171  LEU A CB  1 
ATOM   343 C CG  . LEU A 1 41 ? -2.301  -6.701  2.667   1.00 9.79  ? 171  LEU A CG  1 
ATOM   344 C CD1 . LEU A 1 41 ? -2.776  -5.752  3.820   1.00 11.22 ? 171  LEU A CD1 1 
ATOM   345 C CD2 . LEU A 1 41 ? -1.366  -7.735  3.170   1.00 13.40 ? 171  LEU A CD2 1 
ATOM   346 N N   . LEU A 1 42 ? -4.981  -9.782  0.725   1.00 7.58  ? 172  LEU A N   1 
ATOM   347 C CA  . LEU A 1 42 ? -6.408  -10.189 0.687   1.00 7.96  ? 172  LEU A CA  1 
ATOM   348 C C   . LEU A 1 42 ? -6.924  -10.200 -0.740  1.00 7.63  ? 172  LEU A C   1 
ATOM   349 O O   . LEU A 1 42 ? -7.874  -9.458  -1.109  1.00 7.74  ? 172  LEU A O   1 
ATOM   350 C CB  . LEU A 1 42 ? -7.262  -9.338  1.627   1.00 8.57  ? 172  LEU A CB  1 
ATOM   351 C CG  . LEU A 1 42 ? -6.882  -9.388  3.095   1.00 11.09 ? 172  LEU A CG  1 
ATOM   352 C CD1 . LEU A 1 42 ? -7.591  -8.424  3.875   1.00 15.01 ? 172  LEU A CD1 1 
ATOM   353 C CD2 . LEU A 1 42 ? -7.263  -10.791 3.640   1.00 19.28 ? 172  LEU A CD2 1 
ATOM   354 N N   . PRO A 1 43 ? -6.338  -11.039 -1.601  1.00 7.74  ? 173  PRO A N   1 
ATOM   355 C CA  . PRO A 1 43 ? -6.808  -11.114 -2.988  1.00 7.92  ? 173  PRO A CA  1 
ATOM   356 C C   . PRO A 1 43 ? -8.297  -11.388 -3.067  1.00 7.80  ? 173  PRO A C   1 
ATOM   357 O O   . PRO A 1 43 ? -8.836  -12.194 -2.293  1.00 8.99  ? 173  PRO A O   1 
ATOM   358 C CB  . PRO A 1 43 ? -5.970  -12.308 -3.554  1.00 8.82  ? 173  PRO A CB  1 
ATOM   359 C CG  . PRO A 1 43 ? -5.609  -13.099 -2.372  1.00 9.40  ? 173  PRO A CG  1 
ATOM   360 C CD  . PRO A 1 43 ? -5.352  -12.044 -1.264  1.00 8.35  ? 173  PRO A CD  1 
ATOM   361 N N   . CYS A 1 44 ? -8.941  -10.756 -4.030  1.00 7.73  ? 174  CYS A N   1 
ATOM   362 C CA  . CYS A 1 44 ? -10.396 -10.678 -4.180  1.00 8.27  ? 174  CYS A CA  1 
ATOM   363 C C   . CYS A 1 44 ? -10.725 -10.807 -5.646  1.00 8.34  ? 174  CYS A C   1 
ATOM   364 O O   . CYS A 1 44 ? -10.013 -10.278 -6.503  1.00 9.50  ? 174  CYS A O   1 
ATOM   365 C CB  . CYS A 1 44 ? -10.838 -9.274  -3.645  1.00 8.74  ? 174  CYS A CB  1 
ATOM   366 S SG  . CYS A 1 44 ? -12.604 -8.954  -4.016  1.00 8.87  ? 174  CYS A SG  1 
ATOM   367 N N   . GLY A 1 45 ? -11.841 -11.427 -6.029  1.00 9.34  ? 175  GLY A N   1 
ATOM   368 C CA  . GLY A 1 45 ? -12.274 -11.554 -7.314  1.00 10.37 ? 175  GLY A CA  1 
ATOM   369 C C   . GLY A 1 45 ? -11.247 -12.342 -8.120  1.00 9.37  ? 175  GLY A C   1 
ATOM   370 O O   . GLY A 1 45 ? -10.456 -13.165 -7.613  1.00 12.94 ? 175  GLY A O   1 
ATOM   371 N N   . ILE A 1 46 ? -11.196 -11.970 -9.394  1.00 11.31 ? 176  ILE A N   1 
ATOM   372 C CA  . ILE A 1 46 ? -10.213 -12.649 -10.281 1.00 11.91 ? 176  ILE A CA  1 
ATOM   373 C C   . ILE A 1 46 ? -8.900  -11.823 -10.302 1.00 11.76 ? 176  ILE A C   1 
ATOM   374 O O   . ILE A 1 46 ? -7.857  -12.384 -10.658 1.00 13.21 ? 176  ILE A O   1 
ATOM   375 C CB  . ILE A 1 46 ? -10.744 -12.923 -11.641 1.00 13.62 ? 176  ILE A CB  1 
ATOM   376 C CG1 . ILE A 1 46 ? -11.035 -11.599 -12.415 1.00 16.03 ? 176  ILE A CG1 1 
ATOM   377 C CG2 . ILE A 1 46 ? -11.888 -13.842 -11.641 1.00 16.98 ? 176  ILE A CG2 1 
ATOM   378 C CD1 . ILE A 1 46 ? -11.095 -11.990 -13.920 1.00 27.67 ? 176  ILE A CD1 1 
ATOM   379 N N   . ASP A 1 47 ? -8.853  -10.557 -9.996  1.00 11.09 ? 177  ASP A N   1 
ATOM   380 C CA  . ASP A 1 47 ? -7.688  -9.690  -10.235 1.00 11.27 ? 177  ASP A CA  1 
ATOM   381 C C   . ASP A 1 47 ? -7.562  -8.474  -9.260  1.00 9.50  ? 177  ASP A C   1 
ATOM   382 O O   . ASP A 1 47 ? -6.813  -7.567  -9.530  1.00 11.71 ? 177  ASP A O   1 
ATOM   383 C CB  . ASP A 1 47 ? -7.601  -9.193  -11.691 1.00 12.30 ? 177  ASP A CB  1 
ATOM   384 C CG  . ASP A 1 47 ? -8.768  -8.349  -12.067 1.00 12.52 ? 177  ASP A CG  1 
ATOM   385 O OD1 . ASP A 1 47 ? -9.579  -7.957  -11.285 1.00 11.37 ? 177  ASP A OD1 1 
ATOM   386 O OD2 . ASP A 1 47 ? -8.793  -8.056  -13.315 1.00 17.32 ? 177  ASP A OD2 1 
ATOM   387 N N   . LYS A 1 48 ? -8.268  -8.580  -8.127  1.00 8.00  ? 178  LYS A N   1 
ATOM   388 C CA  . LYS A 1 48 ? -8.258  -7.463  -7.199  1.00 7.46  ? 178  LYS A CA  1 
ATOM   389 C C   . LYS A 1 48 ? -7.779  -7.889  -5.828  1.00 7.02  ? 178  LYS A C   1 
ATOM   390 O O   . LYS A 1 48 ? -7.376  -9.051  -5.593  1.00 7.30  ? 178  LYS A O   1 
ATOM   391 C CB  . LYS A 1 48 ? -9.662  -6.801  -7.183  1.00 8.23  ? 178  LYS A CB  1 
ATOM   392 C CG  . LYS A 1 48 ? -9.897  -6.053  -8.499  1.00 8.89  ? 178  LYS A CG  1 
ATOM   393 C CD  . LYS A 1 48 ? -11.290 -5.492  -8.611  1.00 10.79 ? 178  LYS A CD  1 
ATOM   394 C CE  . LYS A 1 48 ? -11.497 -4.843  -10.059 1.00 12.05 ? 178  LYS A CE  1 
ATOM   395 N NZ  . LYS A 1 48 ? -11.572 -5.894  -11.083 1.00 12.08 ? 178  LYS A NZ  1 
ATOM   396 N N   . PHE A 1 49 ? -7.750  -6.924  -4.899  1.00 6.97  ? 179  PHE A N   1 
ATOM   397 C CA  . PHE A 1 49 ? -7.166  -7.062  -3.590  1.00 6.81  ? 179  PHE A CA  1 
ATOM   398 C C   . PHE A 1 49 ? -7.882  -6.110  -2.665  1.00 6.82  ? 179  PHE A C   1 
ATOM   399 O O   . PHE A 1 49 ? -8.483  -5.126  -3.096  1.00 7.35  ? 179  PHE A O   1 
ATOM   400 C CB  . PHE A 1 49 ? -5.662  -6.663  -3.582  1.00 7.38  ? 179  PHE A CB  1 
ATOM   401 C CG  . PHE A 1 49 ? -4.851  -7.404  -4.641  1.00 7.25  ? 179  PHE A CG  1 
ATOM   402 C CD1 . PHE A 1 49 ? -4.732  -6.860  -5.934  1.00 8.10  ? 179  PHE A CD1 1 
ATOM   403 C CD2 . PHE A 1 49 ? -4.234  -8.594  -4.369  1.00 7.75  ? 179  PHE A CD2 1 
ATOM   404 C CE1 . PHE A 1 49 ? -4.017  -7.501  -6.901  1.00 8.79  ? 179  PHE A CE1 1 
ATOM   405 C CE2 . PHE A 1 49 ? -3.513  -9.249  -5.320  1.00 8.64  ? 179  PHE A CE2 1 
ATOM   406 C CZ  . PHE A 1 49 ? -3.409  -8.686  -6.603  1.00 9.65  ? 179  PHE A CZ  1 
ATOM   407 N N   . ARG A 1 50 ? -7.757  -6.345  -1.347  1.00 7.17  ? 180  ARG A N   1 
ATOM   408 C CA  . ARG A 1 50 ? -8.399  -5.492  -0.337  1.00 6.89  ? 180  ARG A CA  1 
ATOM   409 C C   . ARG A 1 50 ? -7.418  -4.738  0.517   1.00 7.28  ? 180  ARG A C   1 
ATOM   410 O O   . ARG A 1 50 ? -7.870  -4.016  1.428   1.00 8.16  ? 180  ARG A O   1 
ATOM   411 C CB  . ARG A 1 50 ? -9.392  -6.280  0.485   1.00 7.48  ? 180  ARG A CB  1 
ATOM   412 C CG  . ARG A 1 50 ? -10.605 -6.673  -0.333  1.00 8.18  ? 180  ARG A CG  1 
ATOM   413 C CD  . ARG A 1 50 ? -11.388 -7.809  0.262   1.00 8.27  ? 180  ARG A CD  1 
ATOM   414 N NE  . ARG A 1 50 ? -10.620 -9.066  0.025   1.00 8.13  ? 180  ARG A NE  1 
ATOM   415 C CZ  . ARG A 1 50 ? -11.131 -10.246 0.161   1.00 8.57  ? 180  ARG A CZ  1 
ATOM   416 N NH1 . ARG A 1 50 ? -12.391 -10.419 0.576   1.00 10.41 ? 180  ARG A NH1 1 
ATOM   417 N NH2 . ARG A 1 50 ? -10.377 -11.317 -0.141  1.00 10.85 ? 180  ARG A NH2 1 
ATOM   418 N N   . GLY A 1 51 ? -6.116  -4.737  0.221   1.00 7.28  ? 181  GLY A N   1 
ATOM   419 C CA  . GLY A 1 51 ? -5.231  -3.891  0.951   1.00 7.47  ? 181  GLY A CA  1 
ATOM   420 C C   . GLY A 1 51 ? -3.803  -4.002  0.432   1.00 7.31  ? 181  GLY A C   1 
ATOM   421 O O   . GLY A 1 51 ? -3.528  -4.632  -0.557  1.00 7.08  ? 181  GLY A O   1 
ATOM   422 N N   . VAL A 1 52 ? -2.938  -3.333  1.217   1.00 7.29  ? 182  VAL A N   1 
ATOM   423 C CA  . VAL A 1 52 ? -1.503  -3.243  0.864   1.00 7.01  ? 182  VAL A CA  1 
ATOM   424 C C   . VAL A 1 52 ? -0.747  -3.073  2.166   1.00 7.08  ? 182  VAL A C   1 
ATOM   425 O O   . VAL A 1 52 ? -1.148  -2.373  3.086   1.00 8.22  ? 182  VAL A O   1 
ATOM   426 C CB  . VAL A 1 52 ? -1.281  -2.118  -0.137  1.00 7.68  ? 182  VAL A CB  1 
ATOM   427 C CG1 . VAL A 1 52 ? -1.576  -0.720  0.414   1.00 8.32  ? 182  VAL A CG1 1 
ATOM   428 C CG2 . VAL A 1 52 ? 0.151   -2.178  -0.720  1.00 9.03  ? 182  VAL A CG2 1 
ATOM   429 N N   A GLU A 1 53 ? 0.350   -3.775  2.309   0.55 6.99  ? 183  GLU A N   1 
ATOM   430 N N   B GLU A 1 53 ? 0.494   -3.727  2.160   0.45 6.80  ? 183  GLU A N   1 
ATOM   431 C CA  A GLU A 1 53 ? 1.332   -3.381  3.320   0.55 7.27  ? 183  GLU A CA  1 
ATOM   432 C CA  B GLU A 1 53 ? 1.542   -3.691  3.208   0.45 7.18  ? 183  GLU A CA  1 
ATOM   433 C C   A GLU A 1 53 ? 2.515   -2.839  2.616   0.55 6.73  ? 183  GLU A C   1 
ATOM   434 C C   B GLU A 1 53 ? 2.817   -3.058  2.485   0.45 6.63  ? 183  GLU A C   1 
ATOM   435 O O   A GLU A 1 53 ? 2.760   -3.158  1.406   0.55 6.97  ? 183  GLU A O   1 
ATOM   436 O O   B GLU A 1 53 ? 3.182   -3.460  1.498   0.45 7.27  ? 183  GLU A O   1 
ATOM   437 C CB  A GLU A 1 53 ? 1.636   -4.564  4.224   0.55 8.07  ? 183  GLU A CB  1 
ATOM   438 C CB  B GLU A 1 53 ? 1.904   -5.008  3.846   0.45 7.30  ? 183  GLU A CB  1 
ATOM   439 C CG  A GLU A 1 53 ? 2.343   -5.683  3.481   0.55 9.50  ? 183  GLU A CG  1 
ATOM   440 C CG  B GLU A 1 53 ? 0.996   -5.238  5.108   0.45 7.36  ? 183  GLU A CG  1 
ATOM   441 C CD  A GLU A 1 53 ? 2.743   -6.829  4.385   0.55 10.75 ? 183  GLU A CD  1 
ATOM   442 C CD  B GLU A 1 53 ? 1.127   -6.607  5.718   0.45 8.20  ? 183  GLU A CD  1 
ATOM   443 O OE1 A GLU A 1 53 ? 3.840   -7.474  4.150   0.55 12.59 ? 183  GLU A OE1 1 
ATOM   444 O OE1 B GLU A 1 53 ? 0.351   -6.738  6.808   0.45 10.39 ? 183  GLU A OE1 1 
ATOM   445 O OE2 A GLU A 1 53 ? 1.984   -7.146  5.376   0.55 11.46 ? 183  GLU A OE2 1 
ATOM   446 O OE2 B GLU A 1 53 ? 1.756   -7.418  5.293   0.45 10.31 ? 183  GLU A OE2 1 
ATOM   447 N N   . PHE A 1 54 ? 3.318   -1.981  3.215   1.00 7.11  ? 184  PHE A N   1 
ATOM   448 C CA  . PHE A 1 54 ? 4.314   -1.233  2.478   1.00 7.14  ? 184  PHE A CA  1 
ATOM   449 C C   . PHE A 1 54 ? 5.312   -0.580  3.451   1.00 7.16  ? 184  PHE A C   1 
ATOM   450 O O   . PHE A 1 54 ? 5.050   -0.396  4.609   1.00 7.51  ? 184  PHE A O   1 
ATOM   451 C CB  . PHE A 1 54 ? 3.644   -0.196  1.571   1.00 7.44  ? 184  PHE A CB  1 
ATOM   452 C CG  . PHE A 1 54 ? 2.677   0.791   2.210   1.00 7.39  ? 184  PHE A CG  1 
ATOM   453 C CD1 . PHE A 1 54 ? 1.404   0.391   2.549   1.00 8.11  ? 184  PHE A CD1 1 
ATOM   454 C CD2 . PHE A 1 54 ? 3.057   2.094   2.456   1.00 8.12  ? 184  PHE A CD2 1 
ATOM   455 C CE1 . PHE A 1 54 ? 0.506   1.289   3.135   1.00 8.78  ? 184  PHE A CE1 1 
ATOM   456 C CE2 . PHE A 1 54 ? 2.168   2.995   3.037   1.00 9.14  ? 184  PHE A CE2 1 
ATOM   457 C CZ  . PHE A 1 54 ? 0.878   2.580   3.375   1.00 9.14  ? 184  PHE A CZ  1 
ATOM   458 N N   . VAL A 1 55 ? 6.478   -0.260  2.859   1.00 7.17  ? 185  VAL A N   1 
ATOM   459 C CA  . VAL A 1 55 ? 7.575   0.299   3.593   1.00 7.20  ? 185  VAL A CA  1 
ATOM   460 C C   . VAL A 1 55 ? 7.931   1.648   2.972   1.00 7.18  ? 185  VAL A C   1 
ATOM   461 O O   . VAL A 1 55 ? 8.268   1.723   1.784   1.00 8.01  ? 185  VAL A O   1 
ATOM   462 C CB  . VAL A 1 55 ? 8.819   -0.629  3.613   1.00 7.58  ? 185  VAL A CB  1 
ATOM   463 C CG1 . VAL A 1 55 ? 9.928   0.031   4.380   1.00 8.23  ? 185  VAL A CG1 1 
ATOM   464 C CG2 . VAL A 1 55 ? 8.446   -1.992  4.232   1.00 9.72  ? 185  VAL A CG2 1 
ATOM   465 N N   . CYS A 1 56 ? 7.829   2.677   3.833   1.00 7.01  ? 186  CYS A N   1 
ATOM   466 C CA  . CYS A 1 56 ? 8.142   4.049   3.471   1.00 7.65  ? 186  CYS A CA  1 
ATOM   467 C C   . CYS A 1 56 ? 9.519   4.403   4.038   1.00 7.87  ? 186  CYS A C   1 
ATOM   468 O O   . CYS A 1 56 ? 9.739   4.202   5.215   1.00 9.98  ? 186  CYS A O   1 
ATOM   469 C CB  . CYS A 1 56 ? 7.141   5.011   4.079   1.00 7.95  ? 186  CYS A CB  1 
ATOM   470 S SG  . CYS A 1 56 ? 5.400   4.751   3.640   1.00 7.94  ? 186  CYS A SG  1 
ATOM   471 N N   . CYS A 1 57 ? 10.405  4.954   3.224   1.00 7.99  ? 187  CYS A N   1 
ATOM   472 C CA  . CYS A 1 57 ? 11.761  5.266   3.701   1.00 8.27  ? 187  CYS A CA  1 
ATOM   473 C C   . CYS A 1 57 ? 12.067  6.742   3.559   1.00 8.51  ? 187  CYS A C   1 
ATOM   474 O O   . CYS A 1 57 ? 11.500  7.451   2.764   1.00 9.17  ? 187  CYS A O   1 
ATOM   475 C CB  . CYS A 1 57 ? 12.766  4.440   2.949   1.00 9.14  ? 187  CYS A CB  1 
ATOM   476 S SG  . CYS A 1 57 ? 12.661  2.635   3.284   1.00 9.27  ? 187  CYS A SG  1 
ATOM   477 N N   . PRO A 1 58 ? 13.014  7.193   4.384   1.00 10.35 ? 188  PRO A N   1 
ATOM   478 C CA  . PRO A 1 58 ? 13.375  8.633   4.366   1.00 10.90 ? 188  PRO A CA  1 
ATOM   479 C C   . PRO A 1 58 ? 13.741  9.086   3.016   1.00 12.43 ? 188  PRO A C   1 
ATOM   480 O O   . PRO A 1 58 ? 14.344  8.408   2.231   1.00 15.13 ? 188  PRO A O   1 
ATOM   481 C CB  . PRO A 1 58 ? 14.624  8.655   5.312   1.00 14.84 ? 188  PRO A CB  1 
ATOM   482 C CG  . PRO A 1 58 ? 14.373  7.533   6.255   1.00 15.81 ? 188  PRO A CG  1 
ATOM   483 C CD  . PRO A 1 58 ? 13.801  6.474   5.418   1.00 13.47 ? 188  PRO A CD  1 
ATOM   484 N N   . LEU A 1 59 ? 13.378  10.413  2.807   1.00 15.68 ? 189  LEU A N   1 
ATOM   485 C CA  . LEU A 1 59 ? 13.611  11.127  1.630   1.00 19.40 ? 189  LEU A CA  1 
ATOM   486 C C   . LEU A 1 59 ? 15.124  11.198  1.418   1.00 21.38 ? 189  LEU A C   1 
ATOM   487 O O   . LEU A 1 59 ? 15.518  11.448  0.241   1.00 23.37 ? 189  LEU A O   1 
ATOM   488 C CB  . LEU A 1 59 ? 12.961  12.579  1.691   1.00 21.28 ? 189  LEU A CB  1 
ATOM   489 C CG  . LEU A 1 59 ? 11.537  12.717  2.025   1.00 19.53 ? 189  LEU A CG  1 
ATOM   490 C CD1 . LEU A 1 59 ? 11.244  14.189  2.353   1.00 29.01 ? 189  LEU A CD1 1 
ATOM   491 C CD2 . LEU A 1 59 ? 10.814  12.038  0.795   1.00 24.12 ? 189  LEU A CD2 1 
ATOM   492 O OXT . LEU A 1 59 ? 16.146  10.986  2.437   1.00 22.79 ? 189  LEU A OXT 1 
HETATM 493 C C1  . GOL B 2 .  ? -0.192  -7.886  -13.395 1.00 14.69 ? 1001 GOL A C1  1 
HETATM 494 O O1  . GOL B 2 .  ? 0.022   -7.448  -14.747 1.00 15.38 ? 1001 GOL A O1  1 
HETATM 495 C C2  . GOL B 2 .  ? -0.324  -6.624  -12.456 1.00 13.19 ? 1001 GOL A C2  1 
HETATM 496 O O2  . GOL B 2 .  ? -0.419  -7.018  -11.133 1.00 11.01 ? 1001 GOL A O2  1 
HETATM 497 C C3  . GOL B 2 .  ? -1.471  -5.635  -12.844 1.00 14.06 ? 1001 GOL A C3  1 
HETATM 498 O O3  . GOL B 2 .  ? -1.289  -4.415  -12.185 1.00 16.27 ? 1001 GOL A O3  1 
HETATM 499 O O   . HOH C 3 .  ? -6.474  -0.470  -12.371 1.00 8.37  ? 2001 HOH A O   1 
HETATM 500 O O   . HOH C 3 .  ? -15.704 -6.849  3.455   1.00 8.69  ? 2002 HOH A O   1 
HETATM 501 O O   . HOH C 3 .  ? -7.930  2.467   -0.615  1.00 10.20 ? 2003 HOH A O   1 
HETATM 502 O O   . HOH C 3 .  ? -4.746  -5.946  -10.223 1.00 9.68  ? 2004 HOH A O   1 
HETATM 503 O O   . HOH C 3 .  ? -3.481  -2.999  -11.744 1.00 9.70  ? 2005 HOH A O   1 
HETATM 504 O O   . HOH C 3 .  ? 9.061   11.499  7.868   1.00 9.89  ? 2006 HOH A O   1 
HETATM 505 O O   . HOH C 3 .  ? 6.163   7.487   -2.241  1.00 10.66 ? 2007 HOH A O   1 
HETATM 506 O O   . HOH C 3 .  ? -1.125  5.982   -10.185 1.00 11.79 ? 2008 HOH A O   1 
HETATM 507 O O   . HOH C 3 .  ? -10.478 -6.350  4.107   1.00 11.42 ? 2009 HOH A O   1 
HETATM 508 O O   . HOH C 3 .  ? 10.254  3.002   11.983  1.00 12.87 ? 2010 HOH A O   1 
HETATM 509 O O   . HOH C 3 .  ? -10.290 -15.159 -5.708  1.00 12.38 ? 2011 HOH A O   1 
HETATM 510 O O   . HOH C 3 .  ? -4.290  7.600   -2.763  1.00 13.96 ? 2012 HOH A O   1 
HETATM 511 O O   . HOH C 3 .  ? 8.206   -7.596  -1.139  1.00 14.36 ? 2013 HOH A O   1 
HETATM 512 O O   . HOH C 3 .  ? 5.557   -7.309  -3.933  1.00 14.64 ? 2014 HOH A O   1 
HETATM 513 O O   . HOH C 3 .  ? -2.561  14.957  1.096   1.00 16.77 ? 2015 HOH A O   1 
HETATM 514 O O   . HOH C 3 .  ? 0.172   12.095  -1.214  1.00 14.93 ? 2016 HOH A O   1 
HETATM 515 O O   . HOH C 3 .  ? -5.331  9.520   -5.269  1.00 15.55 ? 2017 HOH A O   1 
HETATM 516 O O   . HOH C 3 .  ? 12.448  4.843   -0.333  1.00 15.09 ? 2018 HOH A O   1 
HETATM 517 O O   . HOH C 3 .  ? 2.398   -0.098  11.166  1.00 13.85 ? 2019 HOH A O   1 
HETATM 518 O O   . HOH C 3 .  ? 9.965   6.815   9.163   1.00 15.97 ? 2020 HOH A O   1 
HETATM 519 O O   . HOH C 3 .  ? 13.746  7.457   -0.346  1.00 17.93 ? 2021 HOH A O   1 
HETATM 520 O O   . HOH C 3 .  ? 7.407   11.727  -1.413  1.00 19.64 ? 2022 HOH A O   1 
HETATM 521 O O   . HOH C 3 .  ? -3.401  7.116   -0.208  1.00 16.44 ? 2023 HOH A O   1 
HETATM 522 O O   . HOH C 3 .  ? -3.246  -11.404 2.273   1.00 26.51 ? 2024 HOH A O   1 
HETATM 523 O O   . HOH C 3 .  ? 12.142  11.635  5.368   1.00 19.23 ? 2025 HOH A O   1 
HETATM 524 O O   . HOH C 3 .  ? -9.070  -7.944  7.895   1.00 17.43 ? 2026 HOH A O   1 
HETATM 525 O O   . HOH C 3 .  ? -10.859 -8.276  -15.115 1.00 18.47 ? 2027 HOH A O   1 
HETATM 526 O O   . HOH C 3 .  ? -2.610  2.157   7.952   1.00 28.10 ? 2028 HOH A O   1 
HETATM 527 O O   . HOH C 3 .  ? -9.766  -14.701 -3.014  1.00 15.92 ? 2029 HOH A O   1 
HETATM 528 O O   . HOH C 3 .  ? -10.803 -1.551  -9.858  1.00 21.97 ? 2030 HOH A O   1 
HETATM 529 O O   . HOH C 3 .  ? 3.406   10.297  -4.183  1.00 24.83 ? 2031 HOH A O   1 
HETATM 530 O O   . HOH C 3 .  ? -1.293  3.743   6.112   1.00 23.65 ? 2032 HOH A O   1 
HETATM 531 O O   . HOH C 3 .  ? 12.179  6.244   12.619  1.00 26.80 ? 2033 HOH A O   1 
HETATM 532 O O   . HOH C 3 .  ? -13.126 2.042   3.434   1.00 20.43 ? 2034 HOH A O   1 
HETATM 533 O O   . HOH C 3 .  ? -18.670 -4.176  2.522   1.00 22.63 ? 2035 HOH A O   1 
HETATM 534 O O   . HOH C 3 .  ? -9.992  -4.598  -13.433 1.00 22.94 ? 2036 HOH A O   1 
HETATM 535 O O   . HOH C 3 .  ? -13.443 -8.292  6.767   1.00 15.95 ? 2037 HOH A O   1 
HETATM 536 O O   . HOH C 3 .  ? -7.706  5.138   -1.030  1.00 14.01 ? 2038 HOH A O   1 
HETATM 537 O O   . HOH C 3 .  ? 10.363  -8.883  -0.098  1.00 17.17 ? 2039 HOH A O   1 
HETATM 538 O O   . HOH C 3 .  ? -8.504  -0.871  -14.183 1.00 12.32 ? 2040 HOH A O   1 
HETATM 539 O O   . HOH C 3 .  ? 0.209   16.265  -2.191  1.00 28.26 ? 2041 HOH A O   1 
HETATM 540 O O   . HOH C 3 .  ? -7.654  2.206   2.095   1.00 20.95 ? 2042 HOH A O   1 
HETATM 541 O O   . HOH C 3 .  ? -5.692  5.798   1.044   1.00 20.36 ? 2043 HOH A O   1 
HETATM 542 O O   . HOH C 3 .  ? 15.826  6.187   2.476   1.00 22.41 ? 2044 HOH A O   1 
HETATM 543 O O   . HOH C 3 .  ? 13.517  3.571   -2.486  1.00 18.91 ? 2045 HOH A O   1 
HETATM 544 O O   . HOH C 3 .  ? 5.895   -1.858  -8.857  1.00 25.28 ? 2046 HOH A O   1 
HETATM 545 O O   . HOH C 3 .  ? 2.535   14.830  -3.723  1.00 29.90 ? 2047 HOH A O   1 
HETATM 546 O O   . HOH C 3 .  ? -3.140  8.037   3.447   1.00 23.30 ? 2048 HOH A O   1 
HETATM 547 O O   . HOH C 3 .  ? 1.230   0.206   -10.452 1.00 27.08 ? 2049 HOH A O   1 
HETATM 548 O O   . HOH C 3 .  ? 13.772  11.944  -1.812  1.00 25.14 ? 2050 HOH A O   1 
HETATM 549 O O   . HOH C 3 .  ? -13.268 -2.073  -7.948  1.00 28.24 ? 2051 HOH A O   1 
HETATM 550 O O   . HOH C 3 .  ? 15.632  7.615   -2.295  1.00 29.36 ? 2052 HOH A O   1 
HETATM 551 O O   . HOH C 3 .  ? 6.333   -0.391  12.933  1.00 22.23 ? 2053 HOH A O   1 
HETATM 552 O O   . HOH C 3 .  ? 9.306   6.203   -4.162  1.00 28.12 ? 2054 HOH A O   1 
HETATM 553 O O   . HOH C 3 .  ? -12.832 -4.934  -13.612 1.00 35.43 ? 2055 HOH A O   1 
HETATM 554 O O   . HOH C 3 .  ? -7.783  -5.187  -13.659 1.00 28.34 ? 2056 HOH A O   1 
HETATM 555 O O   . HOH C 3 .  ? 6.833   2.429   -6.166  1.00 34.64 ? 2057 HOH A O   1 
HETATM 556 O O   . HOH C 3 .  ? -7.896  -13.110 0.508   1.00 32.65 ? 2058 HOH A O   1 
HETATM 557 O O   . HOH C 3 .  ? 9.159   -11.476 -0.082  1.00 13.06 ? 2059 HOH A O   1 
HETATM 558 O O   . HOH C 3 .  ? -0.382  14.737  -0.299  1.00 17.30 ? 2060 HOH A O   1 
HETATM 559 O O   . HOH C 3 .  ? 1.111   12.383  -3.698  1.00 20.16 ? 2061 HOH A O   1 
HETATM 560 O O   . HOH C 3 .  ? -4.142  -13.727 2.352   1.00 24.45 ? 2062 HOH A O   1 
HETATM 561 O O   . HOH C 3 .  ? -10.619 -1.853  -13.046 1.00 26.53 ? 2063 HOH A O   1 
HETATM 562 O O   . HOH C 3 .  ? -2.861  9.857   0.196   1.00 25.76 ? 2064 HOH A O   1 
HETATM 563 O O   . HOH C 3 .  ? -11.157 -16.979 -9.323  1.00 31.21 ? 2065 HOH A O   1 
HETATM 564 O O   . HOH C 3 .  ? -7.725  -10.318 7.646   1.00 27.79 ? 2066 HOH A O   1 
HETATM 565 O O   . HOH C 3 .  ? -2.907  -4.165  -16.660 1.00 15.62 ? 2067 HOH A O   1 
HETATM 566 O O   . HOH C 3 .  ? -9.615  -3.726  -17.454 1.00 19.32 ? 2068 HOH A O   1 
HETATM 567 O O   . HOH C 3 .  ? -2.061  15.796  -3.674  1.00 26.87 ? 2069 HOH A O   1 
HETATM 568 O O   . HOH C 3 .  ? -9.237  -12.175 6.134   1.00 19.63 ? 2070 HOH A O   1 
HETATM 569 O O   . HOH C 3 .  ? 2.056   -7.823  -4.149  1.00 9.93  ? 2071 HOH A O   1 
HETATM 570 O O   . HOH C 3 .  ? -6.723  -16.138 -0.226  1.00 31.84 ? 2072 HOH A O   1 
HETATM 571 O O   . HOH C 3 .  ? -3.847  -10.154 5.262   1.00 29.71 ? 2073 HOH A O   1 
HETATM 572 O O   . HOH C 3 .  ? -5.639  -8.500  7.162   1.00 19.57 ? 2074 HOH A O   1 
HETATM 573 O O   . HOH C 3 .  ? 7.083   13.530  0.778   1.00 25.91 ? 2075 HOH A O   1 
HETATM 574 O O   . HOH C 3 .  ? -6.991  -14.437 -11.185 1.00 19.83 ? 2076 HOH A O   1 
HETATM 575 O O   . HOH C 3 .  ? -1.048  9.864   5.863   1.00 23.01 ? 2077 HOH A O   1 
HETATM 576 O O   . HOH C 3 .  ? -19.891 -1.670  0.559   1.00 33.94 ? 2078 HOH A O   1 
HETATM 577 O O   . HOH C 3 .  ? 1.282   4.410   -10.797 1.00 35.46 ? 2079 HOH A O   1 
HETATM 578 O O   . HOH C 3 .  ? 0.215   9.664   -7.293  1.00 29.07 ? 2080 HOH A O   1 
HETATM 579 O O   . HOH C 3 .  ? 0.316   8.238   -9.176  1.00 44.19 ? 2081 HOH A O   1 
HETATM 580 O O   . HOH C 3 .  ? 7.331   4.830   -8.335  1.00 50.47 ? 2082 HOH A O   1 
HETATM 581 O O   . HOH C 3 .  ? 2.007   -3.318  8.258   1.00 30.91 ? 2083 HOH A O   1 
HETATM 582 O O   . HOH C 3 .  ? 1.811   -6.900  9.727   1.00 38.40 ? 2084 HOH A O   1 
HETATM 583 O O   . HOH C 3 .  ? 0.325   -2.083  -11.658 1.00 34.08 ? 2085 HOH A O   1 
HETATM 584 O O   . HOH C 3 .  ? -2.679  11.857  -1.972  1.00 29.69 ? 2086 HOH A O   1 
HETATM 585 O O   . HOH C 3 .  ? -11.964 -15.999 -14.701 1.00 43.98 ? 2087 HOH A O   1 
HETATM 586 O O   . HOH C 3 .  ? 9.633   -4.926  1.589   1.00 15.25 ? 2088 HOH A O   1 
HETATM 587 O O   . HOH C 3 .  ? 3.022   -5.688  -5.336  1.00 20.35 ? 2089 HOH A O   1 
HETATM 588 O O   . HOH C 3 .  ? 5.532   -2.925  12.456  1.00 36.09 ? 2090 HOH A O   1 
HETATM 589 O O   . HOH C 3 .  ? 2.090   14.490  -0.343  1.00 49.42 ? 2091 HOH A O   1 
HETATM 590 O O   . HOH C 3 .  ? -18.106 -0.256  -4.985  1.00 28.02 ? 2092 HOH A O   1 
HETATM 591 O O   . HOH C 3 .  ? -7.902  -14.073 5.331   1.00 27.77 ? 2093 HOH A O   1 
HETATM 592 O O   . HOH C 3 .  ? 15.310  11.273  7.727   1.00 34.68 ? 2094 HOH A O   1 
HETATM 593 O O   . HOH C 3 .  ? -1.378  5.941   7.519   1.00 29.94 ? 2095 HOH A O   1 
HETATM 594 O O   . HOH C 3 .  ? 7.741   -0.097  -8.306  1.00 29.62 ? 2096 HOH A O   1 
HETATM 595 O O   . HOH C 3 .  ? -5.297  3.436   7.261   1.00 32.60 ? 2097 HOH A O   1 
HETATM 596 O O   . HOH C 3 .  ? -17.320 2.092   -1.261  1.00 30.10 ? 2098 HOH A O   1 
HETATM 597 O O   . HOH C 3 .  ? -6.119  -13.419 -13.007 1.00 25.05 ? 2099 HOH A O   1 
HETATM 598 O O   . HOH C 3 .  ? 5.248   4.120   -10.119 1.00 39.21 ? 2100 HOH A O   1 
HETATM 599 O O   . HOH C 3 .  ? 2.354   -3.014  11.291  1.00 32.11 ? 2101 HOH A O   1 
HETATM 600 O O   . HOH C 3 .  ? 8.906   2.401   -4.989  1.00 31.18 ? 2102 HOH A O   1 
HETATM 601 O O   . HOH C 3 .  ? 12.065  0.663   -4.801  1.00 31.79 ? 2103 HOH A O   1 
HETATM 602 O O   . HOH C 3 .  ? 7.430   10.060  -5.496  1.00 51.51 ? 2104 HOH A O   1 
HETATM 603 O O   . HOH C 3 .  ? 10.486  12.114  -3.647  1.00 35.75 ? 2105 HOH A O   1 
HETATM 604 O O   . HOH C 3 .  ? -6.445  -14.294 3.527   1.00 39.18 ? 2106 HOH A O   1 
HETATM 605 O O   . HOH C 3 .  ? -8.794  -15.181 0.427   1.00 28.04 ? 2107 HOH A O   1 
HETATM 606 O O   . HOH C 3 .  ? -13.627 3.580   -4.035  1.00 32.79 ? 2108 HOH A O   1 
HETATM 607 O O   . HOH C 3 .  ? -1.623  -9.220  7.002   1.00 36.98 ? 2109 HOH A O   1 
HETATM 608 O O   . HOH C 3 .  ? 5.656   -4.959  -5.217  1.00 31.39 ? 2110 HOH A O   1 
HETATM 609 O O   . HOH C 3 .  ? -3.098  -6.741  10.439  1.00 53.62 ? 2111 HOH A O   1 
HETATM 610 O O   . HOH C 3 .  ? 15.727  2.330   -2.721  1.00 50.81 ? 2112 HOH A O   1 
HETATM 611 O O   . HOH C 3 .  ? -12.135 4.399   2.787   1.00 40.38 ? 2113 HOH A O   1 
HETATM 612 O O   . HOH C 3 .  ? -4.039  5.897   5.939   1.00 47.74 ? 2114 HOH A O   1 
HETATM 613 O O   . HOH C 3 .  ? 0.849   -9.479  6.476   1.00 34.15 ? 2115 HOH A O   1 
# 
loop_
_atom_site_anisotrop.id 
_atom_site_anisotrop.type_symbol 
_atom_site_anisotrop.pdbx_label_atom_id 
_atom_site_anisotrop.pdbx_label_alt_id 
_atom_site_anisotrop.pdbx_label_comp_id 
_atom_site_anisotrop.pdbx_label_asym_id 
_atom_site_anisotrop.pdbx_label_seq_id 
_atom_site_anisotrop.pdbx_PDB_ins_code 
_atom_site_anisotrop.U[1][1] 
_atom_site_anisotrop.U[2][2] 
_atom_site_anisotrop.U[3][3] 
_atom_site_anisotrop.U[1][2] 
_atom_site_anisotrop.U[1][3] 
_atom_site_anisotrop.U[2][3] 
_atom_site_anisotrop.pdbx_auth_seq_id 
_atom_site_anisotrop.pdbx_auth_comp_id 
_atom_site_anisotrop.pdbx_auth_asym_id 
_atom_site_anisotrop.pdbx_auth_atom_id 
1   N N   . GLU A 1  ? 0.3080 0.1947 0.4055 0.0073  -0.1968 -0.0363 131  GLU A N   
2   C CA  . GLU A 1  ? 0.3569 0.1721 0.4308 0.0250  -0.2573 -0.0811 131  GLU A CA  
3   C C   . GLU A 1  ? 0.2279 0.1467 0.3957 0.0216  -0.1414 -0.0198 131  GLU A C   
4   O O   . GLU A 1  ? 0.1773 0.2446 0.6262 0.0325  -0.0680 0.0294  131  GLU A O   
5   C CB  . GLU A 1  ? 0.2899 0.1480 0.4130 0.0298  -0.1926 -0.0644 131  GLU A CB  
6   C CG  . GLU A 1  ? 0.2589 0.1606 0.2171 0.0264  -0.0921 -0.0286 131  GLU A CG  
7   C CD  . GLU A 1  ? 0.1801 0.2187 0.1980 0.0017  -0.0245 0.0197  131  GLU A CD  
8   O OE1 . GLU A 1  ? 0.2663 0.2037 0.2322 -0.0330 0.0011  -0.0008 131  GLU A OE1 
9   O OE2 . GLU A 1  ? 0.1695 0.1632 0.1924 0.0432  -0.0208 -0.0011 131  GLU A OE2 
10  N N   . ALA A 2  ? 0.2218 0.1806 0.2722 -0.0022 -0.1210 -0.0831 132  ALA A N   
11  C CA  . ALA A 2  ? 0.1203 0.1629 0.1772 0.0094  -0.0597 -0.0531 132  ALA A CA  
12  C C   . ALA A 2  ? 0.1252 0.1221 0.1718 0.0192  -0.0530 -0.0467 132  ALA A C   
13  O O   . ALA A 2  ? 0.1978 0.1634 0.2454 0.0880  -0.1086 -0.1074 132  ALA A O   
14  C CB  . ALA A 2  ? 0.1820 0.2107 0.1406 0.0598  -0.0506 -0.0371 132  ALA A CB  
15  N N   . CYS A 3  ? 0.0872 0.1043 0.1224 0.0131  -0.0208 -0.0270 133  CYS A N   
16  C CA  . CYS A 3  ? 0.0887 0.1052 0.1156 -0.0010 -0.0217 -0.0051 133  CYS A CA  
17  C C   . CYS A 3  ? 0.0967 0.1029 0.0978 0.0059  -0.0191 -0.0100 133  CYS A C   
18  O O   . CYS A 3  ? 0.1132 0.1440 0.1013 0.0283  -0.0132 -0.0024 133  CYS A O   
19  C CB  . CYS A 3  ? 0.1010 0.1202 0.0999 -0.0189 -0.0076 -0.0057 133  CYS A CB  
20  S SG  . CYS A 3  ? 0.0956 0.1237 0.1128 0.0060  -0.0036 -0.0062 133  CYS A SG  
21  N N   . LYS A 4  ? 0.0891 0.1138 0.0967 -0.0085 -0.0179 -0.0010 134  LYS A N   
22  C CA  . LYS A 4  ? 0.0964 0.1177 0.0856 -0.0050 -0.0069 -0.0094 134  LYS A CA  
23  C C   . LYS A 4  ? 0.0839 0.1035 0.0910 0.0019  -0.0105 -0.0116 134  LYS A C   
24  O O   . LYS A 4  ? 0.0994 0.1153 0.0889 -0.0083 -0.0134 -0.0039 134  LYS A O   
25  C CB  . LYS A 4  ? 0.1193 0.1024 0.1137 -0.0096 0.0039  -0.0163 134  LYS A CB  
26  C CG  . LYS A 4  ? 0.1192 0.1133 0.1221 -0.0114 0.0137  -0.0245 134  LYS A CG  
27  C CD  . LYS A 4  ? 0.1706 0.1913 0.1034 -0.0470 0.0077  -0.0202 134  LYS A CD  
28  C CE  . LYS A 4  ? 0.1662 0.1990 0.1466 0.0141  0.0426  -0.0003 134  LYS A CE  
29  N NZ  . LYS A 4  ? 0.3380 0.3913 0.1323 -0.0769 0.0278  0.0696  134  LYS A NZ  
30  N N   . PHE A 5  ? 0.0920 0.1099 0.0892 -0.0005 -0.0129 -0.0033 135  PHE A N   
31  C CA  . PHE A 5  ? 0.0880 0.1128 0.0821 -0.0012 -0.0101 -0.0075 135  PHE A CA  
32  C C   . PHE A 5  ? 0.0888 0.1187 0.0884 -0.0070 -0.0113 -0.0123 135  PHE A C   
33  O O   . PHE A 5  ? 0.1065 0.1695 0.0850 -0.0136 -0.0056 -0.0202 135  PHE A O   
34  C CB  . PHE A 5  ? 0.1063 0.1150 0.1040 -0.0096 -0.0239 0.0025  135  PHE A CB  
35  C CG  . PHE A 5  ? 0.1063 0.1157 0.1075 -0.0034 -0.0185 0.0026  135  PHE A CG  
36  C CD1 . PHE A 5  ? 0.2388 0.1661 0.1327 -0.0816 0.0349  -0.0290 135  PHE A CD1 
37  C CD2 . PHE A 5  ? 0.1334 0.1304 0.1226 0.0021  -0.0346 -0.0221 135  PHE A CD2 
38  C CE1 . PHE A 5  ? 0.3572 0.1864 0.1529 -0.1328 0.0209  -0.0145 135  PHE A CE1 
39  C CE2 . PHE A 5  ? 0.1236 0.1371 0.1427 0.0012  -0.0373 -0.0185 135  PHE A CE2 
40  C CZ  . PHE A 5  ? 0.2102 0.1523 0.1586 -0.0473 -0.0354 -0.0146 135  PHE A CZ  
41  N N   . LEU A 6  ? 0.0794 0.1113 0.0912 -0.0029 -0.0060 -0.0151 136  LEU A N   
42  C CA  . LEU A 6  ? 0.0872 0.1363 0.0939 0.0055  -0.0092 -0.0246 136  LEU A CA  
43  C C   . LEU A 6  ? 0.0894 0.1361 0.0806 -0.0068 -0.0073 -0.0086 136  LEU A C   
44  O O   . LEU A 6  ? 0.0906 0.1378 0.0832 -0.0072 -0.0001 -0.0164 136  LEU A O   
45  C CB  . LEU A 6  ? 0.1009 0.1407 0.1057 0.0107  -0.0061 -0.0149 136  LEU A CB  
46  C CG  . LEU A 6  ? 0.1152 0.1222 0.1352 0.0092  -0.0085 -0.0244 136  LEU A CG  
47  C CD1 . LEU A 6  ? 0.1915 0.1321 0.1657 0.0140  0.0052  -0.0099 136  LEU A CD1 
48  C CD2 . LEU A 6  ? 0.1776 0.1465 0.1373 0.0155  -0.0046 -0.0350 136  LEU A CD2 
49  N N   . HIS A 7  ? 0.0851 0.1971 0.1006 -0.0086 -0.0035 -0.0482 137  HIS A N   
50  C CA  . HIS A 7  ? 0.0894 0.1853 0.1110 -0.0201 0.0004  -0.0362 137  HIS A CA  
51  C C   . HIS A 7  ? 0.0810 0.1909 0.0984 -0.0219 0.0004  -0.0392 137  HIS A C   
52  O O   . HIS A 7  ? 0.0962 0.2662 0.1131 -0.0099 0.0035  -0.0878 137  HIS A O   
53  C CB  . HIS A 7  ? 0.1140 0.2065 0.1135 -0.0166 -0.0087 -0.0169 137  HIS A CB  
54  C CG  . HIS A 7  ? 0.1110 0.2107 0.1017 -0.0241 0.0015  -0.0253 137  HIS A CG  
55  N ND1 . HIS A 7  ? 0.1301 0.1913 0.1298 -0.0098 0.0014  0.0101  137  HIS A ND1 
56  C CD2 . HIS A 7  ? 0.1215 0.1804 0.1374 -0.0222 0.0155  -0.0231 137  HIS A CD2 
57  C CE1 . HIS A 7  ? 0.1484 0.1832 0.1347 -0.0192 0.0168  0.0049  137  HIS A CE1 
58  N NE2 . HIS A 7  ? 0.1222 0.1880 0.1201 -0.0316 0.0110  -0.0280 137  HIS A NE2 
59  N N   . GLN A 8  ? 0.0887 0.1580 0.0933 -0.0072 0.0076  -0.0460 138  GLN A N   
60  C CA  . GLN A 8  ? 0.0965 0.1455 0.0946 -0.0111 0.0049  -0.0337 138  GLN A CA  
61  C C   . GLN A 8  ? 0.0900 0.1360 0.0976 0.0113  -0.0071 -0.0362 138  GLN A C   
62  O O   . GLN A 8  ? 0.0994 0.2063 0.1283 -0.0036 0.0016  -0.0808 138  GLN A O   
63  C CB  . GLN A 8  ? 0.1749 0.1460 0.1255 -0.0162 0.0175  -0.0184 138  GLN A CB  
64  C CG  . GLN A 8  ? 0.1794 0.1844 0.1649 0.0037  -0.0021 0.0044  138  GLN A CG  
65  C CD  . GLN A 8  ? 0.2572 0.1666 0.1500 -0.0035 -0.0308 -0.0215 138  GLN A CD  
66  O OE1 . GLN A 8  ? 0.2849 0.2214 0.1600 -0.0198 -0.0240 0.0311  138  GLN A OE1 
67  N NE2 . GLN A 8  ? 0.2869 0.1787 0.1709 -0.0394 -0.0203 0.0005  138  GLN A NE2 
68  N N   . GLU A 9  ? 0.1037 0.1407 0.0829 -0.0161 0.0020  -0.0261 139  GLU A N   
69  C CA  . GLU A 9  ? 0.0981 0.1206 0.0896 -0.0031 -0.0084 -0.0163 139  GLU A CA  
70  C C   . GLU A 9  ? 0.1010 0.1234 0.0800 -0.0042 0.0096  -0.0205 139  GLU A C   
71  O O   . GLU A 9  ? 0.1233 0.1240 0.0957 -0.0047 0.0119  -0.0220 139  GLU A O   
72  C CB  . GLU A 9  ? 0.1140 0.1309 0.1136 -0.0084 -0.0135 -0.0108 139  GLU A CB  
73  C CG  . GLU A 9  ? 0.1243 0.1472 0.1252 -0.0212 -0.0030 -0.0051 139  GLU A CG  
74  C CD  . GLU A 9  ? 0.1306 0.1321 0.1099 -0.0117 -0.0108 -0.0114 139  GLU A CD  
75  O OE1 . GLU A 9  ? 0.1330 0.1462 0.1553 -0.0152 -0.0004 -0.0004 139  GLU A OE1 
76  O OE2 . GLU A 9  ? 0.1443 0.1552 0.1467 -0.0132 -0.0170 0.0081  139  GLU A OE2 
77  N N   . ARG A 10 ? 0.0877 0.1185 0.1073 0.0019  0.0008  -0.0266 140  ARG A N   
78  C CA  . ARG A 10 ? 0.0906 0.1147 0.1455 -0.0012 0.0227  -0.0156 140  ARG A CA  
79  C C   . ARG A 10 ? 0.0941 0.1239 0.0847 -0.0037 0.0048  -0.0063 140  ARG A C   
80  O O   . ARG A 10 ? 0.1020 0.1130 0.1123 0.0014  0.0083  -0.0185 140  ARG A O   
81  C CB  . ARG A 10 ? 0.1161 0.1366 0.1385 0.0043  0.0028  0.0003  140  ARG A CB  
82  C CG  . ARG A 10 ? 0.1066 0.1255 0.1423 0.0019  -0.0082 -0.0044 140  ARG A CG  
83  C CD  . ARG A 10 ? 0.1346 0.1863 0.1567 0.0086  0.0035  0.0366  140  ARG A CD  
84  N NE  . ARG A 10 ? 0.1253 0.1859 0.1884 -0.0087 -0.0252 0.0719  140  ARG A NE  
85  C CZ  . ARG A 10 ? 0.1379 0.1536 0.1662 -0.0127 -0.0384 0.0367  140  ARG A CZ  
86  N NH1 . ARG A 10 ? 0.1515 0.1691 0.1968 -0.0172 -0.0238 0.0616  140  ARG A NH1 
87  N NH2 . ARG A 10 ? 0.1723 0.1238 0.1736 0.0165  0.0074  0.0213  140  ARG A NH2 
88  N N   . MET A 11 ? 0.0930 0.1086 0.1006 -0.0060 0.0016  -0.0189 141  MET A N   
89  C CA  . MET A 11 ? 0.0967 0.1042 0.1025 -0.0084 0.0059  -0.0111 141  MET A CA  
90  C C   . MET A 11 ? 0.0922 0.1238 0.1027 -0.0021 0.0031  -0.0152 141  MET A C   
91  O O   . MET A 11 ? 0.1040 0.1261 0.1157 -0.0146 -0.0020 -0.0172 141  MET A O   
92  C CB  . MET A 11 ? 0.1201 0.1271 0.1022 -0.0055 0.0116  -0.0045 141  MET A CB  
93  C CG  . MET A 11 ? 0.1239 0.1469 0.1210 0.0132  0.0001  -0.0038 141  MET A CG  
94  S SD  . MET A 11 ? 0.1777 0.1632 0.1130 -0.0039 -0.0047 0.0084  141  MET A SD  
95  C CE  . MET A 11 ? 0.1586 0.1825 0.1242 -0.0383 0.0031  -0.0262 141  MET A CE  
96  N N   . ASP A 12 ? 0.0981 0.1310 0.0952 -0.0058 0.0000  -0.0035 142  ASP A N   
97  C CA  . ASP A 12 ? 0.0928 0.1370 0.1060 0.0013  -0.0042 -0.0047 142  ASP A CA  
98  C C   . ASP A 12 ? 0.1086 0.1146 0.1060 0.0053  -0.0065 -0.0043 142  ASP A C   
99  O O   . ASP A 12 ? 0.1257 0.1855 0.1281 0.0389  -0.0291 -0.0390 142  ASP A O   
100 C CB  . ASP A 12 ? 0.1174 0.1505 0.1118 0.0243  0.0097  -0.0149 142  ASP A CB  
101 C CG  . ASP A 12 ? 0.1276 0.1110 0.1648 0.0113  -0.0151 -0.0160 142  ASP A CG  
102 O OD1 . ASP A 12 ? 0.1090 0.1335 0.1487 0.0100  -0.0065 0.0006  142  ASP A OD1 
103 O OD2 . ASP A 12 ? 0.1533 0.1431 0.2452 0.0032  -0.0338 0.0405  142  ASP A OD2 
104 N N   . VAL A 13 ? 0.1106 0.1108 0.1011 -0.0042 0.0025  -0.0084 143  VAL A N   
105 C CA  . VAL A 13 ? 0.1407 0.0958 0.1018 0.0100  0.0107  0.0025  143  VAL A CA  
106 C C   . VAL A 13 ? 0.1030 0.1272 0.0944 -0.0128 0.0037  -0.0053 143  VAL A C   
107 O O   . VAL A 13 ? 0.1034 0.1988 0.1092 -0.0239 -0.0066 -0.0321 143  VAL A O   
108 C CB  . VAL A 13 ? 0.2837 0.1136 0.1278 0.0443  0.0605  0.0167  143  VAL A CB  
109 C CG1 . VAL A 13 ? 0.4389 0.1664 0.2011 -0.1150 0.1144  -0.0174 143  VAL A CG1 
110 C CG2 . VAL A 13 ? 0.3643 0.1911 0.1270 0.1221  0.0270  0.0242  143  VAL A CG2 
111 N N   . CYS A 14 ? 0.0890 0.1121 0.0957 0.0016  -0.0013 -0.0065 144  CYS A N   
112 C CA  . CYS A 14 ? 0.0882 0.1179 0.0949 0.0080  0.0018  0.0087  144  CYS A CA  
113 C C   . CYS A 14 ? 0.0983 0.1210 0.1017 0.0001  -0.0020 0.0096  144  CYS A C   
114 O O   . CYS A 14 ? 0.1012 0.1834 0.1503 0.0065  -0.0065 0.0618  144  CYS A O   
115 C CB  . CYS A 14 ? 0.1143 0.1182 0.0977 0.0194  0.0099  0.0013  144  CYS A CB  
116 S SG  . CYS A 14 ? 0.0979 0.1210 0.1024 -0.0028 0.0047  -0.0041 144  CYS A SG  
117 N N   . GLU A 15 ? 0.0911 0.0954 0.0939 0.0051  0.0080  0.0012  145  GLU A N   
118 C CA  . GLU A 15 ? 0.1105 0.1047 0.0870 -0.0031 0.0092  0.0001  145  GLU A CA  
119 C C   . GLU A 15 ? 0.0906 0.1073 0.0852 -0.0051 0.0001  -0.0026 145  GLU A C   
120 O O   . GLU A 15 ? 0.0939 0.1009 0.0931 -0.0028 -0.0020 0.0033  145  GLU A O   
121 C CB  . GLU A 15 ? 0.1367 0.1021 0.1314 -0.0090 0.0314  -0.0075 145  GLU A CB  
122 C CG  . GLU A 15 ? 0.1482 0.1169 0.1502 0.0064  0.0408  -0.0042 145  GLU A CG  
123 C CD  . GLU A 15 ? 0.1858 0.1259 0.1735 0.0456  0.0637  0.0269  145  GLU A CD  
124 O OE1 . GLU A 15 ? 0.3015 0.2192 0.2230 0.1479  0.1199  0.0994  145  GLU A OE1 
125 O OE2 . GLU A 15 ? 0.1586 0.1227 0.1459 0.0218  0.0413  0.0192  145  GLU A OE2 
126 N N   . THR A 16 ? 0.1033 0.1029 0.0937 0.0045  0.0110  0.0064  146  THR A N   
127 C CA  . THR A 16 ? 0.0952 0.0967 0.0887 0.0029  0.0041  0.0011  146  THR A CA  
128 C C   . THR A 16 ? 0.0967 0.0956 0.0740 -0.0013 0.0019  0.0008  146  THR A C   
129 O O   . THR A 16 ? 0.1015 0.0955 0.0816 0.0036  0.0009  -0.0059 146  THR A O   
130 C CB  . THR A 16 ? 0.0983 0.1108 0.0862 -0.0012 0.0010  0.0008  146  THR A CB  
131 O OG1 . THR A 16 ? 0.1043 0.1072 0.0914 0.0127  0.0002  0.0043  146  THR A OG1 
132 C CG2 . THR A 16 ? 0.1021 0.1427 0.0991 -0.0015 -0.0046 -0.0064 146  THR A CG2 
133 N N   . HIS A 17 ? 0.0991 0.0946 0.0814 0.0016  0.0024  -0.0106 147  HIS A N   
134 C CA  . HIS A 17 ? 0.0967 0.0917 0.0874 0.0063  -0.0037 -0.0030 147  HIS A CA  
135 C C   . HIS A 17 ? 0.0864 0.0982 0.0809 0.0042  -0.0069 -0.0109 147  HIS A C   
136 O O   . HIS A 17 ? 0.0975 0.0988 0.0855 0.0028  -0.0048 -0.0106 147  HIS A O   
137 C CB  . HIS A 17 ? 0.0982 0.0949 0.0939 0.0043  -0.0046 -0.0116 147  HIS A CB  
138 C CG  . HIS A 17 ? 0.1012 0.1161 0.1039 0.0206  -0.0151 -0.0136 147  HIS A CG  
139 N ND1 . HIS A 17 ? 0.1096 0.1307 0.1201 0.0150  -0.0023 -0.0268 147  HIS A ND1 
140 C CD2 . HIS A 17 ? 0.0983 0.1352 0.1444 0.0081  -0.0080 -0.0327 147  HIS A CD2 
141 C CE1 . HIS A 17 ? 0.1076 0.1597 0.1270 0.0239  -0.0047 -0.0353 147  HIS A CE1 
142 N NE2 . HIS A 17 ? 0.0978 0.1570 0.1415 0.0102  -0.0030 -0.0412 147  HIS A NE2 
143 N N   . LEU A 18 ? 0.0966 0.0934 0.0783 -0.0049 -0.0023 -0.0063 148  LEU A N   
144 C CA  . LEU A 18 ? 0.0966 0.0905 0.0814 -0.0018 0.0008  -0.0041 148  LEU A CA  
145 C C   . LEU A 18 ? 0.0981 0.0910 0.0797 0.0019  -0.0089 0.0016  148  LEU A C   
146 O O   . LEU A 18 ? 0.1089 0.0996 0.0790 -0.0042 -0.0095 -0.0095 148  LEU A O   
147 C CB  . LEU A 18 ? 0.1012 0.0950 0.0803 0.0051  -0.0015 0.0000  148  LEU A CB  
148 C CG  . LEU A 18 ? 0.1259 0.0945 0.0849 0.0058  -0.0047 -0.0043 148  LEU A CG  
149 C CD1 . LEU A 18 ? 0.1339 0.1222 0.1074 -0.0136 -0.0038 -0.0015 148  LEU A CD1 
150 C CD2 . LEU A 18 ? 0.1339 0.1035 0.0940 0.0067  -0.0108 0.0018  148  LEU A CD2 
151 N N   . HIS A 19 ? 0.0946 0.0910 0.0801 0.0035  -0.0095 -0.0042 149  HIS A N   
152 C CA  . HIS A 19 ? 0.0960 0.0864 0.0898 0.0069  -0.0049 -0.0065 149  HIS A CA  
153 C C   . HIS A 19 ? 0.0958 0.0918 0.0860 0.0006  0.0004  -0.0071 149  HIS A C   
154 O O   . HIS A 19 ? 0.1092 0.0947 0.0863 -0.0005 -0.0042 -0.0094 149  HIS A O   
155 C CB  . HIS A 19 ? 0.0932 0.1071 0.1003 0.0083  -0.0060 -0.0047 149  HIS A CB  
156 C CG  . HIS A 19 ? 0.1008 0.0994 0.0953 0.0096  -0.0088 -0.0056 149  HIS A CG  
157 N ND1 . HIS A 19 ? 0.0955 0.1157 0.1000 0.0109  0.0028  -0.0018 149  HIS A ND1 
158 C CD2 . HIS A 19 ? 0.1292 0.1019 0.0915 0.0083  0.0036  -0.0008 149  HIS A CD2 
159 C CE1 . HIS A 19 ? 0.1165 0.1088 0.1020 0.0113  0.0110  -0.0104 149  HIS A CE1 
160 N NE2 . HIS A 19 ? 0.1116 0.1089 0.0962 0.0028  0.0008  -0.0043 149  HIS A NE2 
161 N N   . TRP A 20 ? 0.0963 0.0907 0.0790 -0.0008 -0.0049 -0.0033 150  TRP A N   
162 C CA  . TRP A 20 ? 0.1083 0.0881 0.0758 -0.0040 -0.0077 -0.0063 150  TRP A CA  
163 C C   . TRP A 20 ? 0.1047 0.0861 0.0815 0.0048  -0.0128 -0.0033 150  TRP A C   
164 O O   . TRP A 20 ? 0.1078 0.1033 0.0835 0.0038  -0.0111 -0.0096 150  TRP A O   
165 C CB  . TRP A 20 ? 0.1203 0.0975 0.0942 -0.0039 -0.0118 0.0056  150  TRP A CB  
166 C CG  . TRP A 20 ? 0.1362 0.1176 0.0805 -0.0290 -0.0195 0.0112  150  TRP A CG  
167 C CD1 . TRP A 20 ? 0.1506 0.1126 0.1015 -0.0343 -0.0209 0.0168  150  TRP A CD1 
168 C CD2 . TRP A 20 ? 0.1151 0.1114 0.1006 -0.0050 -0.0183 0.0215  150  TRP A CD2 
169 N NE1 . TRP A 20 ? 0.1478 0.1235 0.1231 -0.0429 -0.0320 0.0338  150  TRP A NE1 
170 C CE2 . TRP A 20 ? 0.1252 0.1259 0.1122 -0.0213 -0.0214 0.0296  150  TRP A CE2 
171 C CE3 . TRP A 20 ? 0.1172 0.1129 0.0965 -0.0042 -0.0089 0.0180  150  TRP A CE3 
172 C CZ2 . TRP A 20 ? 0.1212 0.1254 0.1486 -0.0200 -0.0125 0.0370  150  TRP A CZ2 
173 C CZ3 . TRP A 20 ? 0.1218 0.1264 0.1109 0.0023  0.0002  0.0036  150  TRP A CZ3 
174 C CH2 . TRP A 20 ? 0.1254 0.1354 0.1371 0.0089  0.0140  0.0186  150  TRP A CH2 
175 N N   . HIS A 21 ? 0.0991 0.0973 0.0890 -0.0017 -0.0101 -0.0127 151  HIS A N   
176 C CA  . HIS A 21 ? 0.0960 0.1137 0.0853 -0.0046 -0.0081 -0.0170 151  HIS A CA  
177 C C   . HIS A 21 ? 0.1061 0.1119 0.0792 -0.0069 -0.0106 -0.0151 151  HIS A C   
178 O O   . HIS A 21 ? 0.1041 0.1130 0.0949 -0.0049 -0.0095 -0.0185 151  HIS A O   
179 C CB  . HIS A 21 ? 0.1186 0.1123 0.1007 -0.0127 0.0092  -0.0249 151  HIS A CB  
180 C CG  . HIS A 21 ? 0.1103 0.1531 0.1242 -0.0090 0.0129  -0.0321 151  HIS A CG  
181 N ND1 . HIS A 21 ? 0.1562 0.2301 0.1187 -0.0131 0.0134  0.0027  151  HIS A ND1 
182 C CD2 . HIS A 21 ? 0.1331 0.2610 0.1453 -0.0512 0.0170  -0.0684 151  HIS A CD2 
183 C CE1 . HIS A 21 ? 0.1788 0.2228 0.1491 -0.0580 0.0373  -0.0050 151  HIS A CE1 
184 N NE2 . HIS A 21 ? 0.1427 0.3014 0.1736 -0.0819 0.0402  -0.0808 151  HIS A NE2 
185 N N   . THR A 22 ? 0.1151 0.0981 0.0919 -0.0069 -0.0154 -0.0151 152  THR A N   
186 C CA  . THR A 22 ? 0.1207 0.0932 0.0865 -0.0092 -0.0133 -0.0039 152  THR A CA  
187 C C   . THR A 22 ? 0.1059 0.1004 0.0870 0.0053  -0.0198 -0.0115 152  THR A C   
188 O O   . THR A 22 ? 0.1134 0.0955 0.0995 0.0048  -0.0219 -0.0130 152  THR A O   
189 C CB  . THR A 22 ? 0.1433 0.0986 0.0942 -0.0049 -0.0253 0.0055  152  THR A CB  
190 O OG1 . THR A 22 ? 0.1816 0.1114 0.0944 -0.0118 -0.0324 -0.0035 152  THR A OG1 
191 C CG2 . THR A 22 ? 0.1520 0.1092 0.1166 0.0066  -0.0348 -0.0072 152  THR A CG2 
192 N N   . VAL A 23 ? 0.1017 0.1070 0.0890 -0.0007 -0.0160 -0.0161 153  VAL A N   
193 C CA  . VAL A 23 ? 0.0964 0.1065 0.0921 0.0100  -0.0064 -0.0163 153  VAL A CA  
194 C C   . VAL A 23 ? 0.1048 0.1054 0.0809 0.0034  -0.0092 -0.0095 153  VAL A C   
195 O O   . VAL A 23 ? 0.1165 0.1060 0.0917 0.0001  -0.0106 -0.0174 153  VAL A O   
196 C CB  . VAL A 23 ? 0.0995 0.1346 0.0989 0.0003  -0.0066 -0.0243 153  VAL A CB  
197 C CG1 . VAL A 23 ? 0.1294 0.1545 0.1021 -0.0201 -0.0043 -0.0091 153  VAL A CG1 
198 C CG2 . VAL A 23 ? 0.0907 0.1705 0.1220 0.0097  -0.0097 -0.0416 153  VAL A CG2 
199 N N   . ALA A 24 ? 0.0983 0.0998 0.0864 0.0029  -0.0195 -0.0131 154  ALA A N   
200 C CA  . ALA A 24 ? 0.1047 0.1001 0.0887 0.0033  -0.0227 -0.0069 154  ALA A CA  
201 C C   . ALA A 24 ? 0.0971 0.0973 0.0913 0.0054  -0.0197 -0.0126 154  ALA A C   
202 O O   . ALA A 24 ? 0.1146 0.1026 0.0910 -0.0050 -0.0204 -0.0107 154  ALA A O   
203 C CB  . ALA A 24 ? 0.1062 0.0965 0.1096 0.0015  -0.0215 -0.0057 154  ALA A CB  
204 N N   . LYS A 25 ? 0.0991 0.0962 0.0919 0.0027  -0.0161 -0.0159 155  LYS A N   
205 C CA  . LYS A 25 ? 0.1138 0.0970 0.0941 0.0006  -0.0089 -0.0132 155  LYS A CA  
206 C C   . LYS A 25 ? 0.1129 0.0990 0.0860 -0.0022 -0.0121 -0.0087 155  LYS A C   
207 O O   . LYS A 25 ? 0.1249 0.0973 0.0990 -0.0049 -0.0219 -0.0164 155  LYS A O   
208 C CB  . LYS A 25 ? 0.1466 0.1527 0.0943 -0.0283 0.0051  -0.0152 155  LYS A CB  
209 C CG  . LYS A 25 ? 0.2816 0.1546 0.1443 -0.0069 0.0403  -0.0292 155  LYS A CG  
210 C CD  . LYS A 25 ? 0.2784 0.2114 0.1487 0.0087  0.0442  -0.0420 155  LYS A CD  
211 C CE  . LYS A 25 ? 0.2855 0.2816 0.1773 -0.0222 0.0137  0.0463  155  LYS A CE  
212 N NZ  . LYS A 25 ? 0.2967 0.6572 0.1615 -0.2367 0.0235  0.0200  155  LYS A NZ  
213 N N   . GLU A 26 ? 0.1257 0.0968 0.0898 0.0103  -0.0224 -0.0106 156  GLU A N   
214 C CA  . GLU A 26 ? 0.1320 0.0944 0.0965 0.0096  -0.0262 -0.0091 156  GLU A CA  
215 C C   . GLU A 26 ? 0.1275 0.1002 0.0962 0.0188  -0.0215 -0.0145 156  GLU A C   
216 O O   . GLU A 26 ? 0.1426 0.0969 0.1090 0.0138  -0.0189 -0.0205 156  GLU A O   
217 C CB  . GLU A 26 ? 0.1348 0.1036 0.1207 0.0118  -0.0312 -0.0148 156  GLU A CB  
218 C CG  . GLU A 26 ? 0.1503 0.1080 0.1244 0.0090  -0.0389 0.0002  156  GLU A CG  
219 C CD  . GLU A 26 ? 0.1559 0.1610 0.1485 0.0179  -0.0497 -0.0154 156  GLU A CD  
220 O OE1 . GLU A 26 ? 0.1321 0.2290 0.2196 0.0331  -0.0433 0.0234  156  GLU A OE1 
221 O OE2 . GLU A 26 ? 0.2393 0.2175 0.1562 0.0394  -0.0845 0.0153  156  GLU A OE2 
222 N N   . THR A 27 ? 0.1210 0.0986 0.0944 0.0118  -0.0184 -0.0157 157  THR A N   
223 C CA  . THR A 27 ? 0.1181 0.1038 0.1013 0.0086  -0.0135 -0.0170 157  THR A CA  
224 C C   . THR A 27 ? 0.1230 0.0994 0.0836 0.0143  -0.0104 -0.0132 157  THR A C   
225 O O   . THR A 27 ? 0.1259 0.1128 0.0978 0.0283  -0.0208 -0.0257 157  THR A O   
226 C CB  . THR A 27 ? 0.1373 0.1057 0.1036 0.0072  0.0030  -0.0115 157  THR A CB  
227 O OG1 . THR A 27 ? 0.1500 0.1454 0.1356 -0.0213 -0.0294 -0.0021 157  THR A OG1 
228 C CG2 . THR A 27 ? 0.1619 0.1285 0.0984 0.0107  0.0026  -0.0196 157  THR A CG2 
229 N N   . CYS A 28 ? 0.1172 0.0885 0.0899 0.0149  -0.0167 -0.0201 158  CYS A N   
230 C CA  . CYS A 28 ? 0.1144 0.0953 0.0873 0.0139  -0.0059 -0.0144 158  CYS A CA  
231 C C   . CYS A 28 ? 0.1122 0.0961 0.0950 0.0143  -0.0218 -0.0178 158  CYS A C   
232 O O   . CYS A 28 ? 0.1349 0.0976 0.0998 0.0108  -0.0283 -0.0224 158  CYS A O   
233 C CB  . CYS A 28 ? 0.1105 0.0946 0.0890 0.0072  -0.0099 -0.0173 158  CYS A CB  
234 S SG  . CYS A 28 ? 0.1047 0.0933 0.0993 0.0096  -0.0160 -0.0166 158  CYS A SG  
235 N N   . SER A 29 ? 0.1217 0.1007 0.0901 0.0036  -0.0200 -0.0167 159  SER A N   
236 C CA  . SER A 29 ? 0.1446 0.1037 0.1075 -0.0025 -0.0252 -0.0107 159  SER A CA  
237 C C   . SER A 29 ? 0.1588 0.0962 0.1030 0.0174  -0.0455 -0.0156 159  SER A C   
238 O O   . SER A 29 ? 0.1772 0.0937 0.1431 0.0075  -0.0551 -0.0160 159  SER A O   
239 C CB  . SER A 29 ? 0.1675 0.1060 0.1133 -0.0090 -0.0239 -0.0042 159  SER A CB  
240 O OG  . SER A 29 ? 0.2110 0.1435 0.1115 0.0032  -0.0158 -0.0049 159  SER A OG  
241 N N   . GLU A 30 ? 0.1440 0.1003 0.1077 0.0158  -0.0457 -0.0237 160  GLU A N   
242 C CA  . GLU A 30 ? 0.1690 0.1037 0.1132 0.0409  -0.0451 -0.0343 160  GLU A CA  
243 C C   . GLU A 30 ? 0.1627 0.1188 0.1136 0.0415  -0.0544 -0.0408 160  GLU A C   
244 O O   . GLU A 30 ? 0.2031 0.1357 0.1410 0.0683  -0.0698 -0.0603 160  GLU A O   
245 C CB  . GLU A 30 ? 0.1379 0.1904 0.1533 0.0514  -0.0386 -0.0777 160  GLU A CB  
246 C CG  . GLU A 30 ? 0.1710 0.1569 0.1798 0.0331  -0.0572 -0.0439 160  GLU A CG  
247 C CD  . GLU A 30 ? 0.1563 0.2737 0.2085 -0.0026 -0.0698 -0.0210 160  GLU A CD  
248 O OE1 . GLU A 30 ? 0.2145 0.3571 0.3097 -0.0289 -0.0664 0.0736  160  GLU A OE1 
249 O OE2 . GLU A 30 ? 0.1772 0.3061 0.2505 0.0270  -0.0549 -0.0137 160  GLU A OE2 
250 N N   . LYS A 31 ? 0.1458 0.1003 0.0980 0.0292  -0.0242 -0.0224 161  LYS A N   
251 C CA  . LYS A 31 ? 0.1217 0.1106 0.1021 0.0191  -0.0216 -0.0228 161  LYS A CA  
252 C C   . LYS A 31 ? 0.1347 0.0970 0.0941 0.0137  -0.0122 -0.0188 161  LYS A C   
253 O O   . LYS A 31 ? 0.1305 0.1231 0.1046 0.0248  -0.0208 -0.0119 161  LYS A O   
254 C CB  . LYS A 31 ? 0.1429 0.1091 0.1112 0.0059  -0.0194 -0.0034 161  LYS A CB  
255 C CG  . LYS A 31 ? 0.1450 0.1368 0.1104 0.0037  -0.0084 -0.0117 161  LYS A CG  
256 C CD  . LYS A 31 ? 0.1940 0.1401 0.1910 -0.0108 -0.0104 0.0221  161  LYS A CD  
257 C CE  . LYS A 31 ? 0.1963 0.1708 0.1574 -0.0202 0.0039  -0.0058 161  LYS A CE  
258 N NZ  . LYS A 31 ? 0.2196 0.1924 0.2277 -0.0320 0.0543  -0.0253 161  LYS A NZ  
259 N N   . SER A 32 ? 0.1324 0.1048 0.1185 0.0107  -0.0144 -0.0197 162  SER A N   
260 C CA  . SER A 32 ? 0.1462 0.1044 0.1101 -0.0012 -0.0019 -0.0166 162  SER A CA  
261 C C   . SER A 32 ? 0.1302 0.1180 0.1135 -0.0047 -0.0123 -0.0303 162  SER A C   
262 O O   . SER A 32 ? 0.1298 0.1409 0.1683 -0.0090 -0.0232 -0.0453 162  SER A O   
263 C CB  . SER A 32 ? 0.1476 0.1096 0.1344 -0.0052 -0.0092 -0.0253 162  SER A CB  
264 O OG  . SER A 32 ? 0.1695 0.1165 0.1480 0.0021  -0.0078 -0.0317 162  SER A OG  
265 N N   . THR A 33 ? 0.1287 0.1054 0.1097 -0.0078 -0.0088 -0.0200 163  THR A N   
266 C CA  . THR A 33 ? 0.1125 0.1100 0.1131 -0.0068 -0.0097 -0.0217 163  THR A CA  
267 C C   . THR A 33 ? 0.1122 0.1036 0.1130 -0.0035 -0.0124 -0.0105 163  THR A C   
268 O O   . THR A 33 ? 0.1379 0.1211 0.1205 0.0048  -0.0190 -0.0043 163  THR A O   
269 C CB  . THR A 33 ? 0.1061 0.1040 0.1121 0.0092  -0.0123 -0.0141 163  THR A CB  
270 O OG1 . THR A 33 ? 0.1078 0.1033 0.1263 0.0035  -0.0120 -0.0143 163  THR A OG1 
271 C CG2 . THR A 33 ? 0.1265 0.1171 0.1157 0.0106  -0.0237 -0.0167 163  THR A CG2 
272 N N   . ASN A 34 ? 0.1193 0.1278 0.1014 -0.0073 -0.0088 -0.0146 164  ASN A N   
273 C CA  . ASN A 34 ? 0.1190 0.1237 0.1009 -0.0214 0.0011  -0.0162 164  ASN A CA  
274 C C   . ASN A 34 ? 0.1115 0.1264 0.0875 -0.0078 0.0020  -0.0142 164  ASN A C   
275 O O   . ASN A 34 ? 0.1311 0.1195 0.1121 -0.0019 -0.0140 -0.0185 164  ASN A O   
276 C CB  . ASN A 34 ? 0.1571 0.1395 0.1369 -0.0275 0.0387  -0.0144 164  ASN A CB  
277 C CG  . ASN A 34 ? 0.1928 0.1453 0.1606 -0.0357 0.0367  -0.0143 164  ASN A CG  
278 O OD1 . ASN A 34 ? 0.2456 0.1783 0.1816 -0.0160 0.0067  0.0426  164  ASN A OD1 
279 N ND2 . ASN A 34 ? 0.2068 0.1796 0.2530 -0.0697 0.0471  0.0095  164  ASN A ND2 
280 N N   . LEU A 35 ? 0.1099 0.1216 0.1025 -0.0159 -0.0073 -0.0069 165  LEU A N   
281 C CA  . LEU A 35 ? 0.1068 0.1228 0.0904 -0.0085 -0.0047 -0.0095 165  LEU A CA  
282 C C   . LEU A 35 ? 0.0952 0.1394 0.0936 -0.0103 0.0010  -0.0148 165  LEU A C   
283 O O   . LEU A 35 ? 0.1216 0.1620 0.1153 -0.0096 0.0204  -0.0055 165  LEU A O   
284 C CB  . LEU A 35 ? 0.0960 0.1301 0.1009 -0.0131 -0.0074 -0.0045 165  LEU A CB  
285 C CG  . LEU A 35 ? 0.0931 0.1244 0.1097 -0.0001 -0.0041 -0.0197 165  LEU A CG  
286 C CD1 . LEU A 35 ? 0.1013 0.1091 0.1121 0.0004  -0.0097 -0.0103 165  LEU A CD1 
287 C CD2 . LEU A 35 ? 0.1288 0.1514 0.1045 -0.0155 -0.0119 -0.0259 165  LEU A CD2 
288 N N   . HIS A 36 ? 0.0840 0.1429 0.0971 -0.0024 0.0079  -0.0260 166  HIS A N   
289 C CA  . HIS A 36 ? 0.0941 0.1398 0.1053 0.0003  0.0011  -0.0188 166  HIS A CA  
290 C C   . HIS A 36 ? 0.1075 0.1607 0.1376 -0.0147 0.0049  -0.0461 166  HIS A C   
291 O O   . HIS A 36 ? 0.1191 0.1857 0.1569 -0.0245 0.0233  -0.0539 166  HIS A O   
292 C CB  . HIS A 36 ? 0.1077 0.1196 0.0980 -0.0026 -0.0014 -0.0090 166  HIS A CB  
293 C CG  . HIS A 36 ? 0.1071 0.1268 0.1064 0.0151  -0.0129 0.0010  166  HIS A CG  
294 N ND1 . HIS A 36 ? 0.1105 0.1587 0.1227 0.0177  0.0083  0.0127  166  HIS A ND1 
295 C CD2 . HIS A 36 ? 0.1473 0.1218 0.1359 0.0052  -0.0386 0.0072  166  HIS A CD2 
296 C CE1 . HIS A 36 ? 0.1145 0.1886 0.1512 0.0234  -0.0077 -0.0347 166  HIS A CE1 
297 N NE2 . HIS A 36 ? 0.1286 0.1383 0.1822 0.0261  -0.0509 -0.0328 166  HIS A NE2 
298 N N   . ASP A 37 ? 0.1005 0.1497 0.1663 -0.0273 0.0190  -0.0510 167  ASP A N   
299 C CA  . ASP A 37 ? 0.0962 0.1500 0.1736 -0.0112 0.0155  -0.0569 167  ASP A CA  
300 C C   . ASP A 37 ? 0.1039 0.1335 0.1640 -0.0293 0.0310  -0.0596 167  ASP A C   
301 O O   . ASP A 37 ? 0.1025 0.1205 0.1127 -0.0104 0.0091  -0.0308 167  ASP A O   
302 C CB  . ASP A 37 ? 0.1258 0.1523 0.1946 -0.0250 -0.0257 0.0060  167  ASP A CB  
303 C CG  . ASP A 37 ? 0.1230 0.1528 0.1664 0.0078  -0.0196 0.0052  167  ASP A CG  
304 O OD1 . ASP A 37 ? 0.1415 0.1206 0.1684 0.0025  -0.0160 -0.0017 167  ASP A OD1 
305 O OD2 . ASP A 37 ? 0.1649 0.1570 0.1645 -0.0022 0.0036  -0.0246 167  ASP A OD2 
306 N N   . TYR A 38 ? 0.1101 0.1522 0.1659 -0.0397 0.0455  -0.0803 168  TYR A N   
307 C CA  . TYR A 38 ? 0.0985 0.1393 0.1196 -0.0249 0.0235  -0.0522 168  TYR A CA  
308 C C   . TYR A 38 ? 0.0935 0.1488 0.1409 -0.0280 0.0193  -0.0673 168  TYR A C   
309 O O   . TYR A 38 ? 0.1059 0.1875 0.2593 -0.0487 0.0681  -0.1316 168  TYR A O   
310 C CB  . TYR A 38 ? 0.1199 0.1436 0.1135 -0.0287 0.0107  -0.0396 168  TYR A CB  
311 C CG  . TYR A 38 ? 0.1321 0.1665 0.1215 -0.0308 0.0164  -0.0367 168  TYR A CG  
312 C CD1 . TYR A 38 ? 0.1696 0.1943 0.1171 -0.0770 0.0122  -0.0228 168  TYR A CD1 
313 C CD2 . TYR A 38 ? 0.1236 0.1471 0.1183 -0.0252 0.0109  -0.0249 168  TYR A CD2 
314 C CE1 . TYR A 38 ? 0.2146 0.2281 0.1213 -0.1084 0.0205  -0.0394 168  TYR A CE1 
315 C CE2 . TYR A 38 ? 0.1373 0.1607 0.1217 -0.0154 0.0178  -0.0292 168  TYR A CE2 
316 C CZ  . TYR A 38 ? 0.1627 0.1604 0.1198 -0.0422 0.0055  -0.0022 168  TYR A CZ  
317 O OH  . TYR A 38 ? 0.1861 0.2655 0.1193 -0.0959 0.0099  -0.0195 168  TYR A OH  
318 N N   . GLY A 39 ? 0.0806 0.1171 0.1315 -0.0055 0.0057  -0.0442 169  GLY A N   
319 C CA  . GLY A 39 ? 0.0774 0.1113 0.1714 -0.0003 -0.0008 -0.0419 169  GLY A CA  
320 C C   . GLY A 39 ? 0.0805 0.0911 0.1174 0.0028  -0.0108 -0.0157 169  GLY A C   
321 O O   . GLY A 39 ? 0.0865 0.1247 0.1410 -0.0002 -0.0044 -0.0539 169  GLY A O   
322 N N   A MET A 40 ? 0.0775 0.1150 0.1068 0.0071  0.0018  -0.0218 170  MET A N   
323 N N   B MET A 40 ? 0.0806 0.0912 0.0870 0.0063  -0.0063 0.0051  170  MET A N   
324 C CA  A MET A 40 ? 0.0715 0.1174 0.0925 -0.0079 -0.0068 -0.0095 170  MET A CA  
325 C CA  B MET A 40 ? 0.0764 0.0878 0.0980 0.0028  -0.0071 0.0125  170  MET A CA  
326 C C   A MET A 40 ? 0.0872 0.1007 0.0888 0.0022  -0.0050 -0.0156 170  MET A C   
327 C C   B MET A 40 ? 0.0843 0.0797 0.0956 0.0011  -0.0052 -0.0014 170  MET A C   
328 O O   A MET A 40 ? 0.1044 0.1076 0.1023 0.0116  0.0048  -0.0041 170  MET A O   
329 O O   B MET A 40 ? 0.0953 0.0929 0.0760 0.0094  -0.0077 0.0013  170  MET A O   
330 C CB  A MET A 40 ? 0.0894 0.1221 0.0844 -0.0064 -0.0017 -0.0103 170  MET A CB  
331 C CB  B MET A 40 ? 0.0850 0.1172 0.1001 0.0009  -0.0128 0.0088  170  MET A CB  
332 C CG  A MET A 40 ? 0.0862 0.1058 0.1231 -0.0022 -0.0109 -0.0112 170  MET A CG  
333 C CG  B MET A 40 ? 0.1153 0.1308 0.0917 0.0122  0.0021  0.0042  170  MET A CG  
334 S SD  A MET A 40 ? 0.1040 0.1040 0.1039 -0.0053 -0.0026 0.0000  170  MET A SD  
335 S SD  B MET A 40 ? 0.1124 0.1268 0.1365 0.0111  -0.0012 0.0283  170  MET A SD  
336 C CE  A MET A 40 ? 0.1550 0.1172 0.0956 0.0117  0.0107  0.0040  170  MET A CE  
337 C CE  B MET A 40 ? 0.1840 0.1575 0.1017 -0.0418 0.0056  -0.0112 170  MET A CE  
338 N N   . LEU A 41 ? 0.0874 0.1023 0.0943 -0.0005 -0.0050 0.0060  171  LEU A N   
339 C CA  . LEU A 41 ? 0.0918 0.1124 0.0968 -0.0067 -0.0041 0.0087  171  LEU A CA  
340 C C   . LEU A 41 ? 0.0898 0.0991 0.0913 0.0064  -0.0005 -0.0033 171  LEU A C   
341 O O   . LEU A 41 ? 0.0895 0.1008 0.1067 -0.0011 -0.0002 0.0044  171  LEU A O   
342 C CB  . LEU A 41 ? 0.1190 0.1227 0.0986 -0.0117 -0.0018 -0.0024 171  LEU A CB  
343 C CG  . LEU A 41 ? 0.1305 0.1400 0.1015 -0.0226 0.0029  -0.0101 171  LEU A CG  
344 C CD1 . LEU A 41 ? 0.1617 0.1602 0.1045 -0.0216 0.0041  -0.0194 171  LEU A CD1 
345 C CD2 . LEU A 41 ? 0.1468 0.1882 0.1742 0.0063  -0.0454 -0.0404 171  LEU A CD2 
346 N N   . LEU A 42 ? 0.0864 0.0983 0.1032 0.0013  -0.0097 0.0027  172  LEU A N   
347 C CA  . LEU A 42 ? 0.0944 0.1103 0.0977 -0.0083 0.0018  -0.0025 172  LEU A CA  
348 C C   . LEU A 42 ? 0.0839 0.1003 0.1057 -0.0082 -0.0073 -0.0012 172  LEU A C   
349 O O   . LEU A 42 ? 0.0848 0.1095 0.0999 0.0003  -0.0005 -0.0008 172  LEU A O   
350 C CB  . LEU A 42 ? 0.0850 0.1397 0.1007 0.0030  -0.0014 -0.0021 172  LEU A CB  
351 C CG  . LEU A 42 ? 0.1203 0.2080 0.0933 0.0291  0.0051  0.0071  172  LEU A CG  
352 C CD1 . LEU A 42 ? 0.1852 0.2860 0.0990 0.0820  -0.0152 -0.0245 172  LEU A CD1 
353 C CD2 . LEU A 42 ? 0.3454 0.2478 0.1391 -0.0141 0.0434  0.0590  172  LEU A CD2 
354 N N   . PRO A 43 ? 0.0943 0.0998 0.1000 0.0036  -0.0029 -0.0036 173  PRO A N   
355 C CA  . PRO A 43 ? 0.0960 0.1045 0.1006 0.0012  -0.0006 0.0006  173  PRO A CA  
356 C C   . PRO A 43 ? 0.0955 0.0992 0.1018 -0.0101 -0.0004 -0.0031 173  PRO A C   
357 O O   . PRO A 43 ? 0.1045 0.1336 0.1034 -0.0190 -0.0109 0.0018  173  PRO A O   
358 C CB  . PRO A 43 ? 0.1118 0.1171 0.1061 0.0084  0.0016  -0.0200 173  PRO A CB  
359 C CG  . PRO A 43 ? 0.1159 0.1141 0.1273 0.0097  -0.0117 -0.0165 173  PRO A CG  
360 C CD  . PRO A 43 ? 0.0947 0.1120 0.1105 0.0067  -0.0055 -0.0006 173  PRO A CD  
361 N N   . CYS A 44 ? 0.0898 0.1097 0.0941 -0.0111 0.0009  -0.0055 174  CYS A N   
362 C CA  . CYS A 44 ? 0.0928 0.1287 0.0928 -0.0066 -0.0037 -0.0109 174  CYS A CA  
363 C C   . CYS A 44 ? 0.1010 0.1186 0.0974 -0.0153 -0.0069 -0.0131 174  CYS A C   
364 O O   . CYS A 44 ? 0.1169 0.1459 0.0981 -0.0284 -0.0017 -0.0063 174  CYS A O   
365 C CB  . CYS A 44 ? 0.0957 0.1357 0.1005 0.0020  -0.0131 -0.0136 174  CYS A CB  
366 S SG  . CYS A 44 ? 0.0963 0.1275 0.1133 -0.0090 -0.0083 -0.0122 174  CYS A SG  
367 N N   . GLY A 45 ? 0.0972 0.1437 0.1141 -0.0192 -0.0028 -0.0232 175  GLY A N   
368 C CA  . GLY A 45 ? 0.1011 0.1738 0.1191 -0.0218 -0.0079 -0.0368 175  GLY A CA  
369 C C   . GLY A 45 ? 0.1230 0.1224 0.1107 -0.0075 -0.0078 -0.0201 175  GLY A C   
370 O O   . GLY A 45 ? 0.1955 0.1483 0.1478 0.0232  -0.0210 -0.0148 175  GLY A O   
371 N N   . ILE A 46 ? 0.1459 0.1820 0.1019 0.0189  -0.0100 -0.0302 176  ILE A N   
372 C CA  . ILE A 46 ? 0.1711 0.1623 0.1191 0.0238  0.0081  -0.0406 176  ILE A CA  
373 C C   . ILE A 46 ? 0.1546 0.1953 0.0969 0.0328  -0.0067 -0.0562 176  ILE A C   
374 O O   . ILE A 46 ? 0.1638 0.1928 0.1457 0.0430  -0.0046 -0.0359 176  ILE A O   
375 C CB  . ILE A 46 ? 0.2075 0.1827 0.1274 -0.0359 0.0110  -0.0579 176  ILE A CB  
376 C CG1 . ILE A 46 ? 0.1952 0.2595 0.1542 -0.0515 -0.0549 0.0050  176  ILE A CG1 
377 C CG2 . ILE A 46 ? 0.2334 0.2500 0.1616 -0.0745 0.0353  -0.0705 176  ILE A CG2 
378 C CD1 . ILE A 46 ? 0.4681 0.4496 0.1335 -0.2187 0.0107  0.0379  176  ILE A CD1 
379 N N   . ASP A 47 ? 0.1316 0.1875 0.1022 0.0166  -0.0003 -0.0508 177  ASP A N   
380 C CA  . ASP A 47 ? 0.1113 0.2265 0.0904 0.0232  -0.0037 -0.0429 177  ASP A CA  
381 C C   . ASP A 47 ? 0.0904 0.1826 0.0880 0.0157  0.0034  -0.0123 177  ASP A C   
382 O O   . ASP A 47 ? 0.1081 0.2384 0.0986 -0.0275 0.0061  0.0033  177  ASP A O   
383 C CB  . ASP A 47 ? 0.1257 0.2382 0.1033 0.0203  0.0108  -0.0296 177  ASP A CB  
384 C CG  . ASP A 47 ? 0.1462 0.2231 0.1063 0.0233  0.0085  0.0030  177  ASP A CG  
385 O OD1 . ASP A 47 ? 0.1201 0.1966 0.1151 0.0078  -0.0051 -0.0214 177  ASP A OD1 
386 O OD2 . ASP A 47 ? 0.2172 0.3288 0.1119 0.0213  -0.0035 0.0179  177  ASP A OD2 
387 N N   . LYS A 48 ? 0.1002 0.1221 0.0817 0.0025  0.0060  -0.0128 178  LYS A N   
388 C CA  . LYS A 48 ? 0.0894 0.1119 0.0821 -0.0061 -0.0028 -0.0053 178  LYS A CA  
389 C C   . LYS A 48 ? 0.0792 0.1049 0.0825 -0.0076 0.0060  -0.0075 178  LYS A C   
390 O O   . LYS A 48 ? 0.0854 0.1019 0.0901 -0.0002 0.0018  -0.0078 178  LYS A O   
391 C CB  . LYS A 48 ? 0.1029 0.1191 0.0907 0.0023  -0.0056 -0.0176 178  LYS A CB  
392 C CG  . LYS A 48 ? 0.1202 0.1145 0.1029 0.0001  -0.0139 -0.0103 178  LYS A CG  
393 C CD  . LYS A 48 ? 0.1262 0.1439 0.1400 0.0059  -0.0367 -0.0079 178  LYS A CD  
394 C CE  . LYS A 48 ? 0.1362 0.1588 0.1627 -0.0095 -0.0492 0.0139  178  LYS A CE  
395 N NZ  . LYS A 48 ? 0.1384 0.1897 0.1307 -0.0043 -0.0296 0.0106  178  LYS A NZ  
396 N N   . PHE A 49 ? 0.0839 0.0928 0.0883 -0.0009 -0.0063 -0.0083 179  PHE A N   
397 C CA  . PHE A 49 ? 0.0787 0.0929 0.0872 -0.0056 -0.0019 -0.0067 179  PHE A CA  
398 C C   . PHE A 49 ? 0.0763 0.0924 0.0902 -0.0044 -0.0028 -0.0092 179  PHE A C   
399 O O   . PHE A 49 ? 0.0932 0.1010 0.0851 0.0047  0.0008  -0.0035 179  PHE A O   
400 C CB  . PHE A 49 ? 0.0812 0.1114 0.0878 -0.0048 0.0010  -0.0110 179  PHE A CB  
401 C CG  . PHE A 49 ? 0.0764 0.1120 0.0869 -0.0102 0.0018  -0.0077 179  PHE A CG  
402 C CD1 . PHE A 49 ? 0.0876 0.1268 0.0934 -0.0165 -0.0065 0.0026  179  PHE A CD1 
403 C CD2 . PHE A 49 ? 0.0879 0.1120 0.0946 -0.0063 0.0060  -0.0046 179  PHE A CD2 
404 C CE1 . PHE A 49 ? 0.0947 0.1516 0.0877 -0.0162 0.0094  0.0024  179  PHE A CE1 
405 C CE2 . PHE A 49 ? 0.0976 0.1269 0.1036 0.0067  0.0032  -0.0153 179  PHE A CE2 
406 C CZ  . PHE A 49 ? 0.0947 0.1741 0.0978 0.0082  0.0085  -0.0181 179  PHE A CZ  
407 N N   . ARG A 50 ? 0.0869 0.1014 0.0843 0.0053  -0.0055 -0.0098 180  ARG A N   
408 C CA  . ARG A 50 ? 0.0829 0.0929 0.0861 0.0045  0.0001  -0.0129 180  ARG A CA  
409 C C   . ARG A 50 ? 0.0887 0.1061 0.0819 0.0015  -0.0002 -0.0116 180  ARG A C   
410 O O   . ARG A 50 ? 0.0932 0.1238 0.0929 -0.0070 0.0031  -0.0214 180  ARG A O   
411 C CB  . ARG A 50 ? 0.0924 0.1048 0.0871 -0.0102 -0.0013 -0.0056 180  ARG A CB  
412 C CG  . ARG A 50 ? 0.0867 0.1105 0.1135 -0.0056 -0.0063 -0.0062 180  ARG A CG  
413 C CD  . ARG A 50 ? 0.0885 0.1072 0.1183 -0.0063 -0.0047 -0.0015 180  ARG A CD  
414 N NE  . ARG A 50 ? 0.0872 0.1138 0.1080 -0.0032 -0.0003 -0.0054 180  ARG A NE  
415 C CZ  . ARG A 50 ? 0.0933 0.1149 0.1176 -0.0079 0.0062  -0.0181 180  ARG A CZ  
416 N NH1 . ARG A 50 ? 0.1095 0.1184 0.1677 -0.0051 0.0348  -0.0113 180  ARG A NH1 
417 N NH2 . ARG A 50 ? 0.1256 0.1026 0.1839 -0.0127 0.0490  -0.0115 180  ARG A NH2 
418 N N   . GLY A 51 ? 0.0840 0.0999 0.0927 0.0014  -0.0010 -0.0228 181  GLY A N   
419 C CA  . GLY A 51 ? 0.0825 0.1128 0.0884 0.0006  -0.0046 -0.0254 181  GLY A CA  
420 C C   . GLY A 51 ? 0.0837 0.1032 0.0910 0.0001  -0.0088 -0.0116 181  GLY A C   
421 O O   . GLY A 51 ? 0.0921 0.0975 0.0794 0.0064  -0.0053 -0.0161 181  GLY A O   
422 N N   . VAL A 52 ? 0.0829 0.1049 0.0891 -0.0022 -0.0052 -0.0172 182  VAL A N   
423 C CA  . VAL A 52 ? 0.0837 0.0993 0.0832 0.0055  -0.0033 -0.0131 182  VAL A CA  
424 C C   . VAL A 52 ? 0.0867 0.0998 0.0827 -0.0108 -0.0006 -0.0072 182  VAL A C   
425 O O   . VAL A 52 ? 0.0932 0.1245 0.0948 -0.0018 -0.0030 -0.0255 182  VAL A O   
426 C CB  . VAL A 52 ? 0.0954 0.1060 0.0903 0.0011  -0.0110 -0.0055 182  VAL A CB  
427 C CG1 . VAL A 52 ? 0.1074 0.1017 0.1068 0.0022  -0.0120 -0.0087 182  VAL A CG1 
428 C CG2 . VAL A 52 ? 0.1129 0.1306 0.0995 0.0068  0.0116  0.0144  182  VAL A CG2 
429 N N   A GLU A 53 ? 0.0784 0.1069 0.0804 -0.0142 -0.0062 -0.0127 183  GLU A N   
430 N N   B GLU A 53 ? 0.0762 0.1103 0.0719 -0.0162 -0.0008 0.0016  183  GLU A N   
431 C CA  A GLU A 53 ? 0.0845 0.1227 0.0689 -0.0139 -0.0043 -0.0104 183  GLU A CA  
432 C CA  B GLU A 53 ? 0.0793 0.1062 0.0873 -0.0045 -0.0013 -0.0099 183  GLU A CA  
433 C C   A GLU A 53 ? 0.0652 0.1080 0.0825 0.0018  0.0033  -0.0315 183  GLU A C   
434 C C   B GLU A 53 ? 0.0543 0.0952 0.1022 0.0122  0.0033  -0.0140 183  GLU A C   
435 O O   A GLU A 53 ? 0.0572 0.1223 0.0854 0.0028  0.0047  -0.0172 183  GLU A O   
436 O O   B GLU A 53 ? 0.0535 0.1133 0.1093 0.0016  0.0056  -0.0360 183  GLU A O   
437 C CB  A GLU A 53 ? 0.0858 0.1305 0.0903 0.0022  -0.0027 -0.0071 183  GLU A CB  
438 C CB  B GLU A 53 ? 0.0918 0.1124 0.0730 -0.0053 0.0015  -0.0111 183  GLU A CB  
439 C CG  A GLU A 53 ? 0.1309 0.1175 0.1126 -0.0036 -0.0047 -0.0266 183  GLU A CG  
440 C CG  B GLU A 53 ? 0.0823 0.1099 0.0873 -0.0037 0.0007  0.0054  183  GLU A CG  
441 C CD  A GLU A 53 ? 0.1598 0.1155 0.1331 -0.0006 -0.0412 -0.0273 183  GLU A CD  
442 C CD  B GLU A 53 ? 0.0942 0.1163 0.1011 0.0076  -0.0054 0.0202  183  GLU A CD  
443 O OE1 A GLU A 53 ? 0.1905 0.1201 0.1681 0.0064  -0.0346 -0.0245 183  GLU A OE1 
444 O OE1 B GLU A 53 ? 0.1138 0.1652 0.1156 0.0208  0.0148  0.0473  183  GLU A OE1 
445 O OE2 A GLU A 53 ? 0.1281 0.1552 0.1523 -0.0296 -0.0663 0.0287  183  GLU A OE2 
446 O OE2 B GLU A 53 ? 0.1589 0.1276 0.1053 0.0181  0.0111  -0.0072 183  GLU A OE2 
447 N N   . PHE A 54 ? 0.0742 0.1108 0.0852 -0.0055 -0.0095 -0.0049 184  PHE A N   
448 C CA  . PHE A 54 ? 0.0811 0.1043 0.0860 -0.0071 -0.0033 -0.0113 184  PHE A CA  
449 C C   . PHE A 54 ? 0.0755 0.1010 0.0956 -0.0007 -0.0054 -0.0139 184  PHE A C   
450 O O   . PHE A 54 ? 0.0839 0.1209 0.0808 -0.0044 -0.0044 -0.0082 184  PHE A O   
451 C CB  . PHE A 54 ? 0.0872 0.1109 0.0846 -0.0054 -0.0084 -0.0141 184  PHE A CB  
452 C CG  . PHE A 54 ? 0.0903 0.1049 0.0857 -0.0050 -0.0098 -0.0100 184  PHE A CG  
453 C CD1 . PHE A 54 ? 0.0935 0.1078 0.1067 -0.0001 -0.0114 -0.0153 184  PHE A CD1 
454 C CD2 . PHE A 54 ? 0.0977 0.1038 0.1072 -0.0023 -0.0123 -0.0082 184  PHE A CD2 
455 C CE1 . PHE A 54 ? 0.0832 0.1192 0.1314 0.0003  -0.0022 -0.0046 184  PHE A CE1 
456 C CE2 . PHE A 54 ? 0.1157 0.1071 0.1244 -0.0044 -0.0158 -0.0160 184  PHE A CE2 
457 C CZ  . PHE A 54 ? 0.1013 0.1192 0.1269 0.0131  -0.0141 -0.0161 184  PHE A CZ  
458 N N   . VAL A 55 ? 0.0826 0.1006 0.0893 -0.0081 0.0003  -0.0123 185  VAL A N   
459 C CA  . VAL A 55 ? 0.0791 0.0961 0.0983 0.0012  -0.0058 -0.0042 185  VAL A CA  
460 C C   . VAL A 55 ? 0.0820 0.0962 0.0948 -0.0057 -0.0100 -0.0093 185  VAL A C   
461 O O   . VAL A 55 ? 0.0961 0.1126 0.0956 -0.0022 0.0024  -0.0099 185  VAL A O   
462 C CB  . VAL A 55 ? 0.0809 0.0970 0.1101 0.0091  0.0013  -0.0092 185  VAL A CB  
463 C CG1 . VAL A 55 ? 0.0807 0.1103 0.1216 0.0041  -0.0044 -0.0021 185  VAL A CG1 
464 C CG2 . VAL A 55 ? 0.1032 0.0903 0.1760 0.0073  0.0029  0.0064  185  VAL A CG2 
465 N N   . CYS A 56 ? 0.0822 0.0920 0.0922 0.0065  -0.0020 -0.0067 186  CYS A N   
466 C CA  . CYS A 56 ? 0.0917 0.0960 0.1030 0.0000  -0.0113 0.0017  186  CYS A CA  
467 C C   . CYS A 56 ? 0.0820 0.1018 0.1153 -0.0005 -0.0128 -0.0020 186  CYS A C   
468 O O   . CYS A 56 ? 0.0954 0.1667 0.1169 -0.0255 -0.0206 0.0324  186  CYS A O   
469 C CB  . CYS A 56 ? 0.0882 0.1012 0.1127 0.0082  -0.0194 -0.0077 186  CYS A CB  
470 S SG  . CYS A 56 ? 0.0930 0.1065 0.1020 0.0086  -0.0096 -0.0066 186  CYS A SG  
471 N N   . CYS A 57 ? 0.0934 0.1064 0.1038 -0.0018 -0.0104 -0.0030 187  CYS A N   
472 C CA  . CYS A 57 ? 0.0869 0.1123 0.1151 -0.0058 -0.0086 -0.0021 187  CYS A CA  
473 C C   . CYS A 57 ? 0.0858 0.1139 0.1237 -0.0069 -0.0025 -0.0147 187  CYS A C   
474 O O   . CYS A 57 ? 0.1018 0.1104 0.1362 -0.0099 -0.0055 0.0007  187  CYS A O   
475 C CB  . CYS A 57 ? 0.0966 0.1211 0.1295 -0.0017 0.0032  -0.0091 187  CYS A CB  
476 S SG  . CYS A 57 ? 0.1120 0.1233 0.1170 -0.0012 0.0012  -0.0105 187  CYS A SG  
477 N N   . PRO A 58 ? 0.1156 0.1210 0.1565 -0.0137 -0.0211 -0.0206 188  PRO A N   
478 C CA  . PRO A 58 ? 0.1221 0.1261 0.1661 -0.0237 -0.0042 -0.0364 188  PRO A CA  
479 C C   . PRO A 58 ? 0.1539 0.1337 0.1846 -0.0502 0.0166  -0.0327 188  PRO A C   
480 O O   . PRO A 58 ? 0.1541 0.2100 0.2107 -0.0731 0.0530  -0.0782 188  PRO A O   
481 C CB  . PRO A 58 ? 0.1732 0.1747 0.2159 -0.0469 -0.0408 -0.0597 188  PRO A CB  
482 C CG  . PRO A 58 ? 0.1809 0.2132 0.2066 -0.0311 -0.0895 -0.0195 188  PRO A CG  
483 C CD  . PRO A 58 ? 0.1585 0.1598 0.1933 -0.0165 -0.0707 -0.0050 188  PRO A CD  
484 N N   . LEU A 59 ? 0.2108 0.1481 0.2368 -0.0515 -0.0380 0.0019  189  LEU A N   
485 C CA  . LEU A 59 ? 0.2812 0.1680 0.2880 -0.0959 0.0106  0.0275  189  LEU A CA  
486 C C   . LEU A 59 ? 0.2864 0.2305 0.2954 -0.0896 0.0410  -0.0367 189  LEU A C   
487 O O   . LEU A 59 ? 0.3014 0.2865 0.2999 -0.0952 0.0383  -0.0159 189  LEU A O   
488 C CB  . LEU A 59 ? 0.2564 0.1672 0.3851 -0.0909 -0.0684 0.0654  189  LEU A CB  
489 C CG  . LEU A 59 ? 0.2602 0.1791 0.3030 -0.0720 -0.0742 0.0392  189  LEU A CG  
490 C CD1 . LEU A 59 ? 0.3423 0.1881 0.5717 -0.0078 -0.1300 0.0212  189  LEU A CD1 
491 C CD2 . LEU A 59 ? 0.3005 0.3670 0.2490 -0.1721 -0.0363 0.0389  189  LEU A CD2 
492 O OXT . LEU A 59 ? 0.2638 0.3028 0.2993 -0.1544 0.0424  -0.0060 189  LEU A OXT 
493 C C1  . GOL B .  ? 0.2253 0.2084 0.1242 0.0087  0.0065  -0.0463 1001 GOL A C1  
494 O O1  . GOL B .  ? 0.1895 0.2662 0.1287 0.0393  -0.0097 -0.0230 1001 GOL A O1  
495 C C2  . GOL B .  ? 0.2129 0.1552 0.1332 0.0142  0.0023  -0.0092 1001 GOL A C2  
496 O O2  . GOL B .  ? 0.1376 0.1616 0.1192 0.0151  -0.0061 -0.0268 1001 GOL A O2  
497 C C3  . GOL B .  ? 0.2034 0.2120 0.1189 0.0306  -0.0202 -0.0302 1001 GOL A C3  
498 O O3  . GOL B .  ? 0.2653 0.1695 0.1832 0.0537  0.0063  -0.0160 1001 GOL A O3  
499 O O   . HOH C .  ? 0.1204 0.0977 0.0999 0.0048  -0.0081 0.0064  2001 HOH A O   
500 O O   . HOH C .  ? 0.1078 0.1176 0.1050 -0.0058 0.0024  -0.0108 2002 HOH A O   
501 O O   . HOH C .  ? 0.1486 0.1311 0.1076 -0.0076 0.0100  -0.0017 2003 HOH A O   
502 O O   . HOH C .  ? 0.1147 0.1167 0.1365 0.0003  -0.0028 -0.0276 2004 HOH A O   
503 O O   . HOH C .  ? 0.1529 0.1155 0.1002 -0.0021 -0.0240 -0.0009 2005 HOH A O   
504 O O   . HOH C .  ? 0.1419 0.1360 0.0977 0.0234  -0.0163 -0.0170 2006 HOH A O   
505 O O   . HOH C .  ? 0.1448 0.1414 0.1189 -0.0047 -0.0072 0.0026  2007 HOH A O   
506 O O   . HOH C .  ? 0.1591 0.1619 0.1268 -0.0357 -0.0336 0.0106  2008 HOH A O   
507 O O   . HOH C .  ? 0.1603 0.1260 0.1474 -0.0001 -0.0083 0.0157  2009 HOH A O   
508 O O   . HOH C .  ? 0.1866 0.1817 0.1207 0.0276  0.0010  -0.0250 2010 HOH A O   
509 O O   . HOH C .  ? 0.1257 0.1560 0.1888 -0.0006 -0.0028 0.0023  2011 HOH A O   
510 O O   . HOH C .  ? 0.1409 0.2123 0.1774 0.0132  -0.0226 -0.0511 2012 HOH A O   
511 O O   . HOH C .  ? 0.2119 0.1367 0.1971 -0.0135 -0.0384 -0.0080 2013 HOH A O   
512 O O   . HOH C .  ? 0.2522 0.1663 0.1377 -0.0535 -0.0086 -0.0403 2014 HOH A O   
513 O O   . HOH C .  ? 0.2311 0.2480 0.1579 0.1171  -0.0837 -0.0921 2015 HOH A O   
514 O O   . HOH C .  ? 0.2999 0.1162 0.1510 0.0201  -0.0222 -0.0119 2016 HOH A O   
515 O O   . HOH C .  ? 0.1329 0.2102 0.2477 -0.0014 -0.0133 0.0322  2017 HOH A O   
516 O O   . HOH C .  ? 0.1804 0.2077 0.1852 -0.0120 -0.0344 0.0065  2018 HOH A O   
517 O O   . HOH C .  ? 0.1646 0.2409 0.1207 -0.0159 -0.0001 -0.0027 2019 HOH A O   
518 O O   . HOH C .  ? 0.1721 0.2001 0.2347 0.0129  0.0168  -0.0409 2020 HOH A O   
519 O O   . HOH C .  ? 0.1700 0.2883 0.2229 -0.0765 0.0305  -0.0868 2021 HOH A O   
520 O O   . HOH C .  ? 0.2409 0.3012 0.2042 0.0436  0.0038  0.0648  2022 HOH A O   
521 O O   . HOH C .  ? 0.2268 0.1787 0.2190 0.0162  -0.0200 -0.0238 2023 HOH A O   
522 O O   . HOH C .  ? 0.1644 0.3681 0.4746 -0.0094 -0.0766 0.2611  2024 HOH A O   
523 O O   . HOH C .  ? 0.2138 0.1868 0.3300 0.0087  -0.0297 -0.0701 2025 HOH A O   
524 O O   . HOH C .  ? 0.2336 0.2294 0.1993 -0.0838 -0.0326 0.0590  2026 HOH A O   
525 O O   . HOH C .  ? 0.2986 0.2303 0.1727 -0.0035 -0.0430 -0.0233 2027 HOH A O   
526 O O   . HOH C .  ? 0.6235 0.1736 0.2707 -0.0154 0.2646  -0.0004 2028 HOH A O   
527 O O   . HOH C .  ? 0.1903 0.1723 0.2421 -0.0044 0.0445  -0.0175 2029 HOH A O   
528 O O   . HOH C .  ? 0.2481 0.1920 0.3947 -0.0018 0.1258  -0.0236 2030 HOH A O   
529 O O   . HOH C .  ? 0.3536 0.4283 0.1616 -0.0224 -0.0398 0.0283  2031 HOH A O   
530 O O   . HOH C .  ? 0.2699 0.2923 0.3362 0.0783  0.1511  0.0971  2032 HOH A O   
531 O O   . HOH C .  ? 0.4450 0.2932 0.2801 0.0140  0.0211  0.0040  2033 HOH A O   
532 O O   . HOH C .  ? 0.3077 0.2475 0.2209 -0.0262 -0.0563 -0.0257 2034 HOH A O   
533 O O   . HOH C .  ? 0.1847 0.2850 0.3900 -0.0659 -0.0387 0.0526  2035 HOH A O   
534 O O   . HOH C .  ? 0.4478 0.2031 0.2207 -0.0642 -0.0276 0.0026  2036 HOH A O   
535 O O   . HOH C .  ? 0.1891 0.2383 0.1786 -0.0114 -0.0146 -0.0009 2037 HOH A O   
536 O O   . HOH C .  ? 0.2239 0.1406 0.1679 0.0055  0.0033  -0.0023 2038 HOH A O   
537 O O   . HOH C .  ? 0.2065 0.1427 0.3033 -0.0296 -0.0568 0.0232  2039 HOH A O   
538 O O   . HOH C .  ? 0.1393 0.1589 0.1699 -0.0192 -0.0407 0.0339  2040 HOH A O   
539 O O   . HOH C .  ? 0.4034 0.3202 0.3503 0.1109  0.0436  0.0623  2041 HOH A O   
540 O O   . HOH C .  ? 0.3473 0.2997 0.1490 -0.0094 0.0042  0.0568  2042 HOH A O   
541 O O   . HOH C .  ? 0.2195 0.2372 0.3168 0.0309  -0.0380 -0.0582 2043 HOH A O   
542 O O   . HOH C .  ? 0.2084 0.1915 0.4518 0.0141  0.0462  -0.1058 2044 HOH A O   
543 O O   . HOH C .  ? 0.2542 0.2166 0.2478 0.0379  0.0807  0.0772  2045 HOH A O   
544 O O   . HOH C .  ? 0.3116 0.3961 0.2529 -0.1417 0.1227  -0.0751 2046 HOH A O   
545 O O   . HOH C .  ? 0.4751 0.3321 0.3288 -0.0485 -0.0558 0.1498  2047 HOH A O   
546 O O   . HOH C .  ? 0.2501 0.3593 0.2759 0.0806  0.0514  0.0128  2048 HOH A O   
547 O O   . HOH C .  ? 0.2575 0.5656 0.2058 0.0497  -0.0833 -0.0177 2049 HOH A O   
548 O O   . HOH C .  ? 0.3879 0.2673 0.2998 -0.1331 -0.0021 -0.0111 2050 HOH A O   
549 O O   . HOH C .  ? 0.3161 0.4232 0.3337 -0.0499 -0.1066 0.1991  2051 HOH A O   
550 O O   . HOH C .  ? 0.2121 0.6302 0.2732 0.0070  0.0689  0.0694  2052 HOH A O   
551 O O   . HOH C .  ? 0.2185 0.3975 0.2286 0.0407  -0.0131 0.1299  2053 HOH A O   
552 O O   . HOH C .  ? 0.3851 0.4085 0.2749 -0.0546 0.0520  -0.0336 2054 HOH A O   
553 O O   . HOH C .  ? 0.6718 0.2867 0.3876 0.2204  0.1988  0.0535  2055 HOH A O   
554 O O   . HOH C .  ? 0.4567 0.3841 0.2360 0.1521  -0.1547 -0.1040 2056 HOH A O   
555 O O   . HOH C .  ? 0.2125 0.8186 0.2848 -0.2083 0.0131  -0.1266 2057 HOH A O   
556 O O   . HOH C .  ? 0.2685 0.2971 0.6750 -0.0172 0.0503  -0.0717 2058 HOH A O   
557 O O   . HOH C .  ? 0.2019 0.1532 0.1413 0.0277  -0.0268 0.0132  2059 HOH A O   
558 O O   . HOH C .  ? 0.2616 0.1877 0.2081 0.0188  0.0298  -0.0318 2060 HOH A O   
559 O O   . HOH C .  ? 0.4187 0.1940 0.1532 0.0041  -0.0009 -0.0242 2061 HOH A O   
560 O O   . HOH C .  ? 0.2980 0.3058 0.3251 0.0067  0.0476  0.0921  2062 HOH A O   
561 O O   . HOH C .  ? 0.2714 0.1742 0.5624 -0.0433 0.0041  -0.0253 2063 HOH A O   
562 O O   . HOH C .  ? 0.3009 0.2789 0.3989 -0.0486 0.0205  -0.1624 2064 HOH A O   
563 O O   . HOH C .  ? 0.3152 0.5706 0.2998 0.1949  0.0910  -0.0261 2065 HOH A O   
564 O O   . HOH C .  ? 0.5725 0.2221 0.2611 -0.1092 0.0149  0.0509  2066 HOH A O   
565 O O   . HOH C .  ? 0.2290 0.1645 0.2001 -0.0120 0.0441  -0.0418 2067 HOH A O   
566 O O   . HOH C .  ? 0.2434 0.2247 0.2661 0.0010  -0.0485 -0.0403 2068 HOH A O   
567 O O   . HOH C .  ? 0.2569 0.2832 0.4807 0.0026  0.1051  -0.0061 2069 HOH A O   
568 O O   . HOH C .  ? 0.2178 0.2736 0.2544 -0.0657 -0.0128 -0.0001 2070 HOH A O   
569 O O   . HOH C .  ? 0.1254 0.1371 0.1148 0.0137  0.0083  -0.0074 2071 HOH A O   
570 O O   . HOH C .  ? 0.2043 0.4707 0.5349 0.1201  0.0986  0.1859  2072 HOH A O   
571 O O   . HOH C .  ? 0.3296 0.5363 0.2630 0.1465  0.0103  0.0842  2073 HOH A O   
572 O O   . HOH C .  ? 0.3122 0.1913 0.2400 0.0413  -0.0407 0.0003  2074 HOH A O   
573 O O   . HOH C .  ? 0.3439 0.4041 0.2364 0.0632  -0.0400 0.0699  2075 HOH A O   
574 O O   . HOH C .  ? 0.1856 0.2352 0.3327 -0.0027 -0.0946 -0.0530 2076 HOH A O   
575 O O   . HOH C .  ? 0.2637 0.1940 0.4167 0.0339  0.0897  0.0135  2077 HOH A O   
576 O O   . HOH C .  ? 0.3482 0.6722 0.2691 -0.1236 -0.0658 0.1252  2078 HOH A O   
577 O O   . HOH C .  ? 0.1661 0.3936 0.7876 -0.0145 -0.0265 -0.0380 2079 HOH A O   
578 O O   . HOH C .  ? 0.4952 0.2260 0.3833 0.0960  -0.1602 -0.0450 2080 HOH A O   
579 O O   . HOH C .  ? 0.6425 0.4054 0.6311 -0.2015 0.2303  -0.2574 2081 HOH A O   
580 O O   . HOH C .  ? 0.4070 0.9679 0.5429 -0.1699 0.0253  0.0948  2082 HOH A O   
581 O O   . HOH C .  ? 0.4494 0.4239 0.3012 0.1506  0.0041  0.0634  2083 HOH A O   
582 O O   . HOH C .  ? 0.4217 0.6502 0.3870 -0.0908 -0.0347 0.0929  2084 HOH A O   
583 O O   . HOH C .  ? 0.5768 0.3408 0.3774 0.0954  0.1737  0.1534  2085 HOH A O   
584 O O   . HOH C .  ? 0.2191 0.2259 0.6832 0.0120  0.0947  -0.0638 2086 HOH A O   
585 O O   . HOH C .  ? 0.8420 0.4189 0.4104 -0.0443 0.1970  0.0176  2087 HOH A O   
586 O O   . HOH C .  ? 0.1521 0.1793 0.2482 0.0451  0.0727  0.0617  2088 HOH A O   
587 O O   . HOH C .  ? 0.4101 0.1414 0.2217 0.0113  0.1451  -0.0095 2089 HOH A O   
588 O O   . HOH C .  ? 0.3256 0.8349 0.2109 0.0224  -0.0440 -0.0536 2090 HOH A O   
589 O O   . HOH C .  ? 0.7909 0.2546 0.8324 0.1211  0.0142  -0.1810 2091 HOH A O   
590 O O   . HOH C .  ? 0.2140 0.3601 0.4906 0.0752  -0.0307 0.0877  2092 HOH A O   
591 O O   . HOH C .  ? 0.3852 0.2604 0.4097 0.0710  0.0494  0.0373  2093 HOH A O   
592 O O   . HOH C .  ? 0.2950 0.5325 0.4902 -0.0882 -0.1382 -0.0609 2094 HOH A O   
593 O O   . HOH C .  ? 0.3720 0.3497 0.4158 -0.1797 0.0479  0.0107  2095 HOH A O   
594 O O   . HOH C .  ? 0.3202 0.3456 0.4596 -0.0331 -0.2125 0.0114  2096 HOH A O   
595 O O   . HOH C .  ? 0.4352 0.5406 0.2628 -0.0699 0.1757  0.0896  2097 HOH A O   
596 O O   . HOH C .  ? 0.2372 0.4517 0.4547 0.0765  -0.0779 0.1924  2098 HOH A O   
597 O O   . HOH C .  ? 0.3101 0.2452 0.3966 0.0087  -0.0121 0.0104  2099 HOH A O   
598 O O   . HOH C .  ? 0.4499 0.6238 0.4164 -0.1831 0.1814  0.1226  2100 HOH A O   
599 O O   . HOH C .  ? 0.3819 0.3947 0.4432 -0.0304 0.0145  -0.0710 2101 HOH A O   
600 O O   . HOH C .  ? 0.6059 0.4509 0.1281 0.0379  -0.0160 -0.0122 2102 HOH A O   
601 O O   . HOH C .  ? 0.5835 0.3940 0.2306 -0.0159 -0.0405 0.0019  2103 HOH A O   
602 O O   . HOH C .  ? 0.5908 0.8335 0.5328 0.1255  0.1404  0.0653  2104 HOH A O   
603 O O   . HOH C .  ? 0.2879 0.6391 0.4313 -0.1182 -0.0066 0.0251  2105 HOH A O   
604 O O   . HOH C .  ? 0.4858 0.5736 0.4293 -0.1941 0.2397  -0.1362 2106 HOH A O   
605 O O   . HOH C .  ? 0.4035 0.2423 0.4197 -0.0470 -0.1493 0.0269  2107 HOH A O   
606 O O   . HOH C .  ? 0.4196 0.3277 0.4987 0.1803  0.2603  0.1561  2108 HOH A O   
607 O O   . HOH C .  ? 0.5292 0.5381 0.3380 0.1167  -0.0320 0.0848  2109 HOH A O   
608 O O   . HOH C .  ? 0.5371 0.2578 0.3977 0.0274  -0.0441 -0.0689 2110 HOH A O   
609 O O   . HOH C .  ? 1.0404 0.7139 0.2829 0.2527  0.1315  0.2577  2111 HOH A O   
610 O O   . HOH C .  ? 0.7645 0.6034 0.5629 -0.0081 -0.2188 -0.0769 2112 HOH A O   
611 O O   . HOH C .  ? 0.6265 0.4966 0.4112 -0.2400 -0.0279 -0.1504 2113 HOH A O   
612 O O   . HOH C .  ? 0.8124 0.6154 0.3861 0.1624  -0.0122 -0.0442 2114 HOH A O   
613 O O   . HOH C .  ? 0.7358 0.2376 0.3243 -0.0711 0.0509  0.0007  2115 HOH A O   
# 
